data_7TUS
#
_entry.id   7TUS
#
_cell.length_a   117.469
_cell.length_b   73.570
_cell.length_c   127.580
_cell.angle_alpha   90.000
_cell.angle_beta   110.060
_cell.angle_gamma   90.000
#
_symmetry.space_group_name_H-M   'P 1 21 1'
#
loop_
_entity.id
_entity.type
_entity.pdbx_description
1 polymer 'Antibody Heavy Chain'
2 polymer 'Antibody Light Chain'
3 non-polymer DI(HYDROXYETHYL)ETHER
4 non-polymer 'SULFATE ION'
5 non-polymer 'MAGNESIUM ION'
6 water water
#
loop_
_entity_poly.entity_id
_entity_poly.type
_entity_poly.pdbx_seq_one_letter_code
_entity_poly.pdbx_strand_id
1 'polypeptide(L)'
;EVQLVESGGGLVQPGGSLRLSCAASGFTFSNYWMSWVRQSPEKGLEWVSEIRLRSDNYATHYAESVKGRFTISRDNSKNT
LYLQMNSLRAEDTGIYYCCTYFYSFSYWGQGTLVTVSSASTKGPSVFPLAPSSKSTSGGTAALGCLVKDYFPEPVTVSWN
SGALTSGVHTFPAVLQSSGLYSLSSVVTVPSSSLGTQTYICNVNHKPSNTKVDKRVEPKSC
;
A,C,E,G
2 'polypeptide(L)'
;ELQMTQSPSSLSASVGDRVTITCRSSQSLLHTYGSPYLNWYLQKPGQSPKLLIYKVSNRFSGVPSRFSGSGSGTDFTLTI
SSLQPEDFAVYFCSQGTHLPYTFGGGTKVEIKRTVAAPSVFIFPPSDEQLKSGTASVVCLLNNFYPREAKVQWKVDNALQ
SGNSQESVTEQDSKDSTYSLSSTLTLSKADYEKHKVYACEVTHQGLSSPVTKSFNRGEC
;
B,D,F,H
#
loop_
_chem_comp.id
_chem_comp.type
_chem_comp.name
_chem_comp.formula
MG non-polymer 'MAGNESIUM ION' 'Mg 2'
PEG non-polymer DI(HYDROXYETHYL)ETHER 'C4 H10 O3'
SO4 non-polymer 'SULFATE ION' 'O4 S -2'
#
# COMPACT_ATOMS: atom_id res chain seq x y z
N GLU A 1 42.64 -50.52 -0.42
CA GLU A 1 41.21 -50.65 -0.21
C GLU A 1 40.37 -49.62 -0.99
N VAL A 2 39.11 -49.98 -1.23
CA VAL A 2 38.13 -49.08 -1.82
C VAL A 2 38.03 -47.81 -0.97
N GLN A 3 38.23 -46.66 -1.60
CA GLN A 3 38.05 -45.36 -0.96
C GLN A 3 37.15 -44.49 -1.82
N LEU A 4 36.14 -43.90 -1.19
CA LEU A 4 35.20 -42.98 -1.82
C LEU A 4 35.20 -41.71 -0.99
N VAL A 5 36.14 -40.82 -1.26
CA VAL A 5 36.32 -39.60 -0.47
C VAL A 5 35.50 -38.48 -1.08
N GLU A 6 34.44 -38.08 -0.39
CA GLU A 6 33.52 -37.03 -0.80
C GLU A 6 33.90 -35.67 -0.24
N SER A 7 33.44 -34.63 -0.95
CA SER A 7 33.63 -33.25 -0.51
C SER A 7 32.60 -32.39 -1.22
N GLY A 8 32.49 -31.15 -0.75
CA GLY A 8 31.71 -30.14 -1.42
C GLY A 8 30.34 -29.85 -0.84
N GLY A 9 30.01 -30.39 0.35
CA GLY A 9 28.73 -30.16 0.96
C GLY A 9 28.84 -29.09 2.02
N GLY A 10 27.70 -28.61 2.48
CA GLY A 10 27.74 -27.58 3.50
C GLY A 10 26.44 -26.80 3.51
N LEU A 11 26.53 -25.62 4.11
CA LEU A 11 25.39 -24.71 4.19
C LEU A 11 25.17 -24.03 2.84
N VAL A 12 23.90 -23.88 2.46
CA VAL A 12 23.55 -23.24 1.21
C VAL A 12 22.13 -22.71 1.34
N GLN A 13 21.86 -21.58 0.70
CA GLN A 13 20.54 -20.97 0.79
C GLN A 13 19.53 -21.75 -0.05
N PRO A 14 18.24 -21.65 0.30
CA PRO A 14 17.20 -22.19 -0.58
C PRO A 14 17.29 -21.50 -1.93
N GLY A 15 17.12 -22.28 -2.99
CA GLY A 15 17.35 -21.82 -4.32
C GLY A 15 18.79 -21.92 -4.76
N GLY A 16 19.71 -22.25 -3.86
CA GLY A 16 21.12 -22.19 -4.17
C GLY A 16 21.59 -23.45 -4.87
N SER A 17 22.91 -23.53 -5.02
CA SER A 17 23.56 -24.64 -5.68
C SER A 17 24.72 -25.16 -4.86
N LEU A 18 24.95 -26.46 -5.00
CA LEU A 18 26.17 -27.08 -4.50
C LEU A 18 26.63 -28.12 -5.50
N ARG A 19 27.92 -28.28 -5.60
CA ARG A 19 28.49 -29.30 -6.46
C ARG A 19 29.20 -30.30 -5.56
N LEU A 20 28.70 -31.53 -5.52
CA LEU A 20 29.36 -32.57 -4.73
C LEU A 20 30.38 -33.35 -5.56
N SER A 21 31.42 -33.81 -4.87
CA SER A 21 32.52 -34.51 -5.48
C SER A 21 32.83 -35.79 -4.71
N CYS A 22 33.29 -36.80 -5.45
CA CYS A 22 33.60 -38.10 -4.85
C CYS A 22 34.82 -38.69 -5.55
N ALA A 23 35.97 -38.68 -4.86
CA ALA A 23 37.21 -39.19 -5.40
C ALA A 23 37.38 -40.65 -5.03
N ALA A 24 37.56 -41.51 -6.02
CA ALA A 24 37.57 -42.96 -5.86
C ALA A 24 38.98 -43.52 -6.02
N SER A 25 39.26 -44.60 -5.29
CA SER A 25 40.51 -45.33 -5.49
C SER A 25 40.37 -46.76 -4.99
N GLY A 26 41.33 -47.58 -5.37
CA GLY A 26 41.38 -48.96 -4.91
C GLY A 26 40.62 -49.95 -5.77
N PHE A 27 40.01 -49.49 -6.85
CA PHE A 27 39.27 -50.34 -7.76
C PHE A 27 39.19 -49.60 -9.09
N THR A 28 38.94 -50.33 -10.16
CA THR A 28 38.86 -49.72 -11.48
C THR A 28 37.53 -48.98 -11.57
N PHE A 29 37.59 -47.66 -11.38
CA PHE A 29 36.40 -46.83 -11.25
C PHE A 29 35.52 -46.91 -12.52
N SER A 30 36.13 -46.84 -13.69
CA SER A 30 35.36 -46.78 -14.93
C SER A 30 34.57 -48.07 -15.20
N ASN A 31 34.90 -49.20 -14.54
CA ASN A 31 34.15 -50.43 -14.75
C ASN A 31 32.82 -50.49 -14.02
N TYR A 32 32.47 -49.52 -13.19
CA TYR A 32 31.32 -49.68 -12.32
C TYR A 32 30.34 -48.50 -12.41
N TRP A 33 29.05 -48.84 -12.38
CA TRP A 33 28.03 -47.85 -12.14
C TRP A 33 28.29 -47.16 -10.81
N MET A 34 27.92 -45.88 -10.73
CA MET A 34 28.02 -45.13 -9.48
C MET A 34 26.67 -44.47 -9.17
N SER A 35 26.39 -44.27 -7.89
CA SER A 35 25.16 -43.56 -7.60
C SER A 35 25.36 -42.72 -6.35
N TRP A 36 24.43 -41.79 -6.14
CA TRP A 36 24.35 -41.00 -4.91
C TRP A 36 23.09 -41.41 -4.15
N VAL A 37 23.24 -41.53 -2.85
CA VAL A 37 22.16 -41.86 -1.93
C VAL A 37 22.17 -40.79 -0.86
N ARG A 38 20.99 -40.37 -0.41
CA ARG A 38 20.96 -39.41 0.68
C ARG A 38 20.18 -39.95 1.88
N GLN A 39 20.40 -39.30 3.02
CA GLN A 39 19.77 -39.73 4.27
C GLN A 39 19.33 -38.54 5.09
N SER A 40 18.03 -38.45 5.38
CA SER A 40 17.49 -37.45 6.28
C SER A 40 16.63 -38.13 7.34
N PRO A 41 16.68 -37.64 8.58
CA PRO A 41 15.82 -38.21 9.63
C PRO A 41 14.38 -38.41 9.23
N GLU A 42 13.82 -37.49 8.44
CA GLU A 42 12.39 -37.52 8.15
C GLU A 42 12.04 -38.57 7.09
N LYS A 43 12.87 -38.73 6.06
CA LYS A 43 12.60 -39.66 4.97
C LYS A 43 13.54 -40.86 4.92
N GLY A 44 14.47 -41.01 5.85
CA GLY A 44 15.35 -42.17 5.83
C GLY A 44 16.37 -42.15 4.69
N LEU A 45 16.56 -43.32 4.09
CA LEU A 45 17.52 -43.50 3.01
C LEU A 45 16.80 -43.39 1.67
N GLU A 46 17.36 -42.59 0.77
CA GLU A 46 16.69 -42.23 -0.48
C GLU A 46 17.73 -42.21 -1.59
N TRP A 47 17.57 -43.15 -2.53
CA TRP A 47 18.39 -43.13 -3.73
C TRP A 47 18.13 -41.86 -4.52
N VAL A 48 19.20 -41.23 -4.97
CA VAL A 48 19.13 -39.93 -5.63
C VAL A 48 19.34 -40.06 -7.14
N SER A 49 20.43 -40.72 -7.55
CA SER A 49 20.87 -40.55 -8.92
C SER A 49 21.87 -41.65 -9.28
N GLU A 50 21.96 -42.00 -10.55
CA GLU A 50 22.82 -43.09 -10.98
C GLU A 50 23.45 -42.77 -12.35
N ILE A 51 24.70 -43.19 -12.55
CA ILE A 51 25.37 -43.11 -13.84
C ILE A 51 26.02 -44.44 -14.19
N ARG A 52 25.91 -44.86 -15.46
CA ARG A 52 26.44 -46.13 -15.92
C ARG A 52 27.75 -45.91 -16.68
N LEU A 53 28.18 -46.92 -17.44
CA LEU A 53 29.50 -46.93 -18.05
C LEU A 53 29.53 -46.17 -19.39
N ARG A 54 30.76 -45.83 -19.82
CA ARG A 54 31.07 -45.45 -21.19
C ARG A 54 30.34 -46.36 -22.18
N SER A 55 30.39 -47.68 -21.92
CA SER A 55 29.78 -48.65 -22.82
C SER A 55 28.26 -48.62 -22.79
N ASP A 56 27.67 -47.84 -21.89
CA ASP A 56 26.23 -47.56 -21.90
C ASP A 56 25.97 -46.12 -22.34
N ASN A 57 26.92 -45.48 -22.99
CA ASN A 57 26.85 -44.06 -23.32
C ASN A 57 26.46 -43.25 -22.09
N TYR A 58 27.04 -43.59 -20.93
CA TYR A 58 26.94 -42.77 -19.72
C TYR A 58 25.48 -42.52 -19.32
N ALA A 59 24.62 -43.52 -19.48
CA ALA A 59 23.23 -43.33 -19.12
C ALA A 59 23.09 -42.96 -17.64
N THR A 60 22.13 -42.08 -17.38
CA THR A 60 21.89 -41.55 -16.05
C THR A 60 20.44 -41.74 -15.68
N HIS A 61 20.17 -41.86 -14.39
CA HIS A 61 18.80 -41.95 -13.90
C HIS A 61 18.70 -41.16 -12.61
N TYR A 62 17.51 -40.67 -12.34
CA TYR A 62 17.33 -39.73 -11.26
C TYR A 62 16.05 -40.08 -10.52
N ALA A 63 16.05 -39.85 -9.21
CA ALA A 63 14.81 -39.87 -8.47
C ALA A 63 13.91 -38.76 -8.95
N GLU A 64 12.60 -39.02 -8.97
CA GLU A 64 11.65 -38.06 -9.48
C GLU A 64 11.76 -36.68 -8.81
N SER A 65 12.15 -36.63 -7.54
CA SER A 65 12.12 -35.35 -6.87
C SER A 65 13.35 -34.51 -7.16
N VAL A 66 14.37 -35.07 -7.79
CA VAL A 66 15.54 -34.29 -8.17
C VAL A 66 15.66 -34.09 -9.68
N LYS A 67 14.87 -34.79 -10.51
CA LYS A 67 15.02 -34.65 -11.94
C LYS A 67 14.93 -33.20 -12.35
N GLY A 68 15.87 -32.76 -13.18
CA GLY A 68 15.88 -31.41 -13.69
C GLY A 68 16.63 -30.42 -12.83
N ARG A 69 16.86 -30.72 -11.56
CA ARG A 69 17.62 -29.86 -10.66
C ARG A 69 19.00 -30.41 -10.35
N PHE A 70 19.15 -31.75 -10.34
CA PHE A 70 20.39 -32.44 -10.06
C PHE A 70 20.97 -33.03 -11.36
N THR A 71 22.29 -33.13 -11.42
CA THR A 71 22.98 -33.70 -12.56
C THR A 71 24.13 -34.51 -12.01
N ILE A 72 24.15 -35.79 -12.32
CA ILE A 72 25.23 -36.67 -11.93
C ILE A 72 26.11 -36.80 -13.15
N SER A 73 27.41 -36.94 -12.94
CA SER A 73 28.33 -37.09 -14.05
C SER A 73 29.60 -37.70 -13.51
N ARG A 74 30.44 -38.17 -14.44
CA ARG A 74 31.67 -38.88 -14.09
C ARG A 74 32.79 -38.45 -15.02
N ASP A 75 33.99 -38.34 -14.48
CA ASP A 75 35.24 -38.14 -15.23
C ASP A 75 36.14 -39.32 -14.87
N ASN A 76 36.16 -40.32 -15.75
CA ASN A 76 36.95 -41.52 -15.50
C ASN A 76 38.43 -41.21 -15.40
N SER A 77 38.92 -40.26 -16.20
CA SER A 77 40.33 -39.91 -16.17
C SER A 77 40.77 -39.27 -14.85
N LYS A 78 39.82 -38.76 -14.06
CA LYS A 78 40.07 -38.22 -12.73
C LYS A 78 39.53 -39.12 -11.61
N ASN A 79 38.99 -40.30 -11.98
CA ASN A 79 38.34 -41.23 -11.06
C ASN A 79 37.38 -40.54 -10.11
N THR A 80 36.58 -39.62 -10.62
CA THR A 80 35.75 -38.78 -9.77
C THR A 80 34.31 -38.81 -10.26
N LEU A 81 33.40 -38.92 -9.29
CA LEU A 81 31.95 -38.81 -9.48
C LEU A 81 31.52 -37.41 -9.03
N TYR A 82 30.51 -36.85 -9.71
CA TYR A 82 30.00 -35.54 -9.35
C TYR A 82 28.48 -35.56 -9.17
N LEU A 83 27.99 -34.59 -8.40
CA LEU A 83 26.56 -34.35 -8.31
C LEU A 83 26.38 -32.84 -8.25
N GLN A 84 25.86 -32.27 -9.33
CA GLN A 84 25.58 -30.85 -9.39
C GLN A 84 24.15 -30.66 -8.90
N MET A 85 23.96 -29.80 -7.91
CA MET A 85 22.68 -29.65 -7.25
C MET A 85 22.22 -28.19 -7.35
N ASN A 86 21.11 -27.96 -8.03
CA ASN A 86 20.58 -26.62 -8.20
C ASN A 86 19.17 -26.53 -7.63
N SER A 87 18.70 -25.29 -7.42
CA SER A 87 17.41 -25.01 -6.80
C SER A 87 17.19 -25.90 -5.57
N LEU A 88 18.13 -25.78 -4.64
CA LEU A 88 18.04 -26.57 -3.42
C LEU A 88 16.83 -26.13 -2.61
N ARG A 89 16.13 -27.11 -2.08
CA ARG A 89 14.99 -26.92 -1.19
C ARG A 89 15.34 -27.50 0.17
N ALA A 90 14.56 -27.13 1.18
CA ALA A 90 14.83 -27.63 2.53
C ALA A 90 14.76 -29.15 2.57
N GLU A 91 13.85 -29.74 1.80
CA GLU A 91 13.76 -31.19 1.71
C GLU A 91 14.99 -31.84 1.09
N ASP A 92 15.94 -31.08 0.53
CA ASP A 92 17.18 -31.69 0.09
C ASP A 92 18.21 -31.83 1.23
N THR A 93 17.96 -31.22 2.39
CA THR A 93 18.87 -31.33 3.51
C THR A 93 19.07 -32.79 3.92
N GLY A 94 20.29 -33.15 4.23
CA GLY A 94 20.57 -34.52 4.61
C GLY A 94 22.03 -34.85 4.41
N ILE A 95 22.36 -36.10 4.73
CA ILE A 95 23.68 -36.65 4.45
C ILE A 95 23.65 -37.28 3.06
N TYR A 96 24.63 -36.90 2.23
CA TYR A 96 24.75 -37.41 0.87
C TYR A 96 25.93 -38.36 0.75
N TYR A 97 25.67 -39.55 0.22
CA TYR A 97 26.64 -40.63 0.09
C TYR A 97 26.91 -40.94 -1.38
N CYS A 98 28.17 -41.25 -1.64
CA CYS A 98 28.70 -41.73 -2.91
C CYS A 98 28.80 -43.25 -2.85
N CYS A 99 28.29 -43.94 -3.85
CA CYS A 99 28.22 -45.40 -3.83
C CYS A 99 28.74 -46.02 -5.14
N THR A 100 29.59 -47.03 -5.02
CA THR A 100 29.70 -47.97 -6.13
C THR A 100 28.44 -48.80 -6.19
N TYR A 101 28.06 -49.21 -7.39
CA TYR A 101 26.81 -49.93 -7.54
C TYR A 101 27.07 -51.16 -8.40
N PHE A 102 26.83 -52.34 -7.83
CA PHE A 102 27.00 -53.59 -8.56
C PHE A 102 25.92 -54.55 -8.05
N TYR A 103 24.69 -54.32 -8.52
CA TYR A 103 23.48 -55.00 -8.08
C TYR A 103 23.03 -54.58 -6.67
N SER A 104 23.70 -53.60 -6.05
CA SER A 104 23.57 -53.24 -4.65
C SER A 104 24.48 -52.05 -4.42
N PHE A 105 24.24 -51.32 -3.35
CA PHE A 105 25.16 -50.25 -2.99
C PHE A 105 26.29 -50.90 -2.20
N SER A 106 27.37 -51.24 -2.91
CA SER A 106 28.30 -52.21 -2.34
C SER A 106 29.40 -51.57 -1.50
N TYR A 107 29.74 -50.31 -1.74
CA TYR A 107 30.67 -49.55 -0.93
C TYR A 107 30.13 -48.13 -0.85
N TRP A 108 30.31 -47.48 0.29
CA TRP A 108 29.76 -46.14 0.46
C TRP A 108 30.85 -45.20 0.94
N GLY A 109 30.87 -43.99 0.41
CA GLY A 109 31.73 -42.97 0.97
C GLY A 109 31.31 -42.56 2.38
N GLN A 110 32.18 -41.76 3.02
CA GLN A 110 31.92 -41.33 4.39
C GLN A 110 30.75 -40.36 4.52
N GLY A 111 30.38 -39.64 3.48
CA GLY A 111 29.17 -38.87 3.62
C GLY A 111 29.43 -37.40 3.90
N THR A 112 28.75 -36.50 3.19
CA THR A 112 28.92 -35.07 3.34
C THR A 112 27.58 -34.44 3.69
N LEU A 113 27.57 -33.53 4.66
CA LEU A 113 26.31 -32.97 5.18
C LEU A 113 25.93 -31.73 4.38
N VAL A 114 24.71 -31.74 3.83
CA VAL A 114 24.12 -30.63 3.08
C VAL A 114 22.99 -30.04 3.92
N THR A 115 23.14 -28.79 4.32
CA THR A 115 22.09 -28.08 5.04
C THR A 115 21.55 -26.96 4.16
N VAL A 116 20.23 -26.96 3.94
CA VAL A 116 19.60 -25.97 3.08
C VAL A 116 18.87 -25.01 4.01
N SER A 117 19.53 -23.90 4.32
CA SER A 117 18.98 -22.96 5.28
C SER A 117 19.49 -21.57 4.93
N SER A 118 18.70 -20.56 5.27
CA SER A 118 19.12 -19.18 5.11
C SER A 118 19.78 -18.62 6.36
N ALA A 119 19.99 -19.45 7.38
CA ALA A 119 20.72 -18.98 8.55
C ALA A 119 22.21 -18.85 8.23
N SER A 120 22.89 -18.02 8.99
CA SER A 120 24.32 -17.77 8.84
C SER A 120 25.13 -18.76 9.67
N THR A 121 26.36 -19.01 9.24
CA THR A 121 27.21 -19.87 10.03
C THR A 121 27.66 -19.14 11.30
N LYS A 122 27.94 -19.91 12.35
CA LYS A 122 28.29 -19.37 13.67
C LYS A 122 29.24 -20.34 14.34
N GLY A 123 30.41 -19.87 14.74
CA GLY A 123 31.36 -20.69 15.45
C GLY A 123 31.00 -20.83 16.91
N PRO A 124 31.49 -21.88 17.56
CA PRO A 124 31.04 -22.20 18.92
C PRO A 124 31.86 -21.53 20.02
N SER A 125 31.20 -21.37 21.16
CA SER A 125 31.86 -21.10 22.44
C SER A 125 32.12 -22.42 23.12
N VAL A 126 33.33 -22.60 23.61
CA VAL A 126 33.71 -23.80 24.36
C VAL A 126 33.98 -23.40 25.80
N PHE A 127 33.26 -24.04 26.73
CA PHE A 127 33.35 -23.80 28.17
C PHE A 127 33.72 -25.08 28.91
N PRO A 128 34.54 -24.99 29.95
CA PRO A 128 34.86 -26.21 30.72
C PRO A 128 33.69 -26.68 31.56
N LEU A 129 33.54 -28.00 31.63
CA LEU A 129 32.73 -28.66 32.66
C LEU A 129 33.74 -29.12 33.70
N ALA A 130 33.94 -28.30 34.72
CA ALA A 130 35.09 -28.61 35.56
C ALA A 130 34.66 -29.50 36.72
N PRO A 131 35.50 -30.47 37.07
CA PRO A 131 35.15 -31.40 38.16
C PRO A 131 35.17 -30.71 39.51
N SER A 132 34.64 -31.44 40.49
CA SER A 132 34.85 -31.16 41.91
C SER A 132 35.06 -32.50 42.60
N SER A 133 35.42 -32.45 43.88
CA SER A 133 35.63 -33.68 44.65
C SER A 133 34.70 -33.75 45.86
N GLY A 138 33.71 -42.12 44.57
CA GLY A 138 34.65 -40.98 44.45
C GLY A 138 35.92 -41.38 43.72
N GLY A 139 36.07 -42.67 43.39
CA GLY A 139 37.28 -43.16 42.68
C GLY A 139 37.42 -42.54 41.31
N THR A 140 36.30 -42.39 40.59
CA THR A 140 36.34 -41.83 39.20
C THR A 140 35.70 -40.45 39.19
N ALA A 141 36.35 -39.48 38.56
CA ALA A 141 35.81 -38.11 38.47
C ALA A 141 35.52 -37.77 37.01
N ALA A 142 34.50 -36.96 36.76
CA ALA A 142 34.13 -36.65 35.36
C ALA A 142 34.41 -35.18 35.03
N LEU A 143 35.05 -34.93 33.89
CA LEU A 143 35.26 -33.52 33.44
C LEU A 143 34.83 -33.47 31.98
N GLY A 144 34.49 -32.28 31.47
CA GLY A 144 33.96 -32.23 30.10
C GLY A 144 34.06 -30.86 29.47
N CYS A 145 33.56 -30.73 28.24
CA CYS A 145 33.51 -29.39 27.59
C CYS A 145 32.11 -29.14 27.06
N LEU A 146 31.63 -27.91 27.17
CA LEU A 146 30.31 -27.57 26.57
C LEU A 146 30.55 -26.78 25.30
N VAL A 147 30.16 -27.33 24.15
CA VAL A 147 30.28 -26.61 22.84
C VAL A 147 28.92 -25.96 22.66
N LYS A 148 28.84 -24.63 22.64
CA LYS A 148 27.50 -24.00 22.65
C LYS A 148 27.32 -22.98 21.53
N ASP A 149 26.10 -22.87 21.00
CA ASP A 149 25.75 -21.83 20.01
C ASP A 149 26.53 -21.94 18.70
N TYR A 150 26.38 -23.04 17.97
CA TYR A 150 27.01 -23.08 16.65
C TYR A 150 25.96 -23.45 15.61
N PHE A 151 26.27 -23.08 14.36
CA PHE A 151 25.46 -23.42 13.20
C PHE A 151 26.38 -23.40 12.01
N PRO A 152 26.28 -24.37 11.10
CA PRO A 152 25.45 -25.58 11.14
C PRO A 152 26.17 -26.70 11.87
N GLU A 153 25.57 -27.89 11.92
CA GLU A 153 26.34 -29.09 12.23
C GLU A 153 27.42 -29.25 11.16
N PRO A 154 28.50 -29.95 11.47
CA PRO A 154 28.79 -30.65 12.74
C PRO A 154 30.01 -30.10 13.44
N VAL A 155 30.20 -30.44 14.72
CA VAL A 155 31.47 -30.20 15.39
C VAL A 155 32.05 -31.55 15.80
N THR A 156 33.36 -31.55 16.00
CA THR A 156 34.11 -32.71 16.44
C THR A 156 34.81 -32.37 17.75
N VAL A 157 34.80 -33.34 18.67
CA VAL A 157 35.52 -33.21 19.93
C VAL A 157 36.43 -34.41 20.07
N SER A 158 37.70 -34.14 20.33
CA SER A 158 38.66 -35.14 20.77
C SER A 158 39.24 -34.69 22.10
N TRP A 159 40.00 -35.56 22.76
CA TRP A 159 40.63 -35.22 24.02
C TRP A 159 42.11 -35.51 23.96
N ASN A 160 42.90 -34.58 24.48
CA ASN A 160 44.36 -34.68 24.53
C ASN A 160 44.92 -35.05 23.15
N SER A 161 44.33 -34.42 22.11
CA SER A 161 44.74 -34.63 20.73
C SER A 161 44.61 -36.10 20.32
N GLY A 162 43.45 -36.67 20.61
CA GLY A 162 43.18 -38.05 20.25
C GLY A 162 43.84 -39.10 21.11
N ALA A 163 44.78 -38.71 21.98
CA ALA A 163 45.40 -39.70 22.87
C ALA A 163 44.36 -40.28 23.82
N LEU A 164 43.69 -39.42 24.58
CA LEU A 164 42.65 -39.85 25.51
C LEU A 164 41.42 -40.27 24.70
N THR A 165 41.12 -41.56 24.73
CA THR A 165 39.86 -42.05 24.17
C THR A 165 39.08 -42.93 25.13
N SER A 166 39.69 -43.46 26.18
CA SER A 166 38.99 -44.34 27.11
C SER A 166 37.95 -43.55 27.90
N GLY A 167 36.70 -44.00 27.85
CA GLY A 167 35.66 -43.40 28.66
C GLY A 167 35.14 -42.05 28.20
N VAL A 168 35.39 -41.65 26.97
CA VAL A 168 34.88 -40.37 26.51
C VAL A 168 33.49 -40.56 25.89
N HIS A 169 32.61 -39.59 26.16
CA HIS A 169 31.22 -39.66 25.62
C HIS A 169 30.88 -38.31 24.99
N THR A 170 30.88 -38.23 23.66
CA THR A 170 30.45 -36.97 22.99
C THR A 170 28.96 -37.11 22.71
N PHE A 171 28.14 -36.21 23.26
CA PHE A 171 26.68 -36.34 23.14
C PHE A 171 26.17 -35.78 21.81
N PRO A 172 25.07 -36.34 21.26
CA PRO A 172 24.47 -35.77 20.05
C PRO A 172 24.03 -34.32 20.29
N ALA A 173 24.19 -33.47 19.28
CA ALA A 173 23.85 -32.03 19.42
C ALA A 173 22.35 -31.82 19.59
N VAL A 174 21.97 -30.77 20.30
CA VAL A 174 20.52 -30.44 20.47
C VAL A 174 20.25 -29.07 19.84
N LEU A 175 19.18 -28.97 19.06
CA LEU A 175 18.79 -27.66 18.49
C LEU A 175 18.07 -26.90 19.59
N GLN A 176 18.55 -25.71 19.94
CA GLN A 176 17.97 -24.93 21.07
C GLN A 176 16.77 -24.11 20.59
N SER A 177 16.20 -23.27 21.45
CA SER A 177 15.10 -22.38 21.01
C SER A 177 15.67 -21.49 19.91
N SER A 178 16.90 -21.01 20.09
CA SER A 178 17.60 -20.26 19.01
C SER A 178 17.98 -21.28 17.93
N GLY A 179 18.20 -20.83 16.69
CA GLY A 179 18.52 -21.76 15.59
C GLY A 179 19.86 -22.45 15.81
N LEU A 180 20.63 -21.97 16.78
CA LEU A 180 21.99 -22.53 17.08
C LEU A 180 21.90 -23.88 17.77
N TYR A 181 23.01 -24.64 17.77
CA TYR A 181 23.04 -26.00 18.34
C TYR A 181 23.98 -26.03 19.56
N SER A 182 23.71 -26.92 20.52
CA SER A 182 24.61 -27.07 21.68
C SER A 182 25.04 -28.54 21.83
N LEU A 183 26.29 -28.78 22.20
CA LEU A 183 26.83 -30.15 22.30
C LEU A 183 27.61 -30.29 23.61
N SER A 184 27.65 -31.49 24.18
CA SER A 184 28.47 -31.71 25.40
C SER A 184 29.39 -32.91 25.17
N SER A 185 30.66 -32.80 25.57
CA SER A 185 31.56 -33.98 25.50
C SER A 185 32.13 -34.22 26.90
N VAL A 186 32.12 -35.45 27.40
CA VAL A 186 32.57 -35.70 28.81
C VAL A 186 33.57 -36.86 28.84
N VAL A 187 34.44 -36.91 29.86
CA VAL A 187 35.36 -38.06 30.03
C VAL A 187 35.40 -38.44 31.52
N THR A 188 35.43 -39.74 31.85
CA THR A 188 35.56 -40.17 33.27
C THR A 188 37.00 -40.64 33.50
N VAL A 189 37.66 -40.15 34.54
CA VAL A 189 39.10 -40.47 34.75
C VAL A 189 39.44 -40.81 36.21
N PRO A 190 40.53 -41.55 36.57
CA PRO A 190 40.88 -41.74 37.99
C PRO A 190 41.17 -40.39 38.64
N SER A 191 40.37 -40.06 39.66
CA SER A 191 40.53 -38.79 40.37
C SER A 191 41.91 -38.61 40.97
N SER A 192 42.71 -39.69 41.05
CA SER A 192 44.11 -39.55 41.43
C SER A 192 44.91 -38.78 40.38
N SER A 193 44.62 -39.04 39.11
CA SER A 193 45.38 -38.45 38.01
C SER A 193 45.09 -36.97 37.80
N LEU A 194 44.04 -36.44 38.43
CA LEU A 194 43.67 -35.03 38.23
C LEU A 194 44.77 -34.06 38.63
N GLY A 195 45.80 -34.53 39.31
CA GLY A 195 46.94 -33.69 39.63
C GLY A 195 48.16 -34.02 38.79
N THR A 196 48.16 -35.21 38.17
CA THR A 196 49.32 -35.70 37.42
C THR A 196 49.08 -35.82 35.93
N GLN A 197 47.89 -35.45 35.44
CA GLN A 197 47.58 -35.56 34.02
C GLN A 197 46.75 -34.36 33.59
N THR A 198 47.20 -33.67 32.55
CA THR A 198 46.41 -32.58 32.01
C THR A 198 45.33 -33.14 31.08
N TYR A 199 44.22 -32.40 30.97
CA TYR A 199 43.08 -32.82 30.18
C TYR A 199 42.62 -31.61 29.38
N ILE A 200 42.63 -31.76 28.05
CA ILE A 200 42.26 -30.68 27.15
C ILE A 200 41.33 -31.26 26.09
N CYS A 201 40.23 -30.59 25.83
CA CYS A 201 39.32 -31.00 24.77
C CYS A 201 39.58 -30.16 23.53
N ASN A 202 39.60 -30.83 22.38
CA ASN A 202 39.92 -30.22 21.08
C ASN A 202 38.63 -30.16 20.28
N VAL A 203 38.15 -28.94 20.01
CA VAL A 203 36.85 -28.73 19.37
C VAL A 203 37.10 -28.19 17.96
N ASN A 204 36.52 -28.86 16.96
CA ASN A 204 36.67 -28.45 15.57
C ASN A 204 35.29 -28.26 14.99
N HIS A 205 35.04 -27.07 14.45
CA HIS A 205 33.79 -26.73 13.74
C HIS A 205 34.24 -26.33 12.35
N LYS A 206 34.41 -27.33 11.47
CA LYS A 206 34.78 -27.08 10.08
C LYS A 206 33.92 -26.00 9.41
N PRO A 207 32.58 -26.06 9.45
CA PRO A 207 31.77 -25.05 8.74
C PRO A 207 32.16 -23.61 9.02
N SER A 208 32.70 -23.28 10.19
CA SER A 208 33.15 -21.93 10.49
C SER A 208 34.66 -21.83 10.64
N ASN A 209 35.39 -22.87 10.23
CA ASN A 209 36.85 -22.98 10.40
C ASN A 209 37.32 -22.64 11.82
N THR A 210 36.66 -23.22 12.83
CA THR A 210 37.00 -22.94 14.23
C THR A 210 37.66 -24.16 14.86
N LYS A 211 38.87 -23.97 15.39
CA LYS A 211 39.55 -24.97 16.19
C LYS A 211 39.85 -24.38 17.56
N VAL A 212 39.37 -25.04 18.62
CA VAL A 212 39.52 -24.56 20.00
C VAL A 212 40.03 -25.69 20.87
N ASP A 213 41.15 -25.45 21.57
CA ASP A 213 41.70 -26.38 22.55
C ASP A 213 41.50 -25.77 23.94
N LYS A 214 40.65 -26.38 24.75
CA LYS A 214 40.25 -25.83 26.05
C LYS A 214 40.74 -26.72 27.17
N ARG A 215 41.62 -26.19 28.01
CA ARG A 215 42.04 -26.92 29.21
C ARG A 215 40.94 -26.90 30.26
N VAL A 216 40.56 -28.08 30.71
CA VAL A 216 39.59 -28.23 31.78
C VAL A 216 40.35 -28.42 33.09
N GLU A 217 40.08 -27.56 34.07
CA GLU A 217 40.76 -27.60 35.37
C GLU A 217 39.75 -27.57 36.52
N PRO A 218 40.03 -28.31 37.61
CA PRO A 218 39.15 -28.32 38.79
C PRO A 218 38.95 -26.94 39.42
N GLU B 1 6.19 -47.37 -7.61
CA GLU B 1 7.47 -47.90 -7.15
C GLU B 1 7.27 -49.06 -6.20
N LEU B 2 8.35 -49.81 -5.97
CA LEU B 2 8.33 -50.96 -5.08
C LEU B 2 8.54 -50.47 -3.67
N GLN B 3 7.45 -50.32 -2.93
CA GLN B 3 7.50 -49.93 -1.52
C GLN B 3 8.09 -51.06 -0.68
N MET B 4 9.16 -50.76 0.06
CA MET B 4 9.78 -51.68 1.00
C MET B 4 9.31 -51.38 2.41
N THR B 5 8.90 -52.44 3.14
CA THR B 5 8.39 -52.32 4.51
C THR B 5 9.11 -53.30 5.42
N GLN B 6 9.61 -52.77 6.54
CA GLN B 6 10.40 -53.52 7.50
C GLN B 6 9.65 -53.63 8.82
N SER B 7 9.92 -54.72 9.53
CA SER B 7 9.30 -54.94 10.83
C SER B 7 10.13 -55.92 11.64
N PRO B 8 10.21 -55.76 12.96
CA PRO B 8 9.65 -54.66 13.78
C PRO B 8 10.44 -53.37 13.58
N SER B 9 9.95 -52.20 14.04
CA SER B 9 10.72 -50.97 13.83
C SER B 9 11.96 -50.93 14.71
N SER B 10 11.88 -51.49 15.90
CA SER B 10 13.04 -51.73 16.73
C SER B 10 12.82 -53.02 17.48
N LEU B 11 13.91 -53.66 17.84
CA LEU B 11 13.86 -54.81 18.73
C LEU B 11 15.01 -54.66 19.71
N SER B 12 14.85 -55.33 20.86
CA SER B 12 15.86 -55.39 21.90
C SER B 12 15.98 -56.84 22.35
N ALA B 13 17.18 -57.39 22.25
CA ALA B 13 17.42 -58.78 22.56
C ALA B 13 18.78 -58.92 23.22
N SER B 14 18.92 -59.96 24.05
CA SER B 14 20.13 -60.16 24.81
C SER B 14 21.20 -60.87 23.96
N VAL B 15 22.45 -60.77 24.39
CA VAL B 15 23.58 -61.38 23.62
C VAL B 15 23.37 -62.89 23.52
N GLY B 16 23.51 -63.44 22.32
CA GLY B 16 23.33 -64.90 22.10
C GLY B 16 21.91 -65.23 21.69
N ASP B 17 21.00 -64.27 21.71
CA ASP B 17 19.61 -64.52 21.24
C ASP B 17 19.59 -64.56 19.71
N ARG B 18 18.56 -65.18 19.13
CA ARG B 18 18.42 -65.22 17.66
C ARG B 18 17.40 -64.16 17.25
N VAL B 19 17.78 -63.27 16.34
CA VAL B 19 16.88 -62.14 15.94
C VAL B 19 16.49 -62.31 14.48
N THR B 20 15.19 -62.17 14.17
CA THR B 20 14.73 -62.25 12.76
C THR B 20 14.07 -60.92 12.37
N ILE B 21 14.51 -60.34 11.24
CA ILE B 21 13.94 -59.04 10.77
C ILE B 21 13.20 -59.32 9.46
N THR B 22 11.96 -58.83 9.34
CA THR B 22 11.16 -59.16 8.13
C THR B 22 11.10 -57.96 7.18
N CYS B 23 11.36 -58.20 5.89
CA CYS B 23 11.22 -57.13 4.86
C CYS B 23 10.14 -57.53 3.88
N ARG B 24 9.14 -56.67 3.67
CA ARG B 24 8.01 -56.98 2.77
C ARG B 24 8.07 -56.08 1.54
N SER B 25 8.02 -56.68 0.34
CA SER B 25 8.00 -55.90 -0.91
C SER B 25 6.53 -55.65 -1.31
N SER B 26 6.21 -54.45 -1.79
CA SER B 26 4.81 -54.12 -2.18
C SER B 26 4.36 -55.03 -3.32
N GLN B 27 5.25 -55.30 -4.27
CA GLN B 27 4.93 -56.23 -5.39
C GLN B 27 6.03 -57.29 -5.40
N SER B 28 5.76 -58.47 -5.96
CA SER B 28 6.73 -59.58 -5.91
C SER B 28 8.03 -59.22 -6.63
N LEU B 29 9.17 -59.36 -5.93
CA LEU B 29 10.47 -59.12 -6.59
C LEU B 29 10.68 -60.26 -7.60
N LEU B 30 11.20 -59.95 -8.79
CA LEU B 30 11.31 -60.99 -9.85
C LEU B 30 12.31 -62.08 -9.44
N HIS B 31 11.91 -63.34 -9.53
CA HIS B 31 12.82 -64.47 -9.21
C HIS B 31 13.11 -65.30 -10.47
N THR B 32 12.64 -64.84 -11.63
CA THR B 32 12.78 -65.65 -12.88
C THR B 32 14.26 -65.85 -13.23
N TYR B 33 15.06 -64.78 -13.15
CA TYR B 33 16.50 -64.86 -13.50
C TYR B 33 17.23 -65.76 -12.49
N GLY B 34 16.87 -65.66 -11.23
CA GLY B 34 17.58 -66.40 -10.16
C GLY B 34 17.14 -65.79 -8.83
N SER B 35 18.04 -65.74 -7.85
CA SER B 35 17.71 -65.05 -6.58
C SER B 35 17.36 -63.60 -6.89
N PRO B 36 16.26 -63.05 -6.34
CA PRO B 36 15.91 -61.64 -6.56
C PRO B 36 16.96 -60.70 -5.96
N TYR B 37 17.10 -59.50 -6.51
CA TYR B 37 18.15 -58.57 -6.03
C TYR B 37 17.66 -57.84 -4.78
N LEU B 38 17.57 -58.56 -3.65
CA LEU B 38 17.22 -57.89 -2.37
C LEU B 38 18.50 -57.79 -1.55
N ASN B 39 18.79 -56.62 -1.00
CA ASN B 39 20.07 -56.44 -0.28
C ASN B 39 19.80 -56.01 1.15
N TRP B 40 20.64 -56.44 2.09
CA TRP B 40 20.51 -56.02 3.51
C TRP B 40 21.70 -55.13 3.86
N TYR B 41 21.47 -54.04 4.57
CA TYR B 41 22.54 -53.09 4.92
C TYR B 41 22.57 -52.86 6.43
N LEU B 42 23.76 -52.64 6.98
CA LEU B 42 23.89 -52.39 8.43
C LEU B 42 24.43 -50.97 8.61
N GLN B 43 23.77 -50.13 9.42
CA GLN B 43 24.34 -48.79 9.68
C GLN B 43 24.63 -48.62 11.18
N LYS B 44 25.91 -48.51 11.53
CA LYS B 44 26.30 -48.24 12.93
C LYS B 44 26.12 -46.74 13.17
N PRO B 45 25.91 -46.26 14.41
CA PRO B 45 25.68 -44.84 14.63
C PRO B 45 26.85 -43.94 14.18
N GLY B 46 26.54 -42.83 13.51
CA GLY B 46 27.58 -41.92 13.02
C GLY B 46 28.48 -42.57 11.99
N GLN B 47 27.96 -43.54 11.25
CA GLN B 47 28.79 -44.28 10.27
C GLN B 47 27.98 -44.47 8.99
N SER B 48 28.66 -44.62 7.86
CA SER B 48 27.98 -44.87 6.56
C SER B 48 27.42 -46.29 6.55
N PRO B 49 26.26 -46.54 5.91
CA PRO B 49 25.72 -47.90 5.80
C PRO B 49 26.68 -48.81 5.05
N LYS B 50 26.76 -50.08 5.47
CA LYS B 50 27.64 -51.07 4.79
C LYS B 50 26.80 -52.24 4.30
N LEU B 51 27.08 -52.74 3.09
CA LEU B 51 26.33 -53.90 2.55
C LEU B 51 26.61 -55.11 3.44
N LEU B 52 25.55 -55.78 3.93
CA LEU B 52 25.72 -56.98 4.78
C LEU B 52 25.36 -58.20 3.95
N ILE B 53 24.18 -58.16 3.30
CA ILE B 53 23.71 -59.33 2.51
C ILE B 53 23.30 -58.84 1.13
N TYR B 54 23.61 -59.58 0.07
CA TYR B 54 23.16 -59.21 -1.30
C TYR B 54 22.45 -60.42 -1.92
N LYS B 55 21.59 -60.19 -2.91
CA LYS B 55 20.89 -61.30 -3.61
C LYS B 55 20.15 -62.21 -2.63
N VAL B 56 19.41 -61.63 -1.67
CA VAL B 56 18.54 -62.34 -0.74
C VAL B 56 19.36 -63.05 0.34
N SER B 57 20.31 -63.89 -0.05
CA SER B 57 20.94 -64.79 0.90
C SER B 57 22.46 -64.83 0.80
N ASN B 58 23.10 -63.90 0.10
CA ASN B 58 24.55 -63.96 0.00
C ASN B 58 25.20 -62.99 0.98
N ARG B 59 26.13 -63.50 1.77
CA ARG B 59 26.90 -62.65 2.66
C ARG B 59 27.92 -61.88 1.85
N PHE B 60 27.94 -60.57 2.01
CA PHE B 60 29.03 -59.79 1.44
C PHE B 60 30.35 -60.21 2.08
N SER B 61 31.44 -59.93 1.38
CA SER B 61 32.78 -60.24 1.90
C SER B 61 32.95 -59.72 3.33
N GLY B 62 33.62 -60.52 4.16
CA GLY B 62 33.92 -60.13 5.53
C GLY B 62 32.75 -60.17 6.50
N VAL B 63 31.54 -60.43 6.01
CA VAL B 63 30.33 -60.42 6.87
C VAL B 63 30.26 -61.75 7.63
N PRO B 64 30.07 -61.73 8.97
CA PRO B 64 30.06 -62.95 9.77
C PRO B 64 28.93 -63.96 9.51
N SER B 65 29.18 -65.24 9.79
CA SER B 65 28.21 -66.34 9.51
C SER B 65 26.89 -66.16 10.28
N ARG B 66 26.94 -65.50 11.44
CA ARG B 66 25.72 -65.36 12.26
C ARG B 66 24.65 -64.63 11.43
N PHE B 67 25.07 -63.63 10.66
CA PHE B 67 24.11 -62.94 9.76
C PHE B 67 23.73 -63.91 8.64
N SER B 68 22.43 -64.08 8.40
CA SER B 68 21.96 -64.97 7.33
C SER B 68 20.76 -64.32 6.64
N GLY B 69 20.57 -64.59 5.36
CA GLY B 69 19.43 -64.01 4.62
C GLY B 69 18.58 -65.11 4.01
N SER B 70 17.27 -64.89 3.96
CA SER B 70 16.33 -65.88 3.37
C SER B 70 15.07 -65.14 2.90
N GLY B 71 14.25 -65.77 2.08
CA GLY B 71 12.98 -65.16 1.69
C GLY B 71 12.62 -65.50 0.26
N SER B 72 11.45 -65.06 -0.22
CA SER B 72 11.05 -65.27 -1.64
C SER B 72 9.87 -64.35 -1.96
N GLY B 73 9.61 -64.06 -3.23
CA GLY B 73 8.40 -63.29 -3.57
C GLY B 73 8.34 -61.94 -2.89
N THR B 74 7.30 -61.71 -2.10
CA THR B 74 7.14 -60.42 -1.39
C THR B 74 7.71 -60.46 0.04
N ASP B 75 8.24 -61.60 0.49
CA ASP B 75 8.69 -61.69 1.92
C ASP B 75 10.14 -62.15 2.01
N PHE B 76 10.99 -61.35 2.66
CA PHE B 76 12.42 -61.70 2.82
C PHE B 76 12.80 -61.48 4.29
N THR B 77 13.72 -62.29 4.82
CA THR B 77 14.02 -62.18 6.27
C THR B 77 15.53 -62.09 6.54
N LEU B 78 15.92 -61.35 7.57
CA LEU B 78 17.36 -61.30 7.96
C LEU B 78 17.47 -61.92 9.36
N THR B 79 18.38 -62.87 9.52
CA THR B 79 18.50 -63.59 10.82
C THR B 79 19.94 -63.51 11.35
N ILE B 80 20.11 -63.18 12.63
CA ILE B 80 21.48 -63.26 13.23
C ILE B 80 21.42 -64.43 14.21
N SER B 81 22.30 -65.43 14.05
CA SER B 81 22.20 -66.65 14.90
C SER B 81 22.42 -66.31 16.38
N SER B 82 23.43 -65.50 16.69
CA SER B 82 23.64 -65.05 18.09
C SER B 82 23.76 -63.53 18.10
N LEU B 83 22.99 -62.84 18.95
CA LEU B 83 23.16 -61.37 19.06
C LEU B 83 24.52 -61.05 19.68
N GLN B 84 25.16 -59.97 19.24
CA GLN B 84 26.45 -59.53 19.83
C GLN B 84 26.37 -58.03 20.08
N PRO B 85 27.12 -57.46 21.05
CA PRO B 85 27.04 -56.03 21.38
C PRO B 85 27.47 -55.22 20.16
N GLU B 86 28.47 -55.68 19.42
CA GLU B 86 28.95 -55.01 18.19
C GLU B 86 27.81 -55.00 17.19
N ASP B 87 27.00 -56.05 17.17
CA ASP B 87 25.94 -56.23 16.14
C ASP B 87 24.91 -55.09 16.16
N PHE B 88 24.58 -54.53 17.32
CA PHE B 88 23.44 -53.58 17.28
C PHE B 88 23.72 -52.46 16.27
N ALA B 89 22.76 -52.25 15.37
CA ALA B 89 22.86 -51.19 14.34
C ALA B 89 21.46 -51.02 13.74
N VAL B 90 21.19 -49.93 13.04
CA VAL B 90 19.91 -49.89 12.28
C VAL B 90 20.09 -50.87 11.10
N TYR B 91 19.06 -51.63 10.74
CA TYR B 91 19.21 -52.65 9.67
C TYR B 91 18.25 -52.29 8.52
N PHE B 92 18.75 -52.28 7.29
CA PHE B 92 17.91 -51.81 6.14
C PHE B 92 17.81 -52.87 5.04
N CYS B 93 16.62 -53.03 4.46
CA CYS B 93 16.45 -53.94 3.30
C CYS B 93 16.19 -53.07 2.06
N SER B 94 16.92 -53.33 0.97
CA SER B 94 16.77 -52.49 -0.26
C SER B 94 16.59 -53.39 -1.49
N GLN B 95 15.86 -52.90 -2.50
CA GLN B 95 15.67 -53.67 -3.74
C GLN B 95 16.50 -53.05 -4.88
N GLY B 96 17.16 -53.89 -5.69
CA GLY B 96 17.87 -53.40 -6.89
C GLY B 96 17.17 -53.88 -8.15
N THR B 97 15.97 -54.48 -7.99
CA THR B 97 15.23 -55.05 -9.15
C THR B 97 14.78 -53.97 -10.14
N HIS B 98 14.30 -52.83 -9.65
CA HIS B 98 13.75 -51.80 -10.58
C HIS B 98 13.97 -50.38 -10.06
N LEU B 99 14.06 -49.40 -10.97
CA LEU B 99 14.19 -48.00 -10.59
C LEU B 99 12.83 -47.39 -10.26
N PRO B 100 12.77 -46.45 -9.32
CA PRO B 100 13.85 -45.94 -8.48
C PRO B 100 14.22 -47.00 -7.45
N TYR B 101 15.48 -47.12 -7.02
CA TYR B 101 15.82 -48.07 -5.99
C TYR B 101 15.24 -47.59 -4.67
N THR B 102 14.63 -48.49 -3.92
CA THR B 102 13.92 -48.12 -2.70
C THR B 102 14.49 -48.84 -1.47
N PHE B 103 14.41 -48.17 -0.33
CA PHE B 103 14.90 -48.71 0.94
C PHE B 103 13.75 -48.86 1.91
N GLY B 104 13.87 -49.88 2.77
CA GLY B 104 13.03 -49.95 3.94
C GLY B 104 13.39 -48.86 4.95
N GLY B 105 12.54 -48.76 5.98
CA GLY B 105 12.70 -47.77 7.01
C GLY B 105 13.72 -48.13 8.07
N GLY B 106 14.26 -49.33 8.01
CA GLY B 106 15.25 -49.76 8.99
C GLY B 106 14.61 -50.45 10.19
N THR B 107 15.38 -51.36 10.79
CA THR B 107 14.98 -52.01 12.04
C THR B 107 16.12 -51.79 13.03
N LYS B 108 15.82 -51.11 14.12
CA LYS B 108 16.85 -50.80 15.12
C LYS B 108 17.02 -51.99 16.06
N VAL B 109 18.23 -52.54 16.08
CA VAL B 109 18.57 -53.66 16.94
C VAL B 109 19.37 -53.14 18.15
N GLU B 110 18.81 -53.30 19.35
CA GLU B 110 19.47 -52.94 20.60
C GLU B 110 19.76 -54.19 21.43
N ILE B 111 20.89 -54.17 22.14
CA ILE B 111 21.26 -55.30 22.99
C ILE B 111 20.57 -55.13 24.34
N LYS B 112 19.92 -56.19 24.80
CA LYS B 112 19.37 -56.24 26.14
C LYS B 112 20.43 -56.80 27.06
N ARG B 113 20.81 -56.04 28.10
CA ARG B 113 21.77 -56.51 29.09
C ARG B 113 21.17 -56.35 30.49
N THR B 114 21.97 -56.55 31.53
CA THR B 114 21.45 -56.33 32.88
C THR B 114 21.30 -54.84 33.18
N VAL B 115 20.51 -54.55 34.22
CA VAL B 115 20.39 -53.20 34.72
C VAL B 115 21.76 -52.71 35.18
N ALA B 116 22.04 -51.43 34.95
CA ALA B 116 23.25 -50.80 35.47
C ALA B 116 22.88 -49.39 35.87
N ALA B 117 23.26 -49.01 37.06
CA ALA B 117 22.81 -47.72 37.52
C ALA B 117 23.79 -46.66 37.05
N PRO B 118 23.30 -45.45 36.81
CA PRO B 118 24.19 -44.39 36.32
C PRO B 118 24.96 -43.74 37.45
N SER B 119 26.17 -43.29 37.10
CA SER B 119 26.89 -42.32 37.92
C SER B 119 26.47 -40.92 37.53
N VAL B 120 26.04 -40.13 38.51
CA VAL B 120 25.49 -38.79 38.29
C VAL B 120 26.53 -37.76 38.68
N PHE B 121 26.83 -36.85 37.78
CA PHE B 121 27.66 -35.69 38.06
C PHE B 121 26.87 -34.43 37.75
N ILE B 122 26.99 -33.43 38.61
CA ILE B 122 26.49 -32.09 38.31
C ILE B 122 27.68 -31.20 38.01
N PHE B 123 27.41 -30.17 37.22
CA PHE B 123 28.42 -29.23 36.72
C PHE B 123 27.83 -27.82 36.75
N PRO B 124 28.30 -26.88 37.63
CA PRO B 124 27.81 -25.50 37.61
C PRO B 124 28.18 -24.70 36.35
N PRO B 125 27.44 -23.62 36.03
CA PRO B 125 27.81 -22.77 34.89
C PRO B 125 29.21 -22.17 35.06
N SER B 126 29.98 -22.15 33.98
CA SER B 126 31.34 -21.57 34.02
C SER B 126 31.24 -20.06 34.17
N ASP B 127 32.27 -19.42 34.75
CA ASP B 127 32.28 -17.95 34.92
C ASP B 127 32.26 -17.28 33.54
N GLU B 128 32.97 -17.86 32.57
CA GLU B 128 33.03 -17.28 31.20
C GLU B 128 31.61 -17.27 30.61
N GLN B 129 30.86 -18.34 30.82
CA GLN B 129 29.46 -18.39 30.33
C GLN B 129 28.64 -17.29 31.01
N LEU B 130 28.85 -17.09 32.31
CA LEU B 130 28.12 -16.04 33.07
C LEU B 130 28.48 -14.65 32.52
N LYS B 131 29.73 -14.44 32.11
CA LYS B 131 30.15 -13.15 31.51
C LYS B 131 29.33 -12.92 30.24
N SER B 132 29.05 -13.99 29.50
CA SER B 132 28.23 -13.89 28.27
C SER B 132 26.81 -13.44 28.62
N GLY B 133 26.37 -13.72 29.85
CA GLY B 133 25.03 -13.30 30.28
C GLY B 133 24.03 -14.44 30.31
N THR B 134 24.49 -15.68 30.13
CA THR B 134 23.59 -16.85 30.24
C THR B 134 24.22 -17.88 31.17
N ALA B 135 23.40 -18.74 31.78
CA ALA B 135 23.92 -19.79 32.68
C ALA B 135 23.49 -21.16 32.16
N SER B 136 24.44 -22.08 31.95
CA SER B 136 24.04 -23.45 31.55
C SER B 136 24.50 -24.43 32.62
N VAL B 137 23.57 -25.20 33.18
CA VAL B 137 23.90 -26.18 34.25
C VAL B 137 23.73 -27.57 33.66
N VAL B 138 24.74 -28.44 33.74
CA VAL B 138 24.60 -29.76 33.06
C VAL B 138 24.65 -30.91 34.06
N CYS B 139 23.75 -31.88 33.88
CA CYS B 139 23.73 -33.08 34.75
C CYS B 139 24.15 -34.27 33.89
N LEU B 140 25.15 -35.03 34.34
CA LEU B 140 25.66 -36.16 33.52
C LEU B 140 25.25 -37.50 34.13
N LEU B 141 24.61 -38.36 33.34
CA LEU B 141 24.26 -39.73 33.78
C LEU B 141 25.22 -40.61 33.00
N ASN B 142 25.96 -41.51 33.64
CA ASN B 142 26.99 -42.24 32.88
C ASN B 142 26.84 -43.75 32.92
N ASN B 143 26.97 -44.42 31.76
CA ASN B 143 27.00 -45.91 31.71
C ASN B 143 25.79 -46.57 32.40
N PHE B 144 24.58 -46.29 31.92
CA PHE B 144 23.37 -46.89 32.52
C PHE B 144 22.54 -47.74 31.56
N TYR B 145 21.76 -48.68 32.08
CA TYR B 145 20.82 -49.49 31.32
C TYR B 145 19.66 -49.83 32.25
N PRO B 146 18.41 -49.81 31.79
CA PRO B 146 17.93 -49.51 30.44
C PRO B 146 17.96 -48.02 30.12
N ARG B 147 17.70 -47.65 28.85
CA ARG B 147 17.80 -46.26 28.43
C ARG B 147 16.88 -45.35 29.23
N GLU B 148 15.69 -45.82 29.57
CA GLU B 148 14.68 -44.97 30.18
C GLU B 148 15.14 -44.44 31.53
N ALA B 149 15.28 -43.12 31.62
CA ALA B 149 15.59 -42.46 32.89
C ALA B 149 14.85 -41.14 32.98
N LYS B 150 14.47 -40.79 34.20
CA LYS B 150 13.77 -39.54 34.48
C LYS B 150 14.75 -38.62 35.20
N VAL B 151 15.17 -37.56 34.52
CA VAL B 151 15.94 -36.49 35.13
C VAL B 151 14.98 -35.35 35.43
N GLN B 152 15.10 -34.77 36.61
CA GLN B 152 14.30 -33.63 36.99
C GLN B 152 15.20 -32.55 37.56
N TRP B 153 15.02 -31.33 37.09
CA TRP B 153 15.78 -30.20 37.60
C TRP B 153 14.98 -29.50 38.70
N LYS B 154 15.65 -29.23 39.81
CA LYS B 154 15.05 -28.45 40.88
C LYS B 154 15.96 -27.26 41.14
N VAL B 155 15.37 -26.08 41.21
CA VAL B 155 16.07 -24.87 41.61
C VAL B 155 15.33 -24.33 42.84
N ASP B 156 16.03 -24.30 43.97
CA ASP B 156 15.41 -24.05 45.28
C ASP B 156 14.16 -24.91 45.45
N ASN B 157 14.31 -26.20 45.11
CA ASN B 157 13.26 -27.22 45.17
C ASN B 157 12.09 -26.96 44.24
N ALA B 158 12.13 -25.89 43.45
CA ALA B 158 11.09 -25.64 42.46
C ALA B 158 11.27 -26.54 41.25
N LEU B 159 10.27 -27.37 40.97
CA LEU B 159 10.27 -28.16 39.76
C LEU B 159 10.38 -27.24 38.56
N GLN B 160 11.24 -27.61 37.61
CA GLN B 160 11.48 -26.78 36.44
C GLN B 160 10.94 -27.47 35.21
N SER B 161 10.08 -26.77 34.47
CA SER B 161 9.35 -27.35 33.35
C SER B 161 9.61 -26.56 32.08
N GLY B 162 10.32 -27.16 31.13
CA GLY B 162 10.45 -26.60 29.80
C GLY B 162 11.65 -25.71 29.55
N ASN B 163 12.63 -25.67 30.46
CA ASN B 163 13.86 -24.91 30.25
C ASN B 163 15.09 -25.82 30.25
N SER B 164 14.92 -27.09 29.88
CA SER B 164 16.04 -28.00 29.85
C SER B 164 15.94 -28.86 28.62
N GLN B 165 17.10 -29.31 28.13
CA GLN B 165 17.18 -30.25 27.03
C GLN B 165 18.07 -31.41 27.47
N GLU B 166 17.80 -32.58 26.89
CA GLU B 166 18.55 -33.80 27.20
C GLU B 166 19.17 -34.33 25.93
N SER B 167 20.14 -35.22 26.10
CA SER B 167 20.74 -35.88 24.95
C SER B 167 21.33 -37.21 25.41
N VAL B 168 21.20 -38.24 24.58
CA VAL B 168 21.57 -39.62 24.94
C VAL B 168 22.49 -40.19 23.89
N THR B 169 23.59 -40.82 24.32
CA THR B 169 24.40 -41.55 23.34
C THR B 169 23.64 -42.78 22.85
N GLU B 170 24.16 -43.38 21.77
CA GLU B 170 23.75 -44.72 21.43
C GLU B 170 24.49 -45.71 22.32
N GLN B 171 23.97 -46.94 22.35
CA GLN B 171 24.53 -47.98 23.21
C GLN B 171 26.03 -48.13 22.95
N ASP B 172 26.81 -48.28 24.02
CA ASP B 172 28.22 -48.55 23.80
C ASP B 172 28.33 -49.88 23.06
N SER B 173 29.25 -49.93 22.08
CA SER B 173 29.44 -51.12 21.25
C SER B 173 29.95 -52.30 22.06
N LYS B 174 30.47 -52.06 23.27
CA LYS B 174 31.13 -53.09 24.07
C LYS B 174 30.37 -53.47 25.34
N ASP B 175 30.02 -52.50 26.20
CA ASP B 175 29.32 -52.84 27.44
C ASP B 175 27.81 -52.61 27.36
N SER B 176 27.33 -52.00 26.26
CA SER B 176 25.91 -51.82 25.94
C SER B 176 25.19 -50.79 26.80
N THR B 177 25.89 -49.82 27.37
CA THR B 177 25.20 -48.87 28.22
C THR B 177 24.93 -47.58 27.47
N TYR B 178 24.22 -46.68 28.12
CA TYR B 178 23.86 -45.37 27.61
C TYR B 178 24.43 -44.31 28.55
N SER B 179 24.67 -43.13 28.00
CA SER B 179 24.92 -41.99 28.85
C SER B 179 23.97 -40.87 28.46
N LEU B 180 23.68 -40.02 29.42
CA LEU B 180 22.71 -38.95 29.22
C LEU B 180 23.29 -37.66 29.77
N SER B 181 23.03 -36.60 29.04
CA SER B 181 23.41 -35.24 29.37
C SER B 181 22.13 -34.44 29.31
N SER B 182 21.76 -33.82 30.41
CA SER B 182 20.67 -32.85 30.46
C SER B 182 21.24 -31.48 30.81
N THR B 183 20.80 -30.45 30.09
CA THR B 183 21.31 -29.10 30.27
C THR B 183 20.18 -28.17 30.70
N LEU B 184 20.30 -27.60 31.88
CA LEU B 184 19.34 -26.61 32.34
C LEU B 184 19.87 -25.24 31.97
N THR B 185 19.05 -24.47 31.28
CA THR B 185 19.45 -23.23 30.67
C THR B 185 18.67 -22.12 31.36
N LEU B 186 19.40 -21.19 31.96
CA LEU B 186 18.79 -20.05 32.65
C LEU B 186 19.56 -18.79 32.29
N SER B 187 18.89 -17.64 32.41
CA SER B 187 19.60 -16.38 32.27
C SER B 187 20.47 -16.14 33.51
N LYS B 188 21.49 -15.30 33.33
CA LYS B 188 22.40 -15.00 34.43
C LYS B 188 21.66 -14.35 35.60
N ALA B 189 20.69 -13.48 35.31
CA ALA B 189 19.91 -12.89 36.38
C ALA B 189 19.12 -13.95 37.14
N ASP B 190 18.60 -14.95 36.41
CA ASP B 190 17.88 -16.02 37.07
C ASP B 190 18.80 -16.97 37.83
N TYR B 191 20.08 -17.03 37.48
CA TYR B 191 21.04 -17.85 38.21
C TYR B 191 21.45 -17.18 39.52
N GLU B 192 21.78 -15.87 39.48
CA GLU B 192 22.27 -15.20 40.68
C GLU B 192 21.21 -15.10 41.77
N LYS B 193 19.94 -15.00 41.40
CA LYS B 193 18.87 -14.84 42.36
C LYS B 193 18.54 -16.12 43.12
N HIS B 194 19.18 -17.25 42.80
CA HIS B 194 18.90 -18.49 43.49
C HIS B 194 20.22 -19.10 43.96
N LYS B 195 20.10 -20.14 44.81
CA LYS B 195 21.23 -20.73 45.51
C LYS B 195 21.38 -22.22 45.22
N VAL B 196 20.34 -23.01 45.45
CA VAL B 196 20.45 -24.46 45.34
C VAL B 196 20.02 -24.90 43.95
N TYR B 197 20.84 -25.75 43.33
CA TYR B 197 20.55 -26.33 42.03
C TYR B 197 20.75 -27.82 42.11
N ALA B 198 19.80 -28.59 41.58
CA ALA B 198 19.91 -30.04 41.67
C ALA B 198 19.20 -30.70 40.49
N CYS B 199 19.78 -31.81 40.04
CA CYS B 199 19.07 -32.78 39.21
C CYS B 199 18.81 -34.03 40.05
N GLU B 200 17.58 -34.52 39.97
CA GLU B 200 17.15 -35.74 40.63
C GLU B 200 17.00 -36.83 39.58
N VAL B 201 17.73 -37.93 39.73
CA VAL B 201 17.74 -38.99 38.74
C VAL B 201 17.00 -40.20 39.29
N THR B 202 16.03 -40.68 38.54
CA THR B 202 15.27 -41.87 38.89
C THR B 202 15.49 -42.92 37.81
N HIS B 203 15.94 -44.12 38.22
CA HIS B 203 16.31 -45.14 37.27
C HIS B 203 16.20 -46.51 37.95
N GLN B 204 15.96 -47.54 37.13
CA GLN B 204 15.83 -48.91 37.65
C GLN B 204 17.03 -49.34 38.48
N GLY B 205 18.23 -48.84 38.17
CA GLY B 205 19.41 -49.25 38.88
C GLY B 205 19.57 -48.64 40.25
N LEU B 206 18.68 -47.72 40.60
CA LEU B 206 18.69 -47.05 41.87
C LEU B 206 17.42 -47.44 42.63
N SER B 207 17.60 -48.00 43.82
CA SER B 207 16.43 -48.29 44.66
C SER B 207 15.72 -47.04 45.15
N SER B 208 16.24 -45.86 44.83
CA SER B 208 15.69 -44.60 45.30
C SER B 208 16.36 -43.49 44.51
N PRO B 209 15.67 -42.40 44.21
CA PRO B 209 16.25 -41.38 43.33
C PRO B 209 17.54 -40.81 43.91
N VAL B 210 18.51 -40.55 43.03
CA VAL B 210 19.80 -40.01 43.44
C VAL B 210 19.90 -38.58 42.94
N THR B 211 20.09 -37.65 43.87
CA THR B 211 20.22 -36.24 43.56
C THR B 211 21.66 -35.78 43.79
N LYS B 212 22.15 -34.96 42.86
CA LYS B 212 23.44 -34.32 42.94
C LYS B 212 23.19 -32.82 42.86
N SER B 213 23.80 -32.04 43.75
CA SER B 213 23.48 -30.61 43.80
C SER B 213 24.72 -29.79 44.06
N PHE B 214 24.54 -28.47 43.96
CA PHE B 214 25.56 -27.50 44.34
C PHE B 214 24.85 -26.22 44.74
N ASN B 215 25.62 -25.31 45.34
CA ASN B 215 25.12 -24.01 45.77
C ASN B 215 25.99 -22.92 45.17
N ARG B 216 25.37 -21.94 44.51
CA ARG B 216 26.07 -20.77 43.98
C ARG B 216 25.11 -19.69 43.51
N GLU C 1 5.11 -26.92 -21.49
CA GLU C 1 3.90 -26.36 -20.93
C GLU C 1 3.29 -25.35 -21.93
N VAL C 2 1.97 -25.44 -22.13
CA VAL C 2 1.26 -24.39 -22.81
C VAL C 2 1.31 -23.12 -21.96
N GLN C 3 1.68 -22.00 -22.59
CA GLN C 3 1.80 -20.71 -21.91
C GLN C 3 1.05 -19.66 -22.73
N LEU C 4 0.13 -18.95 -22.11
CA LEU C 4 -0.61 -17.85 -22.73
C LEU C 4 -0.39 -16.58 -21.92
N VAL C 5 0.54 -15.73 -22.32
CA VAL C 5 0.92 -14.58 -21.51
C VAL C 5 0.23 -13.34 -22.09
N GLU C 6 -0.69 -12.78 -21.33
CA GLU C 6 -1.49 -11.65 -21.74
C GLU C 6 -0.91 -10.34 -21.23
N SER C 7 -1.19 -9.27 -21.96
CA SER C 7 -0.79 -7.93 -21.55
C SER C 7 -1.72 -6.93 -22.22
N GLY C 8 -1.61 -5.68 -21.80
CA GLY C 8 -2.35 -4.59 -22.39
C GLY C 8 -3.54 -4.12 -21.62
N GLY C 9 -3.89 -4.76 -20.51
CA GLY C 9 -5.05 -4.35 -19.75
C GLY C 9 -4.78 -3.11 -18.92
N GLY C 10 -5.77 -2.69 -18.17
CA GLY C 10 -5.53 -1.59 -17.27
C GLY C 10 -6.68 -0.63 -17.27
N LEU C 11 -6.40 0.56 -16.74
CA LEU C 11 -7.39 1.60 -16.62
C LEU C 11 -7.50 2.39 -17.92
N VAL C 12 -8.74 2.72 -18.29
CA VAL C 12 -9.02 3.43 -19.54
C VAL C 12 -10.35 4.13 -19.37
N GLN C 13 -10.47 5.28 -20.04
CA GLN C 13 -11.66 6.10 -19.93
C GLN C 13 -12.83 5.48 -20.70
N PRO C 14 -14.07 5.75 -20.30
CA PRO C 14 -15.22 5.42 -21.14
C PRO C 14 -15.04 6.01 -22.54
N GLY C 15 -15.27 5.19 -23.56
CA GLY C 15 -15.07 5.60 -24.92
C GLY C 15 -13.68 5.38 -25.46
N GLY C 16 -12.72 5.02 -24.63
CA GLY C 16 -11.36 4.87 -25.05
C GLY C 16 -11.12 3.50 -25.64
N SER C 17 -9.84 3.22 -25.88
CA SER C 17 -9.42 2.02 -26.55
C SER C 17 -8.28 1.39 -25.78
N LEU C 18 -8.31 0.05 -25.74
CA LEU C 18 -7.18 -0.76 -25.35
C LEU C 18 -6.98 -1.86 -26.38
N ARG C 19 -5.73 -2.29 -26.51
CA ARG C 19 -5.36 -3.42 -27.35
C ARG C 19 -4.81 -4.53 -26.45
N LEU C 20 -5.58 -5.58 -26.22
CA LEU C 20 -5.07 -6.73 -25.48
C LEU C 20 -4.20 -7.61 -26.37
N SER C 21 -3.20 -8.22 -25.76
CA SER C 21 -2.30 -9.15 -26.43
C SER C 21 -2.18 -10.45 -25.66
N CYS C 22 -2.00 -11.54 -26.40
CA CYS C 22 -1.82 -12.87 -25.78
C CYS C 22 -0.69 -13.61 -26.51
N ALA C 23 0.49 -13.72 -25.90
CA ALA C 23 1.63 -14.40 -26.48
C ALA C 23 1.61 -15.89 -26.12
N ALA C 24 1.52 -16.76 -27.12
CA ALA C 24 1.42 -18.19 -26.92
C ALA C 24 2.76 -18.89 -27.14
N SER C 25 2.95 -20.00 -26.43
CA SER C 25 4.17 -20.79 -26.58
C SER C 25 3.91 -22.20 -26.06
N GLY C 26 4.75 -23.13 -26.48
CA GLY C 26 4.61 -24.51 -26.06
C GLY C 26 3.60 -25.34 -26.83
N PHE C 27 3.13 -24.85 -27.98
CA PHE C 27 2.22 -25.58 -28.86
C PHE C 27 2.15 -24.82 -30.18
N THR C 28 1.63 -25.49 -31.21
CA THR C 28 1.55 -24.90 -32.54
C THR C 28 0.33 -24.00 -32.61
N PHE C 29 0.59 -22.69 -32.46
CA PHE C 29 -0.46 -21.68 -32.34
C PHE C 29 -1.41 -21.69 -33.55
N SER C 30 -0.87 -21.76 -34.78
CA SER C 30 -1.67 -21.75 -36.00
C SER C 30 -2.70 -22.86 -36.09
N ASN C 31 -2.51 -23.96 -35.37
CA ASN C 31 -3.43 -25.09 -35.54
C ASN C 31 -4.70 -24.98 -34.72
N TYR C 32 -4.92 -23.93 -33.92
CA TYR C 32 -6.06 -23.95 -33.01
C TYR C 32 -6.89 -22.68 -33.10
N TRP C 33 -8.21 -22.80 -32.96
CA TRP C 33 -9.03 -21.63 -32.68
C TRP C 33 -8.59 -21.01 -31.35
N MET C 34 -8.85 -19.71 -31.22
CA MET C 34 -8.44 -18.90 -30.08
C MET C 34 -9.67 -18.08 -29.69
N SER C 35 -9.86 -17.87 -28.39
CA SER C 35 -11.00 -17.14 -27.88
C SER C 35 -10.55 -16.15 -26.81
N TRP C 36 -11.39 -15.13 -26.61
CA TRP C 36 -11.33 -14.28 -25.43
C TRP C 36 -12.57 -14.52 -24.60
N VAL C 37 -12.36 -14.62 -23.28
CA VAL C 37 -13.45 -14.75 -22.33
C VAL C 37 -13.23 -13.73 -21.23
N ARG C 38 -14.31 -13.13 -20.77
CA ARG C 38 -14.20 -12.16 -19.70
C ARG C 38 -15.04 -12.61 -18.50
N GLN C 39 -14.71 -12.01 -17.36
CA GLN C 39 -15.28 -12.36 -16.07
C GLN C 39 -15.46 -11.08 -15.27
N SER C 40 -16.61 -10.93 -14.64
CA SER C 40 -16.90 -9.78 -13.80
C SER C 40 -17.83 -10.26 -12.70
N PRO C 41 -17.84 -9.58 -11.56
CA PRO C 41 -18.71 -10.04 -10.44
C PRO C 41 -20.16 -10.19 -10.81
N GLU C 42 -20.66 -9.33 -11.71
CA GLU C 42 -22.10 -9.33 -12.08
C GLU C 42 -22.40 -10.36 -13.16
N LYS C 43 -21.88 -10.17 -14.38
CA LYS C 43 -22.17 -11.07 -15.53
C LYS C 43 -21.61 -12.48 -15.31
N GLY C 44 -20.45 -12.60 -14.65
CA GLY C 44 -19.82 -13.93 -14.52
C GLY C 44 -18.96 -14.20 -15.75
N LEU C 45 -18.69 -15.49 -16.03
CA LEU C 45 -17.87 -15.84 -17.21
C LEU C 45 -18.68 -15.58 -18.48
N GLU C 46 -18.11 -14.81 -19.41
CA GLU C 46 -18.81 -14.46 -20.67
C GLU C 46 -17.85 -14.62 -21.85
N TRP C 47 -18.20 -15.43 -22.84
CA TRP C 47 -17.36 -15.53 -24.06
C TRP C 47 -17.45 -14.20 -24.83
N VAL C 48 -16.33 -13.71 -25.34
CA VAL C 48 -16.32 -12.38 -26.03
C VAL C 48 -16.14 -12.58 -27.53
N SER C 49 -15.07 -13.28 -27.94
CA SER C 49 -14.77 -13.37 -29.39
C SER C 49 -14.03 -14.66 -29.70
N GLU C 50 -14.11 -15.11 -30.95
CA GLU C 50 -13.34 -16.31 -31.37
C GLU C 50 -12.72 -16.08 -32.75
N ILE C 51 -11.52 -16.58 -32.98
CA ILE C 51 -10.90 -16.52 -34.33
C ILE C 51 -10.53 -17.93 -34.76
N ARG C 52 -10.90 -18.31 -35.98
CA ARG C 52 -10.60 -19.65 -36.51
C ARG C 52 -9.29 -19.65 -37.29
N LEU C 53 -8.99 -20.73 -38.01
CA LEU C 53 -7.69 -20.87 -38.71
C LEU C 53 -7.62 -20.18 -40.07
N ARG C 54 -6.43 -20.13 -40.67
CA ARG C 54 -6.25 -19.60 -42.04
C ARG C 54 -7.06 -20.50 -42.98
N SER C 55 -7.12 -21.80 -42.68
CA SER C 55 -7.92 -22.76 -43.49
C SER C 55 -9.40 -22.40 -43.44
N ASP C 56 -9.84 -21.69 -42.39
CA ASP C 56 -11.24 -21.21 -42.27
C ASP C 56 -11.32 -19.74 -42.69
N ASN C 57 -10.28 -19.22 -43.34
CA ASN C 57 -10.21 -17.80 -43.80
C ASN C 57 -10.30 -16.85 -42.60
N TYR C 58 -9.70 -17.22 -41.47
CA TYR C 58 -9.66 -16.36 -40.25
C TYR C 58 -11.08 -15.94 -39.86
N ALA C 59 -12.02 -16.87 -39.87
CA ALA C 59 -13.44 -16.53 -39.57
C ALA C 59 -13.52 -15.98 -38.14
N THR C 60 -14.26 -14.90 -37.96
CA THR C 60 -14.32 -14.24 -36.63
C THR C 60 -15.75 -14.28 -36.10
N HIS C 61 -15.90 -14.62 -34.82
CA HIS C 61 -17.23 -14.64 -34.19
C HIS C 61 -17.17 -13.79 -32.93
N TYR C 62 -18.29 -13.16 -32.54
CA TYR C 62 -18.29 -12.21 -31.41
C TYR C 62 -19.60 -12.26 -30.64
N ALA C 63 -19.55 -12.04 -29.33
CA ALA C 63 -20.74 -11.87 -28.51
C ALA C 63 -21.50 -10.61 -28.92
N GLU C 64 -22.82 -10.73 -28.99
CA GLU C 64 -23.71 -9.66 -29.42
C GLU C 64 -23.32 -8.30 -28.84
N SER C 65 -23.00 -8.24 -27.53
CA SER C 65 -22.72 -6.98 -26.83
C SER C 65 -21.40 -6.33 -27.18
N VAL C 66 -20.50 -7.00 -27.91
CA VAL C 66 -19.25 -6.38 -28.31
C VAL C 66 -19.12 -6.23 -29.82
N LYS C 67 -20.09 -6.71 -30.60
CA LYS C 67 -19.99 -6.67 -32.05
C LYS C 67 -19.86 -5.23 -32.53
N GLY C 68 -18.95 -5.00 -33.46
CA GLY C 68 -18.72 -3.66 -33.95
C GLY C 68 -17.71 -2.85 -33.17
N ARG C 69 -17.50 -3.16 -31.88
CA ARG C 69 -16.57 -2.43 -31.04
C ARG C 69 -15.26 -3.18 -30.83
N PHE C 70 -15.29 -4.51 -30.82
CA PHE C 70 -14.12 -5.33 -30.54
C PHE C 70 -13.76 -6.05 -31.82
N THR C 71 -12.45 -6.19 -32.06
CA THR C 71 -11.91 -6.91 -33.19
C THR C 71 -10.91 -7.91 -32.65
N ILE C 72 -11.16 -9.20 -32.90
CA ILE C 72 -10.19 -10.22 -32.56
C ILE C 72 -9.32 -10.47 -33.78
N SER C 73 -8.03 -10.68 -33.57
CA SER C 73 -7.20 -11.04 -34.70
C SER C 73 -6.02 -11.84 -34.18
N ARG C 74 -5.28 -12.44 -35.11
CA ARG C 74 -4.16 -13.30 -34.80
C ARG C 74 -3.03 -13.02 -35.78
N ASP C 75 -1.82 -13.10 -35.28
CA ASP C 75 -0.60 -12.99 -36.08
C ASP C 75 0.12 -14.31 -35.87
N ASN C 76 -0.07 -15.26 -36.79
CA ASN C 76 0.45 -16.60 -36.57
C ASN C 76 1.98 -16.63 -36.48
N SER C 77 2.65 -15.84 -37.31
CA SER C 77 4.11 -15.84 -37.29
C SER C 77 4.68 -15.32 -35.97
N LYS C 78 3.86 -14.62 -35.17
CA LYS C 78 4.30 -14.06 -33.87
C LYS C 78 3.63 -14.81 -32.72
N ASN C 79 2.95 -15.91 -33.00
CA ASN C 79 2.16 -16.66 -32.00
C ASN C 79 1.40 -15.75 -31.08
N THR C 80 0.65 -14.81 -31.65
CA THR C 80 0.03 -13.80 -30.82
C THR C 80 -1.39 -13.55 -31.24
N LEU C 81 -2.27 -13.50 -30.23
CA LEU C 81 -3.68 -13.20 -30.38
C LEU C 81 -3.89 -11.77 -29.91
N TYR C 82 -4.75 -11.02 -30.62
CA TYR C 82 -5.03 -9.64 -30.25
C TYR C 82 -6.52 -9.46 -30.00
N LEU C 83 -6.84 -8.50 -29.12
CA LEU C 83 -8.21 -8.04 -28.96
C LEU C 83 -8.20 -6.52 -28.95
N GLN C 84 -8.73 -5.93 -30.00
CA GLN C 84 -8.79 -4.49 -30.10
C GLN C 84 -10.14 -4.05 -29.58
N MET C 85 -10.14 -3.24 -28.54
CA MET C 85 -11.38 -2.88 -27.88
C MET C 85 -11.52 -1.38 -27.98
N ASN C 86 -12.54 -0.94 -28.72
CA ASN C 86 -12.85 0.48 -28.86
C ASN C 86 -14.20 0.77 -28.20
N SER C 87 -14.52 2.07 -28.10
CA SER C 87 -15.78 2.53 -27.53
C SER C 87 -16.05 1.78 -26.22
N LEU C 88 -15.03 1.68 -25.40
CA LEU C 88 -15.19 0.97 -24.15
C LEU C 88 -16.33 1.54 -23.34
N ARG C 89 -17.15 0.64 -22.81
CA ARG C 89 -18.24 0.96 -21.89
C ARG C 89 -17.85 0.47 -20.49
N ALA C 90 -18.44 1.08 -19.45
CA ALA C 90 -18.16 0.63 -18.09
C ALA C 90 -18.54 -0.83 -17.87
N GLU C 91 -19.52 -1.34 -18.62
CA GLU C 91 -19.92 -2.74 -18.54
C GLU C 91 -18.87 -3.69 -19.12
N ASP C 92 -17.85 -3.17 -19.81
CA ASP C 92 -16.77 -4.00 -20.31
C ASP C 92 -15.70 -4.27 -19.25
N THR C 93 -15.79 -3.61 -18.10
CA THR C 93 -14.86 -3.83 -17.03
C THR C 93 -14.88 -5.29 -16.60
N GLY C 94 -13.69 -5.86 -16.41
CA GLY C 94 -13.61 -7.23 -15.94
C GLY C 94 -12.21 -7.77 -16.19
N ILE C 95 -12.07 -9.06 -15.90
CA ILE C 95 -10.82 -9.78 -16.15
C ILE C 95 -10.96 -10.47 -17.48
N TYR C 96 -9.96 -10.29 -18.34
CA TYR C 96 -10.00 -10.80 -19.70
C TYR C 96 -9.03 -11.96 -19.89
N TYR C 97 -9.57 -13.08 -20.35
CA TYR C 97 -8.78 -14.28 -20.54
C TYR C 97 -8.67 -14.61 -22.03
N CYS C 98 -7.43 -14.99 -22.37
CA CYS C 98 -7.15 -15.54 -23.72
C CYS C 98 -7.13 -17.07 -23.55
N CYS C 99 -7.84 -17.79 -24.39
CA CYS C 99 -8.02 -19.24 -24.35
C CYS C 99 -7.68 -19.91 -25.68
N THR C 100 -7.05 -21.07 -25.60
CA THR C 100 -7.03 -22.00 -26.72
C THR C 100 -8.38 -22.69 -26.80
N TYR C 101 -8.82 -22.99 -28.02
CA TYR C 101 -10.16 -23.53 -28.18
C TYR C 101 -10.12 -24.81 -29.00
N PHE C 102 -10.59 -25.90 -28.39
CA PHE C 102 -10.69 -27.21 -29.07
C PHE C 102 -11.87 -27.96 -28.46
N TYR C 103 -13.11 -27.61 -28.83
CA TYR C 103 -14.36 -28.22 -28.30
C TYR C 103 -14.55 -27.75 -26.86
N SER C 104 -13.71 -26.81 -26.42
CA SER C 104 -13.70 -26.39 -25.00
C SER C 104 -12.64 -25.31 -24.83
N PHE C 105 -12.76 -24.49 -23.78
CA PHE C 105 -11.70 -23.52 -23.47
C PHE C 105 -10.60 -24.29 -22.73
N SER C 106 -9.67 -24.86 -23.49
CA SER C 106 -8.84 -25.90 -22.89
C SER C 106 -7.64 -25.36 -22.11
N TYR C 107 -7.13 -24.17 -22.46
CA TYR C 107 -6.13 -23.51 -21.65
C TYR C 107 -6.46 -22.03 -21.60
N TRP C 108 -6.26 -21.44 -20.42
CA TRP C 108 -6.54 -20.04 -20.16
C TRP C 108 -5.27 -19.36 -19.72
N GLY C 109 -5.01 -18.17 -20.23
CA GLY C 109 -3.94 -17.34 -19.71
C GLY C 109 -4.25 -16.78 -18.31
N GLN C 110 -3.25 -16.08 -17.74
CA GLN C 110 -3.38 -15.59 -16.38
C GLN C 110 -4.42 -14.48 -16.24
N GLY C 111 -4.82 -13.82 -17.31
CA GLY C 111 -5.93 -12.90 -17.09
C GLY C 111 -5.45 -11.49 -16.87
N THR C 112 -6.09 -10.53 -17.52
CA THR C 112 -5.68 -9.13 -17.39
C THR C 112 -6.93 -8.33 -17.09
N LEU C 113 -6.80 -7.38 -16.18
CA LEU C 113 -7.96 -6.67 -15.66
C LEU C 113 -8.11 -5.36 -16.43
N VAL C 114 -9.30 -5.16 -16.99
CA VAL C 114 -9.64 -3.96 -17.70
C VAL C 114 -10.62 -3.20 -16.82
N THR C 115 -10.27 -1.96 -16.50
CA THR C 115 -11.09 -1.06 -15.70
C THR C 115 -11.45 0.14 -16.55
N VAL C 116 -12.73 0.33 -16.78
CA VAL C 116 -13.21 1.41 -17.62
C VAL C 116 -13.75 2.48 -16.68
N SER C 117 -13.04 3.59 -16.57
CA SER C 117 -13.37 4.59 -15.56
C SER C 117 -12.63 5.88 -15.84
N SER C 118 -13.25 7.00 -15.44
CA SER C 118 -12.70 8.34 -15.48
C SER C 118 -11.73 8.66 -14.35
N ALA C 119 -11.72 7.90 -13.27
CA ALA C 119 -10.89 8.27 -12.14
C ALA C 119 -9.41 8.19 -12.52
N SER C 120 -8.58 8.96 -11.83
CA SER C 120 -7.18 8.89 -12.17
C SER C 120 -6.48 7.89 -11.28
N THR C 121 -5.24 7.56 -11.63
CA THR C 121 -4.51 6.55 -10.90
C THR C 121 -3.91 7.15 -9.63
N LYS C 122 -3.95 6.38 -8.56
CA LYS C 122 -3.38 6.78 -7.29
C LYS C 122 -2.64 5.58 -6.74
N GLY C 123 -1.35 5.75 -6.48
CA GLY C 123 -0.53 4.70 -5.91
C GLY C 123 -0.65 4.72 -4.41
N PRO C 124 -0.48 3.56 -3.78
CA PRO C 124 -0.87 3.42 -2.37
C PRO C 124 0.19 3.94 -1.41
N SER C 125 -0.23 4.07 -0.15
CA SER C 125 0.68 4.22 0.98
C SER C 125 0.83 2.88 1.68
N VAL C 126 2.04 2.58 2.13
CA VAL C 126 2.38 1.27 2.68
C VAL C 126 2.85 1.47 4.11
N PHE C 127 1.92 1.32 5.05
CA PHE C 127 2.22 1.37 6.46
C PHE C 127 2.36 -0.05 7.03
N PRO C 128 3.31 -0.25 7.95
CA PRO C 128 3.53 -1.59 8.49
C PRO C 128 2.76 -1.86 9.78
N LEU C 129 2.29 -3.10 9.92
CA LEU C 129 1.54 -3.56 11.09
C LEU C 129 2.51 -4.29 12.05
N ALA C 130 2.77 -3.68 13.24
CA ALA C 130 3.91 -4.05 14.09
C ALA C 130 3.51 -5.12 15.13
N PRO C 131 4.28 -6.19 15.27
CA PRO C 131 4.01 -7.18 16.31
C PRO C 131 4.17 -6.59 17.71
N SER C 132 3.40 -7.14 18.66
CA SER C 132 3.40 -6.62 20.02
C SER C 132 4.13 -7.55 20.99
N SER C 133 3.37 -8.21 21.87
CA SER C 133 3.93 -9.13 22.86
C SER C 133 2.83 -9.87 23.62
N GLY C 138 3.48 -16.10 24.07
CA GLY C 138 4.54 -16.53 23.13
C GLY C 138 3.95 -17.16 21.88
N GLY C 139 4.35 -18.40 21.58
CA GLY C 139 3.78 -19.11 20.40
C GLY C 139 4.07 -18.36 19.12
N THR C 140 3.01 -18.02 18.38
CA THR C 140 3.17 -17.30 17.08
C THR C 140 2.72 -15.86 17.24
N ALA C 141 3.44 -14.92 16.62
CA ALA C 141 3.02 -13.50 16.65
C ALA C 141 2.74 -13.07 15.20
N ALA C 142 1.91 -12.05 15.00
CA ALA C 142 1.54 -11.69 13.61
C ALA C 142 2.10 -10.33 13.22
N LEU C 143 2.63 -10.19 12.01
CA LEU C 143 3.05 -8.86 11.51
C LEU C 143 2.41 -8.68 10.13
N GLY C 144 2.21 -7.43 9.70
CA GLY C 144 1.49 -7.22 8.44
C GLY C 144 1.83 -5.93 7.73
N CYS C 145 1.27 -5.73 6.54
CA CYS C 145 1.46 -4.45 5.80
C CYS C 145 0.09 -3.89 5.43
N LEU C 146 -0.14 -2.61 5.67
CA LEU C 146 -1.42 -1.96 5.26
C LEU C 146 -1.19 -1.18 3.97
N VAL C 147 -1.86 -1.58 2.88
CA VAL C 147 -1.78 -0.84 1.59
C VAL C 147 -3.02 0.06 1.59
N LYS C 148 -2.86 1.37 1.50
CA LYS C 148 -4.04 2.24 1.66
C LYS C 148 -4.19 3.25 0.52
N ASP C 149 -5.44 3.62 0.20
CA ASP C 149 -5.70 4.69 -0.81
C ASP C 149 -5.07 4.41 -2.18
N TYR C 150 -5.51 3.36 -2.88
CA TYR C 150 -4.99 3.14 -4.26
C TYR C 150 -6.10 3.01 -5.30
N PHE C 151 -5.88 3.52 -6.51
CA PHE C 151 -6.84 3.31 -7.63
C PHE C 151 -6.00 3.13 -8.91
N PRO C 152 -6.38 2.28 -9.88
CA PRO C 152 -7.41 1.26 -9.69
C PRO C 152 -6.85 -0.06 -9.14
N GLU C 153 -7.62 -1.12 -9.26
CA GLU C 153 -7.08 -2.44 -8.88
C GLU C 153 -6.04 -2.86 -9.95
N PRO C 154 -5.05 -3.81 -9.74
CA PRO C 154 -4.76 -4.45 -8.47
C PRO C 154 -3.41 -4.21 -7.77
N VAL C 155 -3.32 -4.59 -6.50
CA VAL C 155 -1.98 -4.52 -5.83
C VAL C 155 -1.52 -5.96 -5.55
N THR C 156 -0.23 -6.22 -5.72
CA THR C 156 0.32 -7.55 -5.35
C THR C 156 1.19 -7.35 -4.11
N VAL C 157 0.94 -8.11 -3.05
CA VAL C 157 1.80 -8.02 -1.85
C VAL C 157 2.55 -9.35 -1.68
N SER C 158 3.87 -9.28 -1.53
CA SER C 158 4.70 -10.50 -1.38
C SER C 158 5.50 -10.37 -0.09
N TRP C 159 5.94 -11.48 0.49
CA TRP C 159 6.81 -11.36 1.69
C TRP C 159 8.20 -11.91 1.39
N ASN C 160 9.23 -11.08 1.58
CA ASN C 160 10.64 -11.48 1.32
C ASN C 160 10.80 -11.99 -0.10
N SER C 161 10.15 -11.35 -1.08
CA SER C 161 10.20 -11.79 -2.49
C SER C 161 9.76 -13.25 -2.61
N GLY C 162 8.74 -13.65 -1.84
CA GLY C 162 8.21 -15.02 -1.91
C GLY C 162 8.97 -16.02 -1.04
N ALA C 163 9.99 -15.56 -0.31
CA ALA C 163 10.67 -16.48 0.63
C ALA C 163 9.68 -16.90 1.71
N LEU C 164 8.87 -15.96 2.21
CA LEU C 164 7.82 -16.33 3.20
C LEU C 164 6.51 -16.46 2.43
N THR C 165 6.04 -17.69 2.23
CA THR C 165 4.76 -17.92 1.51
C THR C 165 3.76 -18.58 2.47
N SER C 166 4.26 -19.22 3.53
CA SER C 166 3.38 -19.96 4.46
C SER C 166 2.92 -19.01 5.56
N GLY C 167 1.66 -19.13 5.99
CA GLY C 167 1.15 -18.23 7.00
C GLY C 167 0.75 -16.86 6.49
N VAL C 168 0.88 -16.61 5.18
CA VAL C 168 0.57 -15.30 4.61
C VAL C 168 -0.91 -15.25 4.26
N HIS C 169 -1.58 -14.19 4.67
CA HIS C 169 -2.95 -13.96 4.28
C HIS C 169 -3.04 -12.56 3.72
N THR C 170 -3.35 -12.47 2.43
CA THR C 170 -3.52 -11.19 1.78
C THR C 170 -5.01 -11.01 1.52
N PHE C 171 -5.58 -10.00 2.10
CA PHE C 171 -7.01 -9.84 2.09
C PHE C 171 -7.51 -9.14 0.81
N PRO C 172 -8.73 -9.47 0.39
CA PRO C 172 -9.32 -8.73 -0.74
C PRO C 172 -9.37 -7.25 -0.41
N ALA C 173 -9.31 -6.43 -1.46
CA ALA C 173 -9.35 -4.96 -1.26
C ALA C 173 -10.76 -4.51 -0.86
N VAL C 174 -10.83 -3.47 -0.04
CA VAL C 174 -12.17 -2.89 0.32
C VAL C 174 -12.25 -1.51 -0.32
N LEU C 175 -13.39 -1.19 -0.91
CA LEU C 175 -13.56 0.17 -1.49
C LEU C 175 -13.95 1.13 -0.37
N GLN C 176 -13.16 2.17 -0.16
CA GLN C 176 -13.45 3.19 0.87
C GLN C 176 -14.43 4.23 0.32
N SER C 177 -14.98 5.08 1.18
CA SER C 177 -15.94 6.14 0.77
C SER C 177 -15.26 7.11 -0.20
N SER C 178 -13.94 7.29 -0.07
CA SER C 178 -13.16 8.18 -0.97
C SER C 178 -13.18 7.65 -2.41
N GLY C 179 -13.47 6.36 -2.62
CA GLY C 179 -13.40 5.76 -3.96
C GLY C 179 -12.03 5.15 -4.16
N LEU C 180 -11.22 5.13 -3.11
CA LEU C 180 -9.87 4.52 -3.19
C LEU C 180 -9.93 3.15 -2.51
N TYR C 181 -8.98 2.27 -2.81
CA TYR C 181 -9.01 0.89 -2.27
C TYR C 181 -8.02 0.74 -1.12
N SER C 182 -8.36 -0.09 -0.14
CA SER C 182 -7.41 -0.37 0.97
C SER C 182 -7.24 -1.89 1.11
N LEU C 183 -6.01 -2.34 1.37
CA LEU C 183 -5.74 -3.80 1.45
C LEU C 183 -4.80 -4.06 2.63
N SER C 184 -4.86 -5.26 3.22
CA SER C 184 -3.90 -5.62 4.30
C SER C 184 -3.32 -7.00 4.00
N SER C 185 -2.01 -7.16 4.15
CA SER C 185 -1.41 -8.51 4.00
C SER C 185 -0.71 -8.85 5.32
N VAL C 186 -1.05 -9.99 5.92
CA VAL C 186 -0.49 -10.32 7.26
C VAL C 186 0.15 -11.71 7.21
N VAL C 187 1.23 -11.92 7.96
CA VAL C 187 1.80 -13.28 8.05
C VAL C 187 2.04 -13.66 9.52
N THR C 188 1.61 -14.86 9.91
CA THR C 188 1.90 -15.32 11.30
C THR C 188 3.33 -15.88 11.30
N VAL C 189 4.19 -15.38 12.20
CA VAL C 189 5.62 -15.81 12.24
C VAL C 189 5.93 -16.28 13.67
N PRO C 190 6.87 -17.21 13.89
CA PRO C 190 7.23 -17.61 15.25
C PRO C 190 7.73 -16.42 16.07
N SER C 191 7.25 -16.29 17.31
CA SER C 191 7.65 -15.16 18.19
C SER C 191 9.15 -15.22 18.47
N SER C 192 9.71 -16.43 18.60
CA SER C 192 11.16 -16.59 18.84
C SER C 192 11.95 -16.01 17.66
N SER C 193 11.50 -16.23 16.43
CA SER C 193 12.26 -15.77 15.25
C SER C 193 11.92 -14.32 14.91
N LEU C 194 12.31 -13.37 15.77
CA LEU C 194 12.05 -11.97 15.44
C LEU C 194 13.33 -11.24 15.08
N GLY C 195 14.30 -11.17 16.00
CA GLY C 195 15.58 -10.55 15.69
C GLY C 195 16.43 -11.36 14.71
N THR C 196 16.13 -12.65 14.55
CA THR C 196 16.93 -13.49 13.66
C THR C 196 16.52 -13.38 12.20
N GLN C 197 15.25 -13.04 11.93
CA GLN C 197 14.75 -12.88 10.57
C GLN C 197 14.22 -11.47 10.37
N THR C 198 14.46 -10.90 9.18
CA THR C 198 13.95 -9.57 8.83
C THR C 198 12.94 -9.72 7.69
N TYR C 199 11.66 -9.62 8.03
CA TYR C 199 10.60 -9.75 7.06
C TYR C 199 10.23 -8.39 6.50
N ILE C 200 10.16 -8.29 5.17
CA ILE C 200 9.70 -7.09 4.49
C ILE C 200 8.57 -7.49 3.55
N CYS C 201 7.78 -6.51 3.14
CA CYS C 201 6.65 -6.77 2.24
C CYS C 201 6.81 -6.00 0.93
N ASN C 202 6.66 -6.70 -0.18
CA ASN C 202 6.84 -6.16 -1.53
C ASN C 202 5.47 -5.80 -2.08
N VAL C 203 5.10 -4.53 -1.95
CA VAL C 203 3.83 -4.03 -2.46
C VAL C 203 4.04 -3.52 -3.88
N ASN C 204 3.21 -4.00 -4.80
CA ASN C 204 3.31 -3.64 -6.21
C ASN C 204 1.98 -3.12 -6.70
N HIS C 205 1.99 -1.97 -7.36
CA HIS C 205 0.76 -1.37 -7.91
C HIS C 205 1.11 -0.85 -9.31
N LYS C 206 0.97 -1.71 -10.31
CA LYS C 206 1.46 -1.37 -11.64
C LYS C 206 0.82 -0.13 -12.25
N PRO C 207 -0.48 0.12 -12.14
CA PRO C 207 -1.04 1.33 -12.80
C PRO C 207 -0.36 2.61 -12.41
N SER C 208 0.25 2.67 -11.22
CA SER C 208 1.01 3.84 -10.80
C SER C 208 2.52 3.61 -10.76
N ASN C 209 3.01 2.51 -11.31
CA ASN C 209 4.45 2.17 -11.28
C ASN C 209 5.02 2.20 -9.86
N THR C 210 4.26 1.69 -8.90
CA THR C 210 4.67 1.70 -7.50
C THR C 210 5.29 0.36 -7.13
N LYS C 211 6.42 0.42 -6.42
CA LYS C 211 7.12 -0.75 -5.91
C LYS C 211 7.71 -0.34 -4.57
N VAL C 212 7.16 -0.86 -3.47
CA VAL C 212 7.52 -0.44 -2.12
C VAL C 212 7.84 -1.67 -1.28
N ASP C 213 8.90 -1.59 -0.49
CA ASP C 213 9.25 -2.65 0.46
C ASP C 213 9.32 -2.05 1.85
N LYS C 214 8.50 -2.57 2.78
CA LYS C 214 8.36 -1.99 4.11
C LYS C 214 8.70 -3.03 5.17
N ARG C 215 9.63 -2.67 6.06
CA ARG C 215 10.02 -3.53 7.18
C ARG C 215 9.19 -3.19 8.40
N VAL C 216 8.58 -4.21 8.99
CA VAL C 216 7.63 -4.04 10.11
C VAL C 216 8.36 -4.48 11.37
N GLU C 217 9.01 -3.51 12.05
CA GLU C 217 9.84 -3.74 13.23
C GLU C 217 8.98 -3.95 14.47
N PRO C 218 9.37 -4.85 15.37
CA PRO C 218 8.57 -5.13 16.56
C PRO C 218 8.29 -3.88 17.38
N LYS C 219 7.13 -3.87 18.04
CA LYS C 219 6.65 -2.71 18.78
C LYS C 219 6.78 -2.90 20.29
N GLU D 1 -30.45 -18.11 -27.03
CA GLU D 1 -29.16 -18.80 -26.81
C GLU D 1 -29.37 -20.04 -25.95
N LEU D 2 -28.31 -20.81 -25.71
CA LEU D 2 -28.42 -22.00 -24.84
C LEU D 2 -28.11 -21.57 -23.41
N GLN D 3 -29.13 -21.52 -22.56
CA GLN D 3 -28.93 -21.04 -21.17
C GLN D 3 -28.45 -22.20 -20.30
N MET D 4 -27.37 -22.00 -19.56
CA MET D 4 -26.81 -23.06 -18.70
C MET D 4 -27.14 -22.73 -17.24
N THR D 5 -27.75 -23.67 -16.52
CA THR D 5 -28.17 -23.42 -15.12
C THR D 5 -27.48 -24.43 -14.20
N GLN D 6 -27.06 -24.01 -13.01
CA GLN D 6 -26.32 -24.93 -12.12
C GLN D 6 -27.00 -25.08 -10.76
N SER D 7 -27.16 -26.32 -10.30
CA SER D 7 -27.75 -26.59 -8.96
C SER D 7 -26.81 -27.54 -8.21
N PRO D 8 -26.47 -27.31 -6.92
CA PRO D 8 -26.84 -26.10 -6.18
C PRO D 8 -25.96 -24.89 -6.50
N SER D 9 -26.40 -23.69 -6.12
CA SER D 9 -25.54 -22.49 -6.30
C SER D 9 -24.29 -22.62 -5.43
N SER D 10 -24.44 -23.14 -4.22
CA SER D 10 -23.28 -23.37 -3.31
C SER D 10 -23.51 -24.63 -2.49
N LEU D 11 -22.43 -25.31 -2.11
CA LEU D 11 -22.58 -26.50 -1.22
C LEU D 11 -21.41 -26.58 -0.23
N SER D 12 -21.66 -27.16 0.94
CA SER D 12 -20.57 -27.39 1.92
C SER D 12 -20.57 -28.88 2.24
N ALA D 13 -19.42 -29.55 2.12
CA ALA D 13 -19.37 -31.01 2.36
C ALA D 13 -18.07 -31.37 3.08
N SER D 14 -18.11 -32.43 3.89
CA SER D 14 -16.92 -32.85 4.67
C SER D 14 -15.90 -33.54 3.76
N VAL D 15 -14.65 -33.62 4.22
CA VAL D 15 -13.60 -34.32 3.42
C VAL D 15 -14.00 -35.79 3.28
N GLY D 16 -13.91 -36.34 2.07
CA GLY D 16 -14.27 -37.75 1.82
C GLY D 16 -15.72 -37.92 1.40
N ASP D 17 -16.51 -36.85 1.45
CA ASP D 17 -17.94 -36.92 1.07
C ASP D 17 -18.08 -36.98 -0.46
N ARG D 18 -19.16 -37.59 -0.94
CA ARG D 18 -19.44 -37.60 -2.40
C ARG D 18 -20.20 -36.32 -2.74
N VAL D 19 -19.73 -35.57 -3.74
CA VAL D 19 -20.36 -34.27 -4.08
C VAL D 19 -20.96 -34.38 -5.49
N THR D 20 -22.21 -33.93 -5.67
CA THR D 20 -22.86 -33.96 -7.00
C THR D 20 -23.31 -32.55 -7.40
N ILE D 21 -22.92 -32.09 -8.60
CA ILE D 21 -23.33 -30.75 -9.11
C ILE D 21 -24.13 -30.97 -10.39
N THR D 22 -25.27 -30.30 -10.53
CA THR D 22 -26.15 -30.53 -11.70
C THR D 22 -26.08 -29.35 -12.68
N CYS D 23 -25.90 -29.62 -13.96
CA CYS D 23 -25.91 -28.56 -15.00
C CYS D 23 -27.10 -28.80 -15.92
N ARG D 24 -27.91 -27.78 -16.13
CA ARG D 24 -29.10 -27.92 -17.00
C ARG D 24 -28.96 -27.01 -18.23
N SER D 25 -29.30 -27.52 -19.41
CA SER D 25 -29.26 -26.70 -20.64
C SER D 25 -30.70 -26.36 -21.06
N SER D 26 -30.93 -25.15 -21.57
CA SER D 26 -32.29 -24.71 -21.95
C SER D 26 -32.85 -25.61 -23.06
N GLN D 27 -31.99 -26.02 -24.00
CA GLN D 27 -32.41 -26.92 -25.10
C GLN D 27 -31.46 -28.11 -25.11
N SER D 28 -31.90 -29.24 -25.67
CA SER D 28 -31.06 -30.46 -25.64
C SER D 28 -29.78 -30.28 -26.43
N LEU D 29 -28.66 -30.79 -25.90
CA LEU D 29 -27.39 -30.75 -26.67
C LEU D 29 -27.39 -32.04 -27.48
N LEU D 30 -27.22 -31.95 -28.80
CA LEU D 30 -27.37 -33.16 -29.65
C LEU D 30 -26.32 -34.22 -29.35
N HIS D 31 -26.75 -35.48 -29.30
CA HIS D 31 -25.79 -36.61 -29.13
C HIS D 31 -25.86 -37.43 -30.40
N THR D 32 -26.44 -36.86 -31.47
CA THR D 32 -26.59 -37.57 -32.77
C THR D 32 -25.26 -38.20 -33.18
N TYR D 33 -24.25 -37.37 -33.42
CA TYR D 33 -22.90 -37.93 -33.72
C TYR D 33 -21.94 -37.55 -32.59
N GLY D 34 -21.47 -38.54 -31.85
CA GLY D 34 -20.52 -38.28 -30.74
C GLY D 34 -21.21 -37.84 -29.46
N SER D 35 -20.44 -37.63 -28.39
CA SER D 35 -21.01 -37.14 -27.11
C SER D 35 -21.30 -35.64 -27.21
N PRO D 36 -22.28 -35.10 -26.46
CA PRO D 36 -22.53 -33.65 -26.46
C PRO D 36 -21.31 -32.87 -25.95
N TYR D 37 -21.11 -31.66 -26.46
CA TYR D 37 -19.95 -30.83 -26.04
C TYR D 37 -20.27 -30.12 -24.73
N LEU D 38 -20.36 -30.88 -23.63
CA LEU D 38 -20.60 -30.26 -22.31
C LEU D 38 -19.25 -30.25 -21.60
N ASN D 39 -18.84 -29.08 -21.11
CA ASN D 39 -17.50 -28.97 -20.50
C ASN D 39 -17.63 -28.53 -19.04
N TRP D 40 -16.78 -29.08 -18.17
CA TRP D 40 -16.77 -28.65 -16.74
C TRP D 40 -15.45 -27.93 -16.48
N TYR D 41 -15.51 -26.81 -15.75
CA TYR D 41 -14.30 -26.01 -15.46
C TYR D 41 -14.20 -25.79 -13.95
N LEU D 42 -12.97 -25.66 -13.45
CA LEU D 42 -12.75 -25.41 -12.00
C LEU D 42 -12.00 -24.09 -11.89
N GLN D 43 -12.44 -23.18 -11.01
CA GLN D 43 -11.64 -21.95 -10.79
C GLN D 43 -11.32 -21.79 -9.31
N LYS D 44 -10.03 -21.85 -8.96
CA LYS D 44 -9.61 -21.61 -7.56
C LYS D 44 -9.48 -20.09 -7.38
N PRO D 45 -9.64 -19.53 -6.17
CA PRO D 45 -9.59 -18.08 -5.99
C PRO D 45 -8.25 -17.47 -6.40
N GLY D 46 -8.29 -16.35 -7.14
CA GLY D 46 -7.06 -15.67 -7.58
C GLY D 46 -6.39 -16.38 -8.74
N GLN D 47 -7.07 -17.37 -9.33
CA GLN D 47 -6.45 -18.18 -10.41
C GLN D 47 -7.38 -18.19 -11.62
N SER D 48 -6.83 -18.45 -12.80
CA SER D 48 -7.66 -18.56 -14.03
C SER D 48 -8.44 -19.88 -14.00
N PRO D 49 -9.64 -19.95 -14.63
CA PRO D 49 -10.37 -21.21 -14.72
C PRO D 49 -9.58 -22.28 -15.50
N LYS D 50 -9.73 -23.54 -15.13
CA LYS D 50 -9.01 -24.65 -15.81
C LYS D 50 -10.01 -25.70 -16.29
N LEU D 51 -9.82 -26.24 -17.50
CA LEU D 51 -10.71 -27.32 -18.01
C LEU D 51 -10.56 -28.55 -17.12
N LEU D 52 -11.68 -29.15 -16.73
CA LEU D 52 -11.65 -30.32 -15.81
C LEU D 52 -12.22 -31.51 -16.58
N ILE D 53 -13.43 -31.37 -17.13
CA ILE D 53 -14.07 -32.42 -17.90
C ILE D 53 -14.43 -31.85 -19.27
N TYR D 54 -14.21 -32.64 -20.31
CA TYR D 54 -14.65 -32.26 -21.66
C TYR D 54 -15.50 -33.37 -22.26
N LYS D 55 -16.47 -32.96 -23.07
CA LYS D 55 -17.36 -33.89 -23.76
C LYS D 55 -18.04 -34.81 -22.74
N VAL D 56 -18.72 -34.17 -21.79
CA VAL D 56 -19.57 -34.77 -20.76
C VAL D 56 -18.76 -35.51 -19.70
N SER D 57 -17.81 -36.37 -20.10
CA SER D 57 -17.21 -37.28 -19.14
C SER D 57 -15.74 -37.63 -19.37
N ASN D 58 -15.00 -36.95 -20.24
CA ASN D 58 -13.57 -37.19 -20.36
C ASN D 58 -12.79 -36.25 -19.45
N ARG D 59 -11.97 -36.82 -18.58
CA ARG D 59 -11.13 -35.98 -17.73
C ARG D 59 -10.00 -35.32 -18.53
N PHE D 60 -9.77 -34.04 -18.29
CA PHE D 60 -8.63 -33.41 -18.93
C PHE D 60 -7.33 -33.81 -18.23
N SER D 61 -6.21 -33.45 -18.87
CA SER D 61 -4.88 -33.79 -18.35
C SER D 61 -4.71 -33.38 -16.89
N GLY D 62 -4.19 -34.31 -16.10
CA GLY D 62 -3.87 -34.05 -14.72
C GLY D 62 -5.04 -33.91 -13.80
N VAL D 63 -6.23 -34.29 -14.22
CA VAL D 63 -7.42 -34.21 -13.38
C VAL D 63 -7.55 -35.53 -12.61
N PRO D 64 -7.60 -35.52 -11.28
CA PRO D 64 -7.63 -36.79 -10.54
C PRO D 64 -8.88 -37.60 -10.82
N SER D 65 -8.76 -38.92 -10.64
CA SER D 65 -9.81 -39.89 -10.94
C SER D 65 -11.07 -39.71 -10.09
N ARG D 66 -11.01 -38.89 -9.04
CA ARG D 66 -12.19 -38.70 -8.22
C ARG D 66 -13.19 -37.75 -8.85
N PHE D 67 -12.82 -37.07 -9.93
CA PHE D 67 -13.74 -36.24 -10.70
C PHE D 67 -14.30 -37.05 -11.84
N SER D 68 -15.63 -37.11 -11.95
CA SER D 68 -16.25 -37.74 -13.12
C SER D 68 -17.48 -36.95 -13.55
N GLY D 69 -17.82 -37.06 -14.83
CA GLY D 69 -18.96 -36.37 -15.38
C GLY D 69 -19.88 -37.36 -16.05
N SER D 70 -21.17 -37.01 -16.08
CA SER D 70 -22.13 -37.84 -16.79
C SER D 70 -23.29 -36.98 -17.22
N GLY D 71 -24.25 -37.62 -17.87
CA GLY D 71 -25.52 -37.01 -18.22
C GLY D 71 -25.73 -37.03 -19.72
N SER D 72 -26.89 -36.50 -20.12
CA SER D 72 -27.23 -36.38 -21.53
C SER D 72 -28.45 -35.47 -21.65
N GLY D 73 -28.78 -35.12 -22.90
CA GLY D 73 -29.94 -34.30 -23.18
C GLY D 73 -29.79 -32.91 -22.63
N THR D 74 -30.58 -32.60 -21.60
CA THR D 74 -30.52 -31.29 -20.98
C THR D 74 -29.95 -31.31 -19.57
N ASP D 75 -29.48 -32.47 -19.09
CA ASP D 75 -29.18 -32.68 -17.66
C ASP D 75 -27.82 -33.33 -17.48
N PHE D 76 -26.90 -32.61 -16.86
CA PHE D 76 -25.54 -33.11 -16.71
C PHE D 76 -25.09 -32.99 -15.26
N THR D 77 -24.10 -33.81 -14.90
CA THR D 77 -23.71 -33.98 -13.50
C THR D 77 -22.20 -34.03 -13.40
N LEU D 78 -21.65 -33.23 -12.51
CA LEU D 78 -20.27 -33.42 -12.10
C LEU D 78 -20.27 -34.10 -10.72
N THR D 79 -19.51 -35.17 -10.60
CA THR D 79 -19.41 -35.91 -9.35
C THR D 79 -17.98 -35.82 -8.85
N ILE D 80 -17.83 -35.53 -7.55
CA ILE D 80 -16.54 -35.67 -6.88
C ILE D 80 -16.69 -36.80 -5.87
N SER D 81 -16.00 -37.90 -6.11
CA SER D 81 -16.30 -39.08 -5.32
C SER D 81 -15.73 -39.01 -3.92
N SER D 82 -14.74 -38.14 -3.67
CA SER D 82 -14.18 -38.05 -2.32
C SER D 82 -13.55 -36.67 -2.15
N LEU D 83 -14.30 -35.74 -1.55
CA LEU D 83 -13.89 -34.34 -1.49
C LEU D 83 -12.58 -34.17 -0.75
N GLN D 84 -11.64 -33.54 -1.37
CA GLN D 84 -10.37 -33.17 -0.78
C GLN D 84 -10.34 -31.68 -0.47
N PRO D 85 -9.62 -31.26 0.58
CA PRO D 85 -9.64 -29.84 0.95
C PRO D 85 -9.20 -28.91 -0.17
N GLU D 86 -8.28 -29.38 -1.04
CA GLU D 86 -7.84 -28.62 -2.21
C GLU D 86 -8.89 -28.52 -3.32
N ASP D 87 -10.02 -29.23 -3.21
CA ASP D 87 -11.09 -29.13 -4.18
C ASP D 87 -12.01 -27.93 -3.95
N PHE D 88 -11.75 -27.13 -2.93
CA PHE D 88 -12.47 -25.87 -2.76
C PHE D 88 -12.29 -25.00 -4.01
N ALA D 89 -13.40 -24.60 -4.63
CA ALA D 89 -13.35 -23.84 -5.89
C ALA D 89 -14.77 -23.54 -6.33
N VAL D 90 -14.88 -22.69 -7.35
CA VAL D 90 -16.13 -22.52 -8.07
C VAL D 90 -16.04 -23.39 -9.33
N TYR D 91 -17.03 -24.27 -9.51
CA TYR D 91 -17.11 -25.18 -10.65
C TYR D 91 -18.15 -24.65 -11.62
N PHE D 92 -17.80 -24.60 -12.90
CA PHE D 92 -18.67 -24.05 -13.95
C PHE D 92 -18.93 -25.14 -14.99
N CYS D 93 -20.18 -25.30 -15.38
CA CYS D 93 -20.43 -25.99 -16.64
C CYS D 93 -20.53 -25.00 -17.82
N SER D 94 -20.39 -25.54 -19.03
CA SER D 94 -20.33 -24.73 -20.22
C SER D 94 -20.66 -25.57 -21.44
N GLN D 95 -21.27 -24.95 -22.45
CA GLN D 95 -21.52 -25.66 -23.69
C GLN D 95 -20.67 -25.11 -24.83
N GLY D 96 -20.15 -26.01 -25.63
CA GLY D 96 -19.55 -25.62 -26.90
C GLY D 96 -20.34 -26.16 -28.09
N THR D 97 -21.64 -26.39 -27.93
CA THR D 97 -22.40 -26.93 -29.05
C THR D 97 -22.96 -25.86 -29.97
N HIS D 98 -23.11 -24.62 -29.52
CA HIS D 98 -23.55 -23.58 -30.44
C HIS D 98 -23.13 -22.21 -29.92
N LEU D 99 -22.82 -21.32 -30.83
CA LEU D 99 -22.52 -19.94 -30.51
C LEU D 99 -23.81 -19.20 -30.13
N PRO D 100 -23.73 -18.25 -29.21
CA PRO D 100 -22.54 -17.85 -28.44
C PRO D 100 -22.20 -18.94 -27.46
N TYR D 101 -20.94 -19.28 -27.20
CA TYR D 101 -20.67 -20.23 -26.14
C TYR D 101 -21.13 -19.63 -24.81
N THR D 102 -21.63 -20.48 -23.91
CA THR D 102 -22.29 -19.99 -22.69
C THR D 102 -21.88 -20.80 -21.46
N PHE D 103 -21.94 -20.13 -20.33
CA PHE D 103 -21.47 -20.71 -19.07
C PHE D 103 -22.60 -20.79 -18.07
N GLY D 104 -22.62 -21.84 -17.25
CA GLY D 104 -23.41 -21.79 -16.04
C GLY D 104 -22.92 -20.69 -15.11
N GLY D 105 -23.80 -20.30 -14.17
CA GLY D 105 -23.44 -19.31 -13.16
C GLY D 105 -22.41 -19.79 -12.15
N GLY D 106 -22.11 -21.08 -12.11
CA GLY D 106 -21.09 -21.57 -11.19
C GLY D 106 -21.66 -22.15 -9.90
N THR D 107 -20.90 -23.08 -9.30
CA THR D 107 -21.27 -23.71 -8.05
C THR D 107 -20.07 -23.64 -7.12
N LYS D 108 -20.25 -22.97 -5.98
CA LYS D 108 -19.14 -22.81 -5.02
C LYS D 108 -19.12 -24.03 -4.11
N VAL D 109 -18.02 -24.77 -4.14
CA VAL D 109 -17.84 -25.95 -3.31
C VAL D 109 -16.93 -25.57 -2.16
N GLU D 110 -17.43 -25.72 -0.93
CA GLU D 110 -16.70 -25.38 0.29
C GLU D 110 -16.56 -26.61 1.19
N ILE D 111 -15.47 -26.67 1.95
CA ILE D 111 -15.21 -27.81 2.82
C ILE D 111 -15.88 -27.57 4.17
N LYS D 112 -16.71 -28.51 4.60
CA LYS D 112 -17.17 -28.57 5.97
C LYS D 112 -16.07 -29.18 6.84
N ARG D 113 -15.68 -28.50 7.92
CA ARG D 113 -14.70 -29.07 8.84
C ARG D 113 -15.12 -28.74 10.26
N THR D 114 -14.29 -29.16 11.22
CA THR D 114 -14.57 -28.90 12.61
C THR D 114 -14.34 -27.41 12.94
N VAL D 115 -14.99 -26.99 14.01
CA VAL D 115 -14.83 -25.63 14.49
C VAL D 115 -13.37 -25.36 14.81
N ALA D 116 -12.89 -24.18 14.46
CA ALA D 116 -11.57 -23.74 14.87
C ALA D 116 -11.66 -22.29 15.30
N ALA D 117 -11.20 -22.00 16.49
CA ALA D 117 -11.26 -20.64 17.03
C ALA D 117 -10.18 -19.77 16.40
N PRO D 118 -10.46 -18.49 16.19
CA PRO D 118 -9.44 -17.60 15.66
C PRO D 118 -8.46 -17.21 16.76
N SER D 119 -7.20 -17.02 16.37
CA SER D 119 -6.29 -16.24 17.18
C SER D 119 -6.35 -14.78 16.72
N VAL D 120 -6.50 -13.88 17.69
CA VAL D 120 -6.83 -12.48 17.45
C VAL D 120 -5.62 -11.60 17.71
N PHE D 121 -5.35 -10.66 16.81
CA PHE D 121 -4.24 -9.74 16.97
C PHE D 121 -4.66 -8.32 16.62
N ILE D 122 -4.08 -7.35 17.33
CA ILE D 122 -4.39 -5.94 17.15
C ILE D 122 -3.10 -5.17 16.92
N PHE D 123 -3.11 -4.27 15.93
CA PHE D 123 -1.92 -3.52 15.59
C PHE D 123 -2.25 -2.03 15.61
N PRO D 124 -1.44 -1.20 16.28
CA PRO D 124 -1.71 0.24 16.29
C PRO D 124 -1.27 0.87 14.99
N PRO D 125 -1.69 2.11 14.72
CA PRO D 125 -1.19 2.82 13.54
C PRO D 125 0.29 3.14 13.65
N SER D 126 0.93 3.23 12.48
CA SER D 126 2.37 3.37 12.38
C SER D 126 2.80 4.84 12.50
N ASP D 127 4.11 5.08 12.39
CA ASP D 127 4.62 6.45 12.40
C ASP D 127 4.15 7.21 11.18
N GLU D 128 4.38 6.64 9.98
CA GLU D 128 4.04 7.31 8.73
C GLU D 128 2.59 7.77 8.72
N GLN D 129 1.66 6.91 9.16
CA GLN D 129 0.24 7.21 8.98
C GLN D 129 -0.20 8.35 9.87
N LEU D 130 0.33 8.42 11.08
CA LEU D 130 -0.04 9.48 11.99
C LEU D 130 0.33 10.86 11.46
N LYS D 131 1.30 10.94 10.54
CA LYS D 131 1.68 12.21 9.93
C LYS D 131 0.67 12.65 8.88
N SER D 132 -0.02 11.72 8.24
CA SER D 132 -0.91 12.02 7.14
C SER D 132 -2.31 12.46 7.57
N GLY D 133 -2.57 12.52 8.88
CA GLY D 133 -3.86 12.98 9.38
C GLY D 133 -4.89 11.91 9.65
N THR D 134 -4.63 10.64 9.31
CA THR D 134 -5.57 9.56 9.58
C THR D 134 -4.89 8.44 10.37
N ALA D 135 -5.72 7.68 11.09
CA ALA D 135 -5.25 6.61 11.94
C ALA D 135 -6.06 5.35 11.67
N SER D 136 -5.38 4.30 11.18
CA SER D 136 -6.00 3.00 10.93
C SER D 136 -5.42 1.97 11.90
N VAL D 137 -6.24 1.51 12.84
CA VAL D 137 -5.82 0.43 13.77
C VAL D 137 -6.52 -0.84 13.28
N VAL D 138 -5.80 -1.97 13.14
CA VAL D 138 -6.45 -3.17 12.53
C VAL D 138 -6.53 -4.36 13.50
N CYS D 139 -7.60 -5.15 13.39
CA CYS D 139 -7.79 -6.36 14.22
C CYS D 139 -7.76 -7.57 13.29
N LEU D 140 -6.93 -8.57 13.60
CA LEU D 140 -6.79 -9.76 12.71
C LEU D 140 -7.33 -11.02 13.38
N LEU D 141 -8.21 -11.74 12.69
CA LEU D 141 -8.70 -13.04 13.19
C LEU D 141 -8.01 -14.05 12.28
N ASN D 142 -7.30 -15.04 12.83
CA ASN D 142 -6.51 -15.92 11.93
C ASN D 142 -6.91 -17.39 12.02
N ASN D 143 -7.01 -18.06 10.87
CA ASN D 143 -7.25 -19.52 10.82
C ASN D 143 -8.48 -19.97 11.62
N PHE D 144 -9.68 -19.54 11.21
CA PHE D 144 -10.89 -19.88 11.99
C PHE D 144 -11.99 -20.52 11.13
N TYR D 145 -12.75 -21.44 11.73
CA TYR D 145 -13.94 -22.02 11.05
C TYR D 145 -15.03 -22.11 12.13
N PRO D 146 -16.32 -21.77 11.88
CA PRO D 146 -16.83 -21.31 10.59
C PRO D 146 -16.57 -19.83 10.26
N ARG D 147 -16.94 -19.40 9.05
CA ARG D 147 -16.68 -18.00 8.61
C ARG D 147 -17.39 -17.01 9.54
N GLU D 148 -18.59 -17.36 10.01
CA GLU D 148 -19.37 -16.38 10.82
C GLU D 148 -18.55 -15.99 12.05
N ALA D 149 -18.35 -14.68 12.24
CA ALA D 149 -17.58 -14.17 13.40
C ALA D 149 -17.98 -12.70 13.62
N LYS D 150 -17.87 -12.20 14.85
CA LYS D 150 -18.28 -10.80 15.15
C LYS D 150 -17.08 -10.05 15.72
N VAL D 151 -16.78 -8.86 15.18
CA VAL D 151 -15.64 -8.04 15.70
C VAL D 151 -16.20 -6.74 16.27
N GLN D 152 -15.85 -6.43 17.52
CA GLN D 152 -16.33 -5.19 18.18
C GLN D 152 -15.11 -4.32 18.49
N TRP D 153 -15.16 -3.04 18.14
CA TRP D 153 -13.99 -2.15 18.34
C TRP D 153 -14.27 -1.23 19.52
N LYS D 154 -13.38 -1.22 20.52
CA LYS D 154 -13.55 -0.33 21.70
C LYS D 154 -12.32 0.57 21.86
N VAL D 155 -12.54 1.87 22.01
CA VAL D 155 -11.39 2.78 22.31
C VAL D 155 -11.64 3.44 23.66
N ASP D 156 -10.67 3.36 24.57
CA ASP D 156 -10.86 3.92 25.94
C ASP D 156 -12.13 3.29 26.53
N ASN D 157 -12.33 1.98 26.27
CA ASN D 157 -13.52 1.25 26.78
C ASN D 157 -14.80 1.84 26.19
N ALA D 158 -14.73 2.43 24.99
CA ALA D 158 -15.95 2.92 24.32
C ALA D 158 -16.11 2.22 22.97
N LEU D 159 -17.30 1.68 22.70
CA LEU D 159 -17.52 0.95 21.42
C LEU D 159 -17.43 1.95 20.26
N GLN D 160 -16.86 1.53 19.14
CA GLN D 160 -16.71 2.43 17.97
C GLN D 160 -17.58 1.87 16.84
N SER D 161 -18.43 2.72 16.25
CA SER D 161 -19.37 2.23 15.22
C SER D 161 -19.23 2.99 13.90
N GLY D 162 -19.16 2.29 12.78
CA GLY D 162 -19.10 2.94 11.45
C GLY D 162 -17.69 3.37 11.07
N ASN D 163 -16.71 3.11 11.93
CA ASN D 163 -15.29 3.43 11.63
C ASN D 163 -14.56 2.16 11.20
N SER D 164 -15.26 1.02 11.04
CA SER D 164 -14.57 -0.27 10.79
C SER D 164 -14.89 -0.89 9.42
N GLN D 165 -13.86 -1.36 8.70
CA GLN D 165 -14.07 -2.06 7.40
C GLN D 165 -13.56 -3.50 7.54
N GLU D 166 -14.35 -4.50 7.12
CA GLU D 166 -13.98 -5.92 7.34
C GLU D 166 -13.76 -6.67 6.02
N SER D 167 -12.64 -7.40 5.87
CA SER D 167 -12.38 -8.24 4.68
C SER D 167 -12.12 -9.69 5.11
N VAL D 168 -12.73 -10.67 4.42
CA VAL D 168 -12.55 -12.10 4.80
C VAL D 168 -11.85 -12.89 3.68
N THR D 169 -10.81 -13.64 4.03
CA THR D 169 -10.09 -14.49 3.04
C THR D 169 -10.93 -15.68 2.59
N GLU D 170 -10.71 -16.15 1.36
CA GLU D 170 -11.39 -17.38 0.87
C GLU D 170 -10.81 -18.61 1.60
N GLN D 171 -11.61 -19.66 1.77
CA GLN D 171 -11.16 -20.89 2.47
C GLN D 171 -9.75 -21.30 2.03
N ASP D 172 -8.88 -21.61 3.00
CA ASP D 172 -7.51 -22.09 2.69
C ASP D 172 -7.60 -23.48 2.05
N SER D 173 -6.77 -23.73 1.03
CA SER D 173 -6.82 -25.04 0.33
C SER D 173 -6.22 -26.12 1.22
N LYS D 174 -5.57 -25.75 2.32
CA LYS D 174 -4.94 -26.81 3.10
C LYS D 174 -5.65 -27.13 4.41
N ASP D 175 -6.01 -26.14 5.21
CA ASP D 175 -6.69 -26.43 6.47
C ASP D 175 -8.15 -25.99 6.47
N SER D 176 -8.64 -25.41 5.38
CA SER D 176 -10.05 -25.04 5.22
C SER D 176 -10.51 -23.96 6.18
N THR D 177 -9.63 -23.04 6.55
CA THR D 177 -10.01 -22.00 7.50
C THR D 177 -10.16 -20.67 6.77
N TYR D 178 -10.62 -19.67 7.52
CA TYR D 178 -10.78 -18.31 7.03
C TYR D 178 -9.86 -17.39 7.82
N SER D 179 -9.70 -16.19 7.31
CA SER D 179 -9.05 -15.15 8.08
C SER D 179 -9.82 -13.87 7.83
N LEU D 180 -9.87 -13.02 8.86
CA LEU D 180 -10.65 -11.81 8.86
C LEU D 180 -9.76 -10.68 9.34
N SER D 181 -9.88 -9.52 8.68
CA SER D 181 -9.27 -8.29 9.12
C SER D 181 -10.35 -7.23 9.23
N SER D 182 -10.47 -6.62 10.40
CA SER D 182 -11.28 -5.44 10.59
C SER D 182 -10.37 -4.26 10.77
N THR D 183 -10.67 -3.17 10.05
CA THR D 183 -9.89 -1.93 10.04
C THR D 183 -10.76 -0.81 10.58
N LEU D 184 -10.41 -0.30 11.75
CA LEU D 184 -10.98 0.94 12.26
C LEU D 184 -10.16 2.09 11.73
N THR D 185 -10.79 2.98 10.97
CA THR D 185 -10.11 4.18 10.51
C THR D 185 -10.64 5.37 11.31
N LEU D 186 -9.70 6.22 11.73
CA LEU D 186 -10.04 7.37 12.56
C LEU D 186 -9.16 8.54 12.11
N SER D 187 -9.48 9.72 12.63
CA SER D 187 -8.68 10.91 12.36
C SER D 187 -7.53 11.00 13.34
N LYS D 188 -6.45 11.65 12.91
CA LYS D 188 -5.29 11.86 13.77
C LYS D 188 -5.70 12.47 15.11
N ALA D 189 -6.59 13.48 15.06
CA ALA D 189 -7.02 14.15 16.29
C ALA D 189 -7.98 13.27 17.09
N ASP D 190 -8.92 12.62 16.40
CA ASP D 190 -9.79 11.64 17.05
C ASP D 190 -8.96 10.59 17.77
N TYR D 191 -7.83 10.19 17.18
CA TYR D 191 -7.03 9.11 17.74
C TYR D 191 -6.20 9.55 18.95
N GLU D 192 -5.68 10.78 18.93
CA GLU D 192 -4.83 11.25 20.02
C GLU D 192 -5.63 11.81 21.18
N LYS D 193 -6.95 11.77 21.10
CA LYS D 193 -7.82 11.97 22.25
C LYS D 193 -7.90 10.73 23.14
N HIS D 194 -7.17 9.67 22.81
CA HIS D 194 -7.48 8.37 23.39
C HIS D 194 -6.21 7.56 23.55
N LYS D 195 -6.28 6.56 24.43
CA LYS D 195 -5.13 5.79 24.88
C LYS D 195 -5.25 4.30 24.63
N VAL D 196 -6.37 3.67 25.03
CA VAL D 196 -6.45 2.21 25.14
C VAL D 196 -7.45 1.69 24.11
N TYR D 197 -6.94 1.21 22.98
CA TYR D 197 -7.74 0.65 21.90
C TYR D 197 -7.81 -0.87 22.03
N ALA D 198 -8.90 -1.46 21.56
CA ALA D 198 -9.10 -2.90 21.67
C ALA D 198 -10.17 -3.36 20.69
N CYS D 199 -10.10 -4.66 20.34
CA CYS D 199 -11.19 -5.33 19.64
C CYS D 199 -11.56 -6.60 20.40
N GLU D 200 -12.83 -6.98 20.30
CA GLU D 200 -13.37 -8.13 21.03
C GLU D 200 -14.12 -9.01 20.06
N VAL D 201 -13.70 -10.27 19.95
CA VAL D 201 -14.16 -11.19 18.91
C VAL D 201 -15.12 -12.20 19.53
N THR D 202 -16.27 -12.37 18.89
CA THR D 202 -17.23 -13.42 19.23
C THR D 202 -17.16 -14.50 18.17
N HIS D 203 -16.99 -15.75 18.57
CA HIS D 203 -16.89 -16.84 17.61
C HIS D 203 -17.23 -18.17 18.26
N GLN D 204 -17.69 -19.12 17.43
CA GLN D 204 -18.14 -20.42 17.89
C GLN D 204 -17.01 -21.24 18.52
N GLY D 205 -15.78 -21.07 18.06
CA GLY D 205 -14.64 -21.73 18.71
C GLY D 205 -14.26 -21.19 20.07
N LEU D 206 -15.00 -20.22 20.60
CA LEU D 206 -14.59 -19.46 21.76
C LEU D 206 -15.68 -19.58 22.82
N SER D 207 -15.34 -20.14 23.98
CA SER D 207 -16.32 -20.14 25.05
C SER D 207 -16.70 -18.71 25.42
N SER D 208 -15.72 -17.93 25.98
CA SER D 208 -15.91 -16.50 26.21
C SER D 208 -15.10 -15.68 25.21
N PRO D 209 -15.65 -14.57 24.70
CA PRO D 209 -14.96 -13.77 23.67
C PRO D 209 -13.61 -13.22 24.13
N VAL D 210 -12.74 -13.04 23.16
CA VAL D 210 -11.36 -12.60 23.35
C VAL D 210 -11.27 -11.10 23.07
N THR D 211 -10.27 -10.45 23.66
CA THR D 211 -10.10 -9.01 23.52
C THR D 211 -8.62 -8.70 23.52
N LYS D 212 -8.16 -7.99 22.49
CA LYS D 212 -6.77 -7.60 22.34
C LYS D 212 -6.66 -6.08 22.46
N SER D 213 -5.96 -5.60 23.49
CA SER D 213 -5.86 -4.17 23.74
C SER D 213 -4.46 -3.65 23.45
N PHE D 214 -4.33 -2.31 23.47
CA PHE D 214 -3.07 -1.59 23.32
C PHE D 214 -3.13 -0.29 24.12
N ASN D 215 -1.94 0.22 24.50
CA ASN D 215 -1.77 1.50 25.19
C ASN D 215 -1.00 2.47 24.28
N ARG D 216 -1.72 3.36 23.59
CA ARG D 216 -1.14 4.29 22.61
C ARG D 216 0.16 4.97 23.07
N GLU E 1 -9.15 31.54 -31.81
CA GLU E 1 -7.69 31.43 -31.77
C GLU E 1 -7.23 30.29 -30.84
N VAL E 2 -6.20 29.56 -31.27
CA VAL E 2 -5.76 28.36 -30.57
C VAL E 2 -5.18 28.74 -29.21
N GLN E 3 -5.68 28.10 -28.15
CA GLN E 3 -5.18 28.30 -26.79
C GLN E 3 -4.98 26.94 -26.13
N LEU E 4 -3.74 26.66 -25.72
CA LEU E 4 -3.41 25.46 -24.97
C LEU E 4 -2.94 25.88 -23.59
N VAL E 5 -3.85 25.92 -22.61
CA VAL E 5 -3.52 26.32 -21.24
C VAL E 5 -3.19 25.07 -20.44
N GLU E 6 -1.96 24.98 -19.95
CA GLU E 6 -1.53 23.82 -19.17
C GLU E 6 -1.61 24.09 -17.68
N SER E 7 -1.59 23.00 -16.91
CA SER E 7 -1.52 23.07 -15.46
C SER E 7 -1.14 21.68 -14.93
N GLY E 8 -0.70 21.64 -13.67
CA GLY E 8 -0.39 20.39 -13.02
C GLY E 8 1.08 20.18 -12.68
N GLY E 9 1.99 21.07 -13.10
CA GLY E 9 3.39 20.90 -12.81
C GLY E 9 3.75 21.29 -11.40
N GLY E 10 5.04 21.25 -11.11
CA GLY E 10 5.54 21.75 -9.85
C GLY E 10 6.53 20.79 -9.21
N LEU E 11 6.78 21.02 -7.92
CA LEU E 11 7.73 20.24 -7.13
C LEU E 11 7.18 18.86 -6.86
N VAL E 12 7.94 17.83 -7.27
CA VAL E 12 7.62 16.42 -7.01
C VAL E 12 8.87 15.74 -6.48
N GLN E 13 8.70 14.79 -5.54
CA GLN E 13 9.83 14.07 -4.97
C GLN E 13 10.27 12.94 -5.90
N PRO E 14 11.57 12.61 -5.89
CA PRO E 14 12.04 11.46 -6.68
C PRO E 14 11.24 10.20 -6.35
N GLY E 15 10.56 9.68 -7.37
CA GLY E 15 9.69 8.53 -7.21
C GLY E 15 8.22 8.87 -7.10
N GLY E 16 7.86 10.15 -7.05
CA GLY E 16 6.47 10.54 -7.00
C GLY E 16 5.81 10.58 -8.38
N SER E 17 4.55 11.01 -8.38
CA SER E 17 3.73 11.14 -9.57
C SER E 17 3.19 12.56 -9.68
N LEU E 18 2.85 12.96 -10.91
CA LEU E 18 2.07 14.16 -11.20
C LEU E 18 1.17 13.88 -12.38
N ARG E 19 0.07 14.63 -12.47
CA ARG E 19 -0.81 14.60 -13.64
C ARG E 19 -0.86 15.99 -14.25
N LEU E 20 -0.34 16.13 -15.47
CA LEU E 20 -0.39 17.39 -16.19
C LEU E 20 -1.66 17.45 -17.03
N SER E 21 -2.25 18.64 -17.13
CA SER E 21 -3.43 18.85 -17.96
C SER E 21 -3.19 19.97 -18.95
N CYS E 22 -3.90 19.89 -20.07
CA CYS E 22 -3.87 20.91 -21.12
C CYS E 22 -5.30 21.18 -21.55
N ALA E 23 -5.78 22.39 -21.32
CA ALA E 23 -7.13 22.78 -21.72
C ALA E 23 -7.03 23.52 -23.05
N ALA E 24 -7.48 22.89 -24.13
CA ALA E 24 -7.39 23.42 -25.47
C ALA E 24 -8.63 24.24 -25.84
N SER E 25 -8.40 25.27 -26.66
CA SER E 25 -9.47 26.17 -27.08
C SER E 25 -9.19 26.66 -28.49
N GLY E 26 -10.26 26.99 -29.21
CA GLY E 26 -10.13 27.68 -30.49
C GLY E 26 -10.06 26.79 -31.72
N PHE E 27 -9.93 25.48 -31.56
CA PHE E 27 -9.85 24.57 -32.71
C PHE E 27 -10.64 23.32 -32.36
N THR E 28 -10.88 22.46 -33.36
CA THR E 28 -11.57 21.19 -33.12
C THR E 28 -10.58 20.18 -32.55
N PHE E 29 -10.56 20.11 -31.22
CA PHE E 29 -9.57 19.28 -30.50
C PHE E 29 -9.63 17.82 -30.95
N SER E 30 -10.82 17.27 -31.12
CA SER E 30 -10.89 15.85 -31.45
C SER E 30 -10.35 15.52 -32.84
N ASN E 31 -10.09 16.53 -33.68
CA ASN E 31 -9.62 16.31 -35.04
C ASN E 31 -8.11 16.24 -35.18
N TYR E 32 -7.32 16.39 -34.12
CA TYR E 32 -5.87 16.46 -34.28
C TYR E 32 -5.14 15.58 -33.27
N TRP E 33 -4.02 15.04 -33.73
CA TRP E 33 -3.03 14.43 -32.85
C TRP E 33 -2.55 15.44 -31.81
N MET E 34 -2.09 14.93 -30.67
CA MET E 34 -1.63 15.74 -29.55
C MET E 34 -0.36 15.13 -28.96
N SER E 35 0.57 16.00 -28.58
CA SER E 35 1.89 15.57 -28.11
C SER E 35 2.28 16.31 -26.84
N TRP E 36 3.19 15.71 -26.09
CA TRP E 36 3.94 16.40 -25.04
C TRP E 36 5.40 16.45 -25.45
N VAL E 37 5.99 17.63 -25.30
CA VAL E 37 7.41 17.87 -25.54
C VAL E 37 7.95 18.49 -24.27
N ARG E 38 9.15 18.09 -23.86
CA ARG E 38 9.77 18.69 -22.70
C ARG E 38 11.09 19.35 -23.10
N GLN E 39 11.66 20.10 -22.17
CA GLN E 39 12.86 20.88 -22.43
C GLN E 39 13.61 21.08 -21.13
N SER E 40 14.87 20.68 -21.10
CA SER E 40 15.74 20.72 -19.95
C SER E 40 17.06 21.33 -20.39
N PRO E 41 17.95 21.75 -19.46
CA PRO E 41 19.19 22.43 -19.84
C PRO E 41 20.25 21.45 -20.38
N GLU E 42 20.00 20.15 -20.25
CA GLU E 42 20.96 19.16 -20.69
C GLU E 42 20.60 18.56 -22.05
N LYS E 43 19.36 18.16 -22.26
CA LYS E 43 18.94 17.46 -23.47
C LYS E 43 18.12 18.33 -24.40
N GLY E 44 18.01 19.63 -24.11
CA GLY E 44 17.28 20.54 -24.99
C GLY E 44 15.83 20.12 -25.13
N LEU E 45 15.30 20.30 -26.34
CA LEU E 45 13.92 19.93 -26.63
C LEU E 45 13.83 18.44 -26.92
N GLU E 46 12.84 17.78 -26.32
CA GLU E 46 12.76 16.32 -26.38
C GLU E 46 11.29 15.93 -26.49
N TRP E 47 10.95 15.25 -27.58
CA TRP E 47 9.58 14.74 -27.70
C TRP E 47 9.37 13.68 -26.64
N VAL E 48 8.18 13.68 -26.03
CA VAL E 48 7.86 12.81 -24.92
C VAL E 48 6.80 11.79 -25.28
N SER E 49 5.73 12.23 -25.92
CA SER E 49 4.55 11.38 -26.00
C SER E 49 3.58 11.93 -27.05
N GLU E 50 2.72 11.03 -27.55
CA GLU E 50 1.77 11.35 -28.61
C GLU E 50 0.51 10.49 -28.45
N ILE E 51 -0.67 11.11 -28.61
CA ILE E 51 -1.91 10.37 -28.77
C ILE E 51 -2.56 10.78 -30.08
N ARG E 52 -3.14 9.79 -30.78
CA ARG E 52 -3.78 10.00 -32.07
C ARG E 52 -5.30 10.16 -31.90
N LEU E 53 -6.04 10.00 -32.98
CA LEU E 53 -7.49 10.23 -33.05
C LEU E 53 -8.27 8.99 -32.61
N ARG E 54 -9.55 9.22 -32.26
CA ARG E 54 -10.49 8.10 -32.09
C ARG E 54 -10.45 7.16 -33.31
N SER E 55 -10.46 7.73 -34.53
CA SER E 55 -10.40 6.91 -35.72
C SER E 55 -9.05 6.25 -35.94
N ASP E 56 -8.03 6.62 -35.18
CA ASP E 56 -6.78 5.87 -35.11
C ASP E 56 -6.72 4.94 -33.88
N ASN E 57 -7.87 4.46 -33.39
CA ASN E 57 -7.93 3.62 -32.16
C ASN E 57 -7.27 4.31 -30.96
N TYR E 58 -7.28 5.65 -30.93
CA TYR E 58 -6.59 6.44 -29.90
C TYR E 58 -5.15 6.00 -29.68
N ALA E 59 -4.45 5.56 -30.74
CA ALA E 59 -3.12 4.99 -30.53
C ALA E 59 -2.17 5.98 -29.86
N THR E 60 -1.27 5.44 -29.02
CA THR E 60 -0.33 6.24 -28.26
C THR E 60 1.10 5.80 -28.57
N HIS E 61 2.07 6.71 -28.40
CA HIS E 61 3.49 6.39 -28.53
C HIS E 61 4.31 7.23 -27.57
N TYR E 62 5.51 6.73 -27.24
CA TYR E 62 6.32 7.29 -26.18
C TYR E 62 7.79 7.31 -26.56
N ALA E 63 8.51 8.28 -26.01
CA ALA E 63 9.96 8.22 -26.04
C ALA E 63 10.43 7.05 -25.18
N GLU E 64 11.53 6.42 -25.59
CA GLU E 64 11.99 5.23 -24.88
C GLU E 64 12.24 5.53 -23.39
N SER E 65 12.61 6.77 -23.07
CA SER E 65 12.99 7.11 -21.70
C SER E 65 11.81 7.16 -20.75
N VAL E 66 10.59 7.24 -21.28
CA VAL E 66 9.40 7.38 -20.45
C VAL E 66 8.42 6.22 -20.62
N LYS E 67 8.58 5.39 -21.65
CA LYS E 67 7.66 4.28 -21.91
C LYS E 67 7.59 3.36 -20.70
N GLY E 68 6.37 3.09 -20.24
CA GLY E 68 6.16 2.33 -19.04
C GLY E 68 6.01 3.15 -17.77
N ARG E 69 6.36 4.44 -17.81
CA ARG E 69 6.15 5.33 -16.66
C ARG E 69 5.15 6.44 -16.94
N PHE E 70 5.08 6.92 -18.18
CA PHE E 70 4.15 7.98 -18.53
C PHE E 70 2.94 7.40 -19.26
N THR E 71 1.82 8.13 -19.17
CA THR E 71 0.60 7.76 -19.87
C THR E 71 -0.03 9.04 -20.37
N ILE E 72 -0.22 9.13 -21.67
CA ILE E 72 -0.92 10.24 -22.30
C ILE E 72 -2.36 9.80 -22.52
N SER E 73 -3.30 10.68 -22.24
CA SER E 73 -4.68 10.38 -22.57
C SER E 73 -5.35 11.67 -22.98
N ARG E 74 -6.49 11.55 -23.63
CA ARG E 74 -7.29 12.70 -24.02
C ARG E 74 -8.72 12.48 -23.59
N ASP E 75 -9.39 13.58 -23.30
CA ASP E 75 -10.84 13.60 -23.16
C ASP E 75 -11.35 14.61 -24.19
N ASN E 76 -11.77 14.13 -25.35
CA ASN E 76 -12.32 15.04 -26.35
C ASN E 76 -13.50 15.81 -25.77
N SER E 77 -14.30 15.17 -24.92
CA SER E 77 -15.54 15.78 -24.46
C SER E 77 -15.29 17.10 -23.74
N LYS E 78 -14.10 17.28 -23.16
CA LYS E 78 -13.76 18.53 -22.51
C LYS E 78 -12.47 19.13 -23.06
N ASN E 79 -12.07 18.71 -24.26
CA ASN E 79 -10.98 19.32 -25.02
C ASN E 79 -9.71 19.42 -24.17
N THR E 80 -9.38 18.32 -23.48
CA THR E 80 -8.28 18.31 -22.54
C THR E 80 -7.34 17.14 -22.81
N LEU E 81 -6.05 17.44 -22.82
CA LEU E 81 -5.01 16.44 -22.91
C LEU E 81 -4.40 16.22 -21.54
N TYR E 82 -3.95 14.98 -21.28
CA TYR E 82 -3.39 14.63 -20.00
C TYR E 82 -2.04 13.94 -20.15
N LEU E 83 -1.17 14.16 -19.18
CA LEU E 83 0.05 13.37 -19.03
C LEU E 83 0.13 12.88 -17.58
N GLN E 84 -0.05 11.58 -17.38
CA GLN E 84 0.21 10.91 -16.11
C GLN E 84 1.68 10.51 -16.03
N MET E 85 2.43 11.10 -15.13
CA MET E 85 3.85 10.84 -14.99
C MET E 85 4.08 10.12 -13.67
N ASN E 86 4.51 8.87 -13.76
CA ASN E 86 4.82 8.08 -12.57
C ASN E 86 6.32 7.89 -12.46
N SER E 87 6.75 7.66 -11.22
CA SER E 87 8.08 7.12 -10.95
C SER E 87 9.15 8.10 -11.41
N LEU E 88 8.94 9.38 -11.09
CA LEU E 88 9.74 10.45 -11.67
C LEU E 88 11.17 10.44 -11.13
N ARG E 89 12.12 10.74 -12.02
CA ARG E 89 13.55 10.71 -11.73
C ARG E 89 14.17 12.05 -12.09
N ALA E 90 15.48 12.18 -11.79
CA ALA E 90 16.15 13.46 -12.00
C ALA E 90 16.04 13.93 -13.44
N GLU E 91 16.17 13.00 -14.40
CA GLU E 91 16.12 13.37 -15.81
C GLU E 91 14.76 13.89 -16.23
N ASP E 92 13.73 13.74 -15.42
CA ASP E 92 12.41 14.19 -15.81
C ASP E 92 12.18 15.67 -15.54
N THR E 93 13.10 16.32 -14.83
CA THR E 93 12.98 17.73 -14.50
C THR E 93 13.07 18.59 -15.76
N GLY E 94 12.15 19.52 -15.91
CA GLY E 94 12.19 20.43 -17.03
C GLY E 94 10.84 21.06 -17.29
N ILE E 95 10.77 21.77 -18.41
CA ILE E 95 9.55 22.39 -18.89
C ILE E 95 8.83 21.40 -19.80
N TYR E 96 7.53 21.23 -19.57
CA TYR E 96 6.69 20.29 -20.33
C TYR E 96 5.67 21.05 -21.15
N TYR E 97 5.73 20.90 -22.47
CA TYR E 97 4.87 21.63 -23.39
C TYR E 97 3.74 20.77 -23.96
N CYS E 98 2.58 21.38 -24.08
CA CYS E 98 1.44 20.83 -24.79
C CYS E 98 1.49 21.28 -26.26
N CYS E 99 1.40 20.33 -27.19
CA CYS E 99 1.49 20.63 -28.62
C CYS E 99 0.37 19.96 -29.41
N THR E 100 -0.32 20.72 -30.26
CA THR E 100 -1.05 20.09 -31.34
C THR E 100 -0.04 19.57 -32.35
N TYR E 101 -0.40 18.50 -33.05
CA TYR E 101 0.52 17.91 -33.99
C TYR E 101 -0.17 17.73 -35.34
N PHE E 102 0.39 18.34 -36.38
CA PHE E 102 -0.03 18.12 -37.76
C PHE E 102 1.24 18.14 -38.61
N TYR E 103 1.87 16.96 -38.74
CA TYR E 103 3.22 16.79 -39.32
C TYR E 103 4.25 17.71 -38.71
N SER E 104 3.98 18.22 -37.50
CA SER E 104 4.79 19.26 -36.89
C SER E 104 4.14 19.61 -35.57
N PHE E 105 4.93 20.23 -34.69
CA PHE E 105 4.41 20.76 -33.44
C PHE E 105 3.93 22.17 -33.77
N SER E 106 2.65 22.29 -34.10
CA SER E 106 2.19 23.49 -34.78
C SER E 106 1.70 24.58 -33.83
N TYR E 107 1.36 24.23 -32.59
CA TYR E 107 1.06 25.22 -31.56
C TYR E 107 1.51 24.64 -30.21
N TRP E 108 2.21 25.46 -29.42
CA TRP E 108 2.75 25.01 -28.15
C TRP E 108 2.05 25.74 -27.02
N GLY E 109 1.73 25.01 -25.95
CA GLY E 109 1.19 25.60 -24.76
C GLY E 109 2.20 26.52 -24.06
N GLN E 110 1.68 27.26 -23.09
CA GLN E 110 2.54 28.14 -22.32
C GLN E 110 3.62 27.37 -21.57
N GLY E 111 3.42 26.09 -21.32
CA GLY E 111 4.46 25.25 -20.76
C GLY E 111 4.45 25.26 -19.25
N THR E 112 4.60 24.09 -18.62
CA THR E 112 4.60 23.98 -17.16
C THR E 112 5.89 23.33 -16.69
N LEU E 113 6.37 23.79 -15.54
CA LEU E 113 7.69 23.44 -15.05
C LEU E 113 7.58 22.30 -14.05
N VAL E 114 8.26 21.20 -14.34
CA VAL E 114 8.35 20.04 -13.46
C VAL E 114 9.75 19.99 -12.86
N THR E 115 9.83 19.99 -11.52
CA THR E 115 11.09 19.85 -10.78
C THR E 115 11.01 18.58 -9.94
N VAL E 116 11.90 17.64 -10.19
CA VAL E 116 12.02 16.42 -9.40
C VAL E 116 13.10 16.65 -8.38
N SER E 117 12.74 16.66 -7.09
CA SER E 117 13.70 17.02 -6.06
C SER E 117 13.16 16.75 -4.67
N SER E 118 13.94 16.06 -3.83
CA SER E 118 13.52 15.83 -2.47
C SER E 118 13.66 17.07 -1.59
N ALA E 119 14.28 18.13 -2.11
CA ALA E 119 14.41 19.36 -1.36
C ALA E 119 13.05 20.02 -1.15
N SER E 120 12.86 20.60 0.04
CA SER E 120 11.60 21.21 0.42
C SER E 120 11.46 22.59 -0.23
N THR E 121 10.25 23.13 -0.13
CA THR E 121 9.87 24.37 -0.81
C THR E 121 9.80 25.52 0.20
N LYS E 122 10.24 26.70 -0.23
CA LYS E 122 10.30 27.87 0.64
C LYS E 122 10.10 29.15 -0.18
N GLY E 123 9.19 30.00 0.27
CA GLY E 123 8.95 31.29 -0.35
C GLY E 123 10.15 32.21 -0.23
N PRO E 124 10.11 33.36 -0.94
CA PRO E 124 11.29 34.23 -0.98
C PRO E 124 11.26 35.40 -0.01
N SER E 125 12.44 35.95 0.24
CA SER E 125 12.59 37.23 0.90
C SER E 125 12.82 38.29 -0.16
N VAL E 126 12.08 39.40 -0.06
CA VAL E 126 12.13 40.48 -1.04
C VAL E 126 12.73 41.70 -0.37
N PHE E 127 13.89 42.15 -0.87
CA PHE E 127 14.54 43.34 -0.36
C PHE E 127 14.62 44.38 -1.46
N PRO E 128 14.91 45.65 -1.11
CA PRO E 128 14.92 46.70 -2.14
C PRO E 128 16.33 47.10 -2.57
N LEU E 129 16.44 47.64 -3.78
CA LEU E 129 17.68 48.20 -4.31
C LEU E 129 17.45 49.70 -4.49
N ALA E 130 17.71 50.45 -3.42
CA ALA E 130 17.37 51.88 -3.43
C ALA E 130 18.37 52.66 -4.28
N PRO E 131 17.91 53.68 -5.01
CA PRO E 131 18.82 54.52 -5.79
C PRO E 131 19.28 55.73 -4.99
N SER E 132 20.56 56.06 -5.17
CA SER E 132 21.17 57.22 -4.53
C SER E 132 21.66 58.26 -5.52
N SER E 133 21.93 57.88 -6.76
CA SER E 133 22.38 58.83 -7.78
C SER E 133 22.27 58.20 -9.15
N THR E 140 17.91 60.37 -13.91
CA THR E 140 17.40 59.13 -14.48
C THR E 140 18.23 57.94 -14.00
N ALA E 141 18.15 57.67 -12.70
CA ALA E 141 18.89 56.58 -12.06
C ALA E 141 18.06 55.30 -12.11
N ALA E 142 18.52 54.25 -11.41
CA ALA E 142 17.88 52.96 -11.41
C ALA E 142 17.73 52.43 -9.99
N LEU E 143 16.68 51.63 -9.78
CA LEU E 143 16.42 50.94 -8.52
C LEU E 143 16.00 49.50 -8.83
N GLY E 144 15.67 48.74 -7.79
CA GLY E 144 15.26 47.37 -8.05
C GLY E 144 14.84 46.65 -6.78
N CYS E 145 14.49 45.37 -6.98
CA CYS E 145 14.10 44.45 -5.92
C CYS E 145 14.99 43.22 -5.99
N LEU E 146 15.45 42.75 -4.84
CA LEU E 146 16.30 41.57 -4.75
C LEU E 146 15.49 40.43 -4.14
N VAL E 147 15.00 39.53 -5.00
CA VAL E 147 14.24 38.36 -4.54
C VAL E 147 15.22 37.23 -4.28
N LYS E 148 15.47 36.94 -3.01
CA LYS E 148 16.53 36.04 -2.59
C LYS E 148 16.00 34.97 -1.66
N ASP E 149 16.71 33.83 -1.61
CA ASP E 149 16.40 32.70 -0.74
C ASP E 149 15.06 32.06 -1.07
N TYR E 150 14.98 31.31 -2.17
CA TYR E 150 13.76 30.61 -2.51
C TYR E 150 14.04 29.40 -3.39
N PHE E 151 13.15 28.41 -3.29
CA PHE E 151 13.16 27.14 -4.01
C PHE E 151 11.73 26.61 -4.03
N PRO E 152 11.27 26.06 -5.18
CA PRO E 152 12.04 26.14 -6.42
C PRO E 152 11.50 27.19 -7.40
N GLU E 153 12.11 27.29 -8.58
CA GLU E 153 11.61 28.21 -9.58
C GLU E 153 10.16 27.84 -9.93
N PRO E 154 9.36 28.80 -10.42
CA PRO E 154 9.70 30.18 -10.80
C PRO E 154 9.17 31.27 -9.88
N VAL E 155 9.57 32.51 -10.15
CA VAL E 155 8.97 33.70 -9.56
C VAL E 155 8.64 34.67 -10.70
N THR E 156 7.75 35.62 -10.40
CA THR E 156 7.36 36.66 -11.35
C THR E 156 7.50 38.03 -10.68
N VAL E 157 8.08 38.98 -11.40
CA VAL E 157 8.23 40.34 -10.92
C VAL E 157 7.36 41.25 -11.78
N SER E 158 6.46 41.99 -11.12
CA SER E 158 5.59 42.96 -11.78
C SER E 158 5.67 44.26 -10.98
N TRP E 159 6.01 45.35 -11.66
CA TRP E 159 6.06 46.66 -11.02
C TRP E 159 4.72 47.35 -11.22
N ASN E 160 4.10 47.79 -10.12
CA ASN E 160 2.85 48.55 -10.13
C ASN E 160 1.71 47.75 -10.78
N SER E 161 1.66 46.45 -10.51
CA SER E 161 0.57 45.56 -10.93
C SER E 161 0.40 45.50 -12.45
N GLY E 162 1.50 45.67 -13.20
CA GLY E 162 1.48 45.54 -14.63
C GLY E 162 1.48 46.83 -15.41
N ALA E 163 1.53 47.98 -14.74
CA ALA E 163 1.46 49.27 -15.43
C ALA E 163 2.81 49.66 -16.01
N LEU E 164 3.80 49.91 -15.15
CA LEU E 164 5.13 50.34 -15.59
C LEU E 164 5.83 49.20 -16.30
N THR E 165 6.08 49.35 -17.60
CA THR E 165 6.77 48.35 -18.40
C THR E 165 8.00 48.89 -19.12
N SER E 166 8.20 50.20 -19.16
CA SER E 166 9.31 50.78 -19.89
C SER E 166 10.60 50.66 -19.08
N GLY E 167 11.59 49.96 -19.62
CA GLY E 167 12.88 49.86 -18.98
C GLY E 167 12.95 48.89 -17.82
N VAL E 168 11.96 48.01 -17.66
CA VAL E 168 12.06 46.96 -16.66
C VAL E 168 13.03 45.89 -17.15
N HIS E 169 13.69 45.22 -16.20
CA HIS E 169 14.68 44.22 -16.58
C HIS E 169 14.79 43.23 -15.40
N THR E 170 14.00 42.16 -15.48
CA THR E 170 14.04 41.09 -14.49
C THR E 170 15.17 40.13 -14.88
N PHE E 171 16.28 40.21 -14.16
CA PHE E 171 17.37 39.29 -14.44
C PHE E 171 16.94 37.86 -14.11
N PRO E 172 17.49 36.87 -14.80
CA PRO E 172 17.22 35.48 -14.40
C PRO E 172 17.85 35.16 -13.06
N ALA E 173 17.32 34.12 -12.43
CA ALA E 173 17.82 33.70 -11.13
C ALA E 173 19.10 32.89 -11.27
N VAL E 174 19.88 32.86 -10.19
CA VAL E 174 21.16 32.18 -10.18
C VAL E 174 21.13 31.14 -9.06
N LEU E 175 21.83 30.03 -9.28
CA LEU E 175 21.93 28.97 -8.28
C LEU E 175 22.91 29.42 -7.20
N GLN E 176 22.39 29.74 -6.02
CA GLN E 176 23.24 30.16 -4.92
C GLN E 176 23.85 28.95 -4.22
N SER E 177 25.00 29.18 -3.58
CA SER E 177 25.72 28.09 -2.91
C SER E 177 24.85 27.40 -1.87
N SER E 178 23.90 28.12 -1.27
CA SER E 178 23.05 27.55 -0.24
C SER E 178 22.19 26.41 -0.79
N GLY E 179 21.80 26.50 -2.06
CA GLY E 179 20.83 25.60 -2.63
C GLY E 179 19.52 26.26 -3.01
N LEU E 180 19.39 27.58 -2.79
CA LEU E 180 18.22 28.34 -3.18
C LEU E 180 18.55 29.18 -4.41
N TYR E 181 17.56 29.93 -4.87
CA TYR E 181 17.73 30.82 -6.00
C TYR E 181 17.78 32.27 -5.52
N SER E 182 18.25 33.14 -6.41
CA SER E 182 18.34 34.59 -6.12
C SER E 182 18.10 35.36 -7.41
N LEU E 183 16.99 36.10 -7.50
CA LEU E 183 16.63 36.82 -8.74
C LEU E 183 16.64 38.32 -8.46
N SER E 184 17.31 39.11 -9.30
CA SER E 184 17.27 40.59 -9.10
C SER E 184 16.49 41.23 -10.25
N SER E 185 15.48 42.05 -9.94
CA SER E 185 14.76 42.77 -11.02
C SER E 185 15.07 44.26 -10.89
N VAL E 186 15.53 44.88 -11.97
CA VAL E 186 15.95 46.31 -11.89
C VAL E 186 15.17 47.16 -12.90
N VAL E 187 14.70 48.34 -12.47
CA VAL E 187 13.92 49.24 -13.37
C VAL E 187 14.70 50.55 -13.54
N THR E 188 14.85 51.03 -14.78
CA THR E 188 15.48 52.36 -14.99
C THR E 188 14.34 53.37 -15.06
N VAL E 189 14.27 54.29 -14.09
CA VAL E 189 13.15 55.26 -14.04
C VAL E 189 13.72 56.68 -13.97
N PRO E 190 13.17 57.67 -14.71
CA PRO E 190 13.65 59.05 -14.58
C PRO E 190 13.40 59.53 -13.14
N SER E 191 14.38 60.21 -12.55
CA SER E 191 14.25 60.66 -11.14
C SER E 191 13.50 61.99 -11.09
N SER E 192 12.26 62.03 -11.56
CA SER E 192 11.44 63.27 -11.50
C SER E 192 10.40 63.13 -10.38
N SER E 193 10.37 61.97 -9.70
CA SER E 193 9.40 61.72 -8.61
C SER E 193 10.02 60.76 -7.59
N TYR E 199 7.40 53.97 -6.57
CA TYR E 199 7.46 52.68 -7.26
C TYR E 199 7.54 51.51 -6.28
N ILE E 200 6.92 50.38 -6.64
CA ILE E 200 6.85 49.22 -5.77
C ILE E 200 6.74 47.96 -6.63
N CYS E 201 7.58 46.97 -6.34
CA CYS E 201 7.60 45.73 -7.10
C CYS E 201 6.71 44.68 -6.45
N ASN E 202 6.28 43.70 -7.26
CA ASN E 202 5.42 42.62 -6.82
C ASN E 202 6.09 41.29 -7.14
N VAL E 203 6.27 40.46 -6.12
CA VAL E 203 6.89 39.16 -6.24
C VAL E 203 5.81 38.10 -6.03
N ASN E 204 5.60 37.26 -7.03
CA ASN E 204 4.54 36.24 -7.00
C ASN E 204 5.19 34.87 -7.15
N HIS E 205 5.31 34.16 -6.04
CA HIS E 205 5.89 32.82 -5.99
C HIS E 205 4.73 31.84 -5.85
N LYS E 206 4.40 31.17 -6.95
CA LYS E 206 3.19 30.34 -6.96
C LYS E 206 3.35 29.05 -6.15
N PRO E 207 4.48 28.31 -6.23
CA PRO E 207 4.55 27.06 -5.45
C PRO E 207 4.70 27.24 -3.94
N SER E 208 4.50 28.46 -3.44
CA SER E 208 4.53 28.69 -1.99
C SER E 208 3.47 29.67 -1.52
N ASN E 209 2.63 30.21 -2.40
CA ASN E 209 1.57 31.14 -2.02
C ASN E 209 2.12 32.31 -1.24
N THR E 210 3.07 33.03 -1.86
CA THR E 210 3.65 34.22 -1.28
C THR E 210 3.62 35.33 -2.33
N LYS E 211 3.04 36.48 -1.99
CA LYS E 211 2.87 37.60 -2.93
C LYS E 211 3.30 38.91 -2.25
N VAL E 212 4.60 39.06 -2.05
CA VAL E 212 5.15 40.19 -1.32
C VAL E 212 5.25 41.40 -2.23
N ASP E 213 4.87 42.58 -1.72
CA ASP E 213 4.91 43.83 -2.47
C ASP E 213 5.68 44.86 -1.66
N LYS E 214 6.90 45.16 -2.08
CA LYS E 214 7.78 46.08 -1.37
C LYS E 214 8.03 47.33 -2.22
N ARG E 215 7.99 48.50 -1.58
CA ARG E 215 8.12 49.78 -2.26
C ARG E 215 9.54 50.31 -2.13
N VAL E 216 10.18 50.60 -3.26
CA VAL E 216 11.56 51.05 -3.28
C VAL E 216 11.59 52.57 -3.06
N GLU E 217 12.18 52.98 -1.92
CA GLU E 217 12.30 54.36 -1.50
C GLU E 217 13.75 54.84 -1.62
N PRO E 218 13.98 56.17 -1.82
CA PRO E 218 15.32 56.68 -1.99
C PRO E 218 16.14 56.59 -0.69
N LYS E 219 17.43 56.88 -0.79
CA LYS E 219 18.33 56.78 0.34
C LYS E 219 18.28 58.02 1.23
N SER E 220 18.64 57.83 2.50
CA SER E 220 18.63 58.88 3.50
C SER E 220 20.01 59.55 3.63
N GLU F 1 17.75 6.22 -33.94
CA GLU F 1 16.97 7.45 -34.06
C GLU F 1 17.53 8.32 -35.18
N LEU F 2 16.81 9.37 -35.51
CA LEU F 2 17.20 10.32 -36.55
C LEU F 2 17.81 11.52 -35.84
N GLN F 3 19.14 11.48 -35.67
CA GLN F 3 19.84 12.54 -34.96
C GLN F 3 19.87 13.79 -35.83
N MET F 4 19.25 14.86 -35.35
CA MET F 4 19.29 16.17 -36.00
C MET F 4 20.47 16.94 -35.45
N THR F 5 21.41 17.32 -36.32
CA THR F 5 22.56 18.12 -35.91
C THR F 5 22.50 19.48 -36.60
N GLN F 6 22.96 20.50 -35.90
CA GLN F 6 22.77 21.87 -36.36
C GLN F 6 24.08 22.66 -36.33
N SER F 7 24.28 23.51 -37.34
CA SER F 7 25.46 24.36 -37.41
C SER F 7 25.08 25.74 -37.93
N PRO F 8 25.65 26.81 -37.34
CA PRO F 8 26.58 26.79 -36.20
C PRO F 8 25.81 26.69 -34.88
N SER F 9 26.50 26.55 -33.73
CA SER F 9 25.80 26.49 -32.46
C SER F 9 25.34 27.88 -32.01
N SER F 10 26.09 28.91 -32.38
CA SER F 10 25.74 30.29 -32.08
C SER F 10 26.14 31.15 -33.27
N LEU F 11 25.41 32.25 -33.46
CA LEU F 11 25.59 33.10 -34.63
C LEU F 11 25.41 34.56 -34.26
N SER F 12 26.19 35.43 -34.91
CA SER F 12 26.11 36.87 -34.73
C SER F 12 26.11 37.53 -36.10
N ALA F 13 25.15 38.42 -36.33
CA ALA F 13 25.03 39.12 -37.61
C ALA F 13 24.46 40.52 -37.37
N SER F 14 24.74 41.43 -38.31
CA SER F 14 24.19 42.80 -38.20
C SER F 14 22.78 42.85 -38.78
N VAL F 15 22.05 43.93 -38.51
CA VAL F 15 20.66 44.08 -39.06
C VAL F 15 20.77 44.17 -40.59
N GLY F 16 19.93 43.44 -41.31
CA GLY F 16 19.92 43.48 -42.78
C GLY F 16 20.87 42.46 -43.40
N ASP F 17 21.69 41.81 -42.58
CA ASP F 17 22.61 40.75 -43.09
C ASP F 17 21.79 39.48 -43.37
N ARG F 18 22.27 38.65 -44.30
CA ARG F 18 21.58 37.37 -44.59
C ARG F 18 22.22 36.29 -43.72
N VAL F 19 21.44 35.67 -42.83
CA VAL F 19 21.98 34.63 -41.91
C VAL F 19 21.46 33.27 -42.37
N THR F 20 22.37 32.31 -42.56
CA THR F 20 21.98 30.96 -43.04
C THR F 20 22.30 29.92 -41.96
N ILE F 21 21.32 29.08 -41.63
CA ILE F 21 21.53 28.03 -40.58
C ILE F 21 21.41 26.66 -41.25
N THR F 22 22.37 25.77 -41.01
CA THR F 22 22.37 24.44 -41.70
C THR F 22 21.95 23.34 -40.72
N CYS F 23 20.98 22.51 -41.12
CA CYS F 23 20.56 21.36 -40.28
C CYS F 23 20.85 20.07 -41.05
N ARG F 24 21.50 19.10 -40.40
CA ARG F 24 21.89 17.84 -41.09
C ARG F 24 21.19 16.65 -40.44
N SER F 25 20.75 15.69 -41.25
CA SER F 25 20.04 14.49 -40.73
C SER F 25 20.96 13.27 -40.83
N SER F 26 20.95 12.42 -39.81
CA SER F 26 21.84 11.22 -39.79
C SER F 26 21.51 10.32 -40.98
N GLN F 27 20.22 10.16 -41.29
CA GLN F 27 19.83 9.36 -42.47
C GLN F 27 18.96 10.25 -43.36
N SER F 28 19.02 10.06 -44.67
CA SER F 28 18.26 10.94 -45.59
C SER F 28 16.76 10.81 -45.34
N LEU F 29 16.03 11.92 -45.31
CA LEU F 29 14.56 11.84 -45.16
C LEU F 29 13.91 12.26 -46.48
N LEU F 30 13.11 11.37 -47.07
CA LEU F 30 12.36 11.72 -48.31
C LEU F 30 10.93 11.21 -48.14
N HIS F 31 9.93 12.02 -48.46
CA HIS F 31 8.53 11.53 -48.40
C HIS F 31 8.16 10.87 -49.72
N THR F 32 9.06 10.92 -50.72
CA THR F 32 8.82 10.34 -52.09
C THR F 32 7.81 11.23 -52.83
N TYR F 33 6.60 11.37 -52.29
CA TYR F 33 5.63 12.32 -52.89
C TYR F 33 5.52 13.52 -51.94
N GLY F 34 5.81 14.71 -52.44
CA GLY F 34 5.80 15.90 -51.57
C GLY F 34 7.16 16.11 -50.91
N SER F 35 7.30 17.23 -50.18
CA SER F 35 8.58 17.56 -49.51
C SER F 35 8.74 16.71 -48.25
N PRO F 36 9.98 16.47 -47.76
CA PRO F 36 10.18 15.75 -46.50
C PRO F 36 9.62 16.55 -45.33
N TYR F 37 9.27 15.86 -44.24
CA TYR F 37 8.65 16.55 -43.09
C TYR F 37 9.75 17.18 -42.22
N LEU F 38 10.37 18.26 -42.70
CA LEU F 38 11.37 18.98 -41.86
C LEU F 38 10.76 20.30 -41.42
N ASN F 39 10.85 20.60 -40.13
CA ASN F 39 10.19 21.83 -39.62
C ASN F 39 11.22 22.69 -38.88
N TRP F 40 11.08 24.02 -38.99
CA TRP F 40 11.99 24.93 -38.25
C TRP F 40 11.18 25.59 -37.13
N TYR F 41 11.76 25.69 -35.93
CA TYR F 41 11.02 26.23 -34.77
C TYR F 41 11.76 27.45 -34.21
N LEU F 42 11.00 28.48 -33.83
CA LEU F 42 11.61 29.71 -33.27
C LEU F 42 11.28 29.78 -31.78
N GLN F 43 12.29 29.77 -30.92
CA GLN F 43 11.99 29.94 -29.47
C GLN F 43 12.61 31.24 -28.96
N LYS F 44 11.77 32.23 -28.64
CA LYS F 44 12.28 33.49 -28.04
C LYS F 44 12.60 33.19 -26.57
N PRO F 45 13.57 33.86 -25.92
CA PRO F 45 13.93 33.53 -24.54
C PRO F 45 12.75 33.73 -23.58
N GLY F 46 12.51 32.75 -22.70
CA GLY F 46 11.41 32.84 -21.73
C GLY F 46 10.05 32.61 -22.38
N GLN F 47 10.03 32.12 -23.63
CA GLN F 47 8.75 31.95 -24.37
C GLN F 47 8.68 30.54 -24.93
N SER F 48 7.47 30.06 -25.22
CA SER F 48 7.28 28.71 -25.83
C SER F 48 7.80 28.70 -27.26
N PRO F 49 8.35 27.58 -27.77
CA PRO F 49 8.78 27.50 -29.17
C PRO F 49 7.58 27.67 -30.12
N LYS F 50 7.82 28.29 -31.28
CA LYS F 50 6.72 28.51 -32.27
C LYS F 50 7.14 27.93 -33.61
N LEU F 51 6.24 27.23 -34.31
CA LEU F 51 6.59 26.74 -35.66
C LEU F 51 6.86 27.95 -36.56
N LEU F 52 7.98 27.93 -37.27
CA LEU F 52 8.33 29.05 -38.19
C LEU F 52 8.23 28.53 -39.62
N ILE F 53 8.83 27.38 -39.89
CA ILE F 53 8.83 26.81 -41.26
C ILE F 53 8.36 25.35 -41.15
N TYR F 54 7.52 24.88 -42.07
CA TYR F 54 7.10 23.45 -42.06
C TYR F 54 7.28 22.88 -43.47
N LYS F 55 7.40 21.56 -43.58
CA LYS F 55 7.49 20.90 -44.92
C LYS F 55 8.62 21.54 -45.73
N VAL F 56 9.78 21.78 -45.12
CA VAL F 56 11.01 22.31 -45.82
C VAL F 56 10.91 23.78 -46.20
N SER F 57 9.97 24.17 -47.06
CA SER F 57 9.96 25.58 -47.56
C SER F 57 8.72 26.34 -47.12
N ASN F 58 7.65 25.63 -46.75
CA ASN F 58 6.38 26.33 -46.44
C ASN F 58 6.56 27.22 -45.21
N ARG F 59 5.99 28.43 -45.25
CA ARG F 59 6.10 29.36 -44.11
C ARG F 59 4.81 29.30 -43.31
N PHE F 60 4.91 29.28 -41.98
CA PHE F 60 3.71 29.20 -41.11
C PHE F 60 2.96 30.53 -41.12
N SER F 61 1.70 30.52 -40.70
CA SER F 61 0.91 31.78 -40.65
C SER F 61 1.57 32.76 -39.69
N GLY F 62 1.62 34.04 -40.07
CA GLY F 62 2.24 35.07 -39.21
C GLY F 62 3.76 35.10 -39.33
N VAL F 63 4.31 34.41 -40.33
CA VAL F 63 5.79 34.35 -40.48
C VAL F 63 6.21 35.26 -41.65
N PRO F 64 7.16 36.19 -41.46
CA PRO F 64 7.59 37.11 -42.51
C PRO F 64 8.31 36.45 -43.70
N SER F 65 8.27 37.11 -44.86
CA SER F 65 8.87 36.56 -46.11
C SER F 65 10.39 36.39 -45.97
N ARG F 66 11.04 37.19 -45.13
CA ARG F 66 12.52 37.13 -45.01
C ARG F 66 12.90 35.71 -44.58
N PHE F 67 12.14 35.12 -43.66
CA PHE F 67 12.39 33.71 -43.26
C PHE F 67 12.04 32.79 -44.43
N SER F 68 12.95 31.87 -44.78
CA SER F 68 12.72 30.94 -45.91
C SER F 68 13.42 29.62 -45.61
N GLY F 69 12.97 28.54 -46.23
CA GLY F 69 13.60 27.23 -45.99
C GLY F 69 13.89 26.50 -47.29
N SER F 70 14.95 25.69 -47.31
CA SER F 70 15.32 24.93 -48.53
C SER F 70 16.13 23.70 -48.12
N GLY F 71 16.24 22.70 -49.00
CA GLY F 71 17.12 21.56 -48.70
C GLY F 71 16.62 20.26 -49.29
N SER F 72 17.44 19.22 -49.25
CA SER F 72 17.04 17.88 -49.78
C SER F 72 17.91 16.81 -49.11
N GLY F 73 17.46 15.55 -49.11
CA GLY F 73 18.31 14.47 -48.57
C GLY F 73 18.68 14.71 -47.13
N THR F 74 19.99 14.72 -46.84
CA THR F 74 20.46 14.91 -45.44
C THR F 74 20.58 16.39 -45.10
N ASP F 75 20.90 17.26 -46.06
CA ASP F 75 21.17 18.68 -45.73
C ASP F 75 19.97 19.60 -45.95
N PHE F 76 19.66 20.44 -44.96
CA PHE F 76 18.53 21.40 -45.08
C PHE F 76 19.02 22.75 -44.56
N THR F 77 18.41 23.86 -45.00
CA THR F 77 18.91 25.20 -44.62
C THR F 77 17.78 26.16 -44.25
N LEU F 78 18.03 27.08 -43.32
CA LEU F 78 17.03 28.12 -42.99
C LEU F 78 17.68 29.46 -43.34
N THR F 79 16.99 30.32 -44.09
CA THR F 79 17.61 31.58 -44.53
C THR F 79 16.78 32.78 -44.09
N ILE F 80 17.39 33.75 -43.42
CA ILE F 80 16.66 35.02 -43.10
C ILE F 80 17.30 36.08 -43.99
N SER F 81 16.55 36.62 -44.95
CA SER F 81 17.16 37.57 -45.93
C SER F 81 17.65 38.85 -45.23
N SER F 82 16.85 39.39 -44.31
CA SER F 82 17.26 40.59 -43.55
C SER F 82 17.16 40.31 -42.05
N LEU F 83 18.25 40.49 -41.30
CA LEU F 83 18.16 40.33 -39.83
C LEU F 83 17.37 41.51 -39.26
N GLN F 84 16.61 41.28 -38.19
CA GLN F 84 15.76 42.34 -37.60
C GLN F 84 15.94 42.29 -36.08
N PRO F 85 15.62 43.37 -35.30
CA PRO F 85 15.67 43.32 -33.85
C PRO F 85 14.73 42.23 -33.31
N GLU F 86 13.58 42.04 -33.95
CA GLU F 86 12.64 40.97 -33.55
C GLU F 86 13.29 39.60 -33.71
N ASP F 87 14.14 39.41 -34.71
CA ASP F 87 14.70 38.05 -34.99
C ASP F 87 15.89 37.71 -34.09
N PHE F 88 15.70 37.68 -32.77
CA PHE F 88 16.77 37.19 -31.86
C PHE F 88 16.14 36.03 -31.10
N ALA F 89 16.70 34.82 -31.23
CA ALA F 89 16.09 33.63 -30.59
C ALA F 89 16.91 32.38 -30.87
N VAL F 90 16.42 31.23 -30.38
CA VAL F 90 17.10 29.94 -30.69
C VAL F 90 16.30 29.29 -31.82
N TYR F 91 16.97 28.88 -32.90
CA TYR F 91 16.26 28.33 -34.08
C TYR F 91 16.48 26.82 -34.07
N PHE F 92 15.42 26.02 -34.17
CA PHE F 92 15.56 24.54 -34.03
C PHE F 92 15.06 23.82 -35.28
N CYS F 93 15.74 22.75 -35.68
CA CYS F 93 15.23 21.93 -36.82
C CYS F 93 14.72 20.60 -36.26
N SER F 94 13.54 20.17 -36.71
CA SER F 94 12.96 18.90 -36.21
C SER F 94 12.46 18.04 -37.37
N GLN F 95 12.54 16.73 -37.24
CA GLN F 95 11.99 15.83 -38.29
C GLN F 95 10.64 15.27 -37.83
N GLY F 96 9.68 15.17 -38.74
CA GLY F 96 8.37 14.53 -38.43
C GLY F 96 8.25 13.25 -39.24
N THR F 97 9.32 12.87 -39.95
CA THR F 97 9.26 11.69 -40.85
C THR F 97 9.04 10.39 -40.05
N HIS F 98 9.71 10.21 -38.92
CA HIS F 98 9.59 8.92 -38.19
C HIS F 98 9.65 9.09 -36.67
N LEU F 99 8.97 8.22 -35.92
CA LEU F 99 9.07 8.22 -34.44
C LEU F 99 10.39 7.53 -34.06
N PRO F 100 11.10 7.93 -32.99
CA PRO F 100 10.79 9.12 -32.20
C PRO F 100 11.04 10.45 -32.91
N TYR F 101 10.14 11.42 -32.71
CA TYR F 101 10.37 12.76 -33.30
C TYR F 101 11.61 13.35 -32.65
N THR F 102 12.51 13.93 -33.45
CA THR F 102 13.78 14.43 -32.88
C THR F 102 13.98 15.90 -33.22
N PHE F 103 14.68 16.62 -32.34
CA PHE F 103 14.94 18.06 -32.55
C PHE F 103 16.45 18.25 -32.60
N GLY F 104 16.93 19.24 -33.35
CA GLY F 104 18.37 19.54 -33.34
C GLY F 104 18.73 20.40 -32.14
N GLY F 105 20.02 20.49 -31.81
CA GLY F 105 20.43 21.26 -30.65
C GLY F 105 20.16 22.75 -30.73
N GLY F 106 19.85 23.27 -31.91
CA GLY F 106 19.45 24.66 -32.04
C GLY F 106 20.62 25.59 -32.28
N THR F 107 20.29 26.76 -32.84
CA THR F 107 21.26 27.77 -33.25
C THR F 107 20.88 29.09 -32.59
N LYS F 108 21.74 29.61 -31.70
CA LYS F 108 21.50 30.93 -31.13
C LYS F 108 21.87 31.98 -32.16
N VAL F 109 20.95 32.89 -32.46
CA VAL F 109 21.20 33.98 -33.39
C VAL F 109 21.22 35.27 -32.60
N GLU F 110 22.32 36.01 -32.70
CA GLU F 110 22.53 37.26 -32.01
C GLU F 110 22.70 38.39 -33.01
N ILE F 111 22.28 39.58 -32.60
CA ILE F 111 22.21 40.76 -33.47
C ILE F 111 23.42 41.64 -33.18
N LYS F 112 24.25 41.87 -34.19
CA LYS F 112 25.51 42.58 -34.02
C LYS F 112 25.29 44.06 -34.30
N ARG F 113 25.36 44.89 -33.26
CA ARG F 113 25.12 46.32 -33.34
C ARG F 113 26.43 47.08 -33.10
N THR F 114 26.33 48.40 -33.05
CA THR F 114 27.49 49.20 -32.67
C THR F 114 27.79 49.03 -31.19
N VAL F 115 29.00 49.44 -30.81
CA VAL F 115 29.40 49.33 -29.42
C VAL F 115 28.61 50.33 -28.58
N ALA F 116 28.30 49.95 -27.35
CA ALA F 116 27.62 50.82 -26.41
C ALA F 116 28.15 50.55 -25.01
N ALA F 117 28.41 51.62 -24.26
CA ALA F 117 28.93 51.52 -22.92
C ALA F 117 27.80 51.23 -21.94
N PRO F 118 28.10 50.64 -20.79
CA PRO F 118 27.07 50.39 -19.77
C PRO F 118 26.95 51.55 -18.78
N SER F 119 25.76 51.65 -18.21
CA SER F 119 25.49 52.56 -17.09
C SER F 119 25.56 51.75 -15.80
N VAL F 120 26.54 52.04 -14.96
CA VAL F 120 26.83 51.22 -13.78
C VAL F 120 26.26 51.89 -12.54
N PHE F 121 25.30 51.23 -11.90
CA PHE F 121 24.76 51.62 -10.61
C PHE F 121 25.18 50.61 -9.55
N ILE F 122 25.39 51.09 -8.33
CA ILE F 122 25.70 50.24 -7.20
C ILE F 122 24.62 50.43 -6.14
N PHE F 123 24.32 49.34 -5.43
CA PHE F 123 23.21 49.31 -4.47
C PHE F 123 23.69 48.65 -3.19
N PRO F 124 23.75 49.37 -2.07
CA PRO F 124 23.94 48.71 -0.78
C PRO F 124 22.70 47.93 -0.37
N PRO F 125 22.83 47.00 0.58
CA PRO F 125 21.68 46.19 0.99
C PRO F 125 20.67 46.95 1.84
N SER F 126 19.42 46.51 1.76
CA SER F 126 18.34 47.11 2.54
C SER F 126 18.56 46.85 4.03
N ASP F 127 17.95 47.70 4.86
CA ASP F 127 17.98 47.48 6.30
C ASP F 127 17.10 46.31 6.72
N GLU F 128 16.19 45.86 5.84
CA GLU F 128 15.44 44.65 6.13
C GLU F 128 16.33 43.42 6.03
N GLN F 129 17.33 43.46 5.14
CA GLN F 129 18.32 42.39 5.08
C GLN F 129 19.30 42.46 6.25
N LEU F 130 19.38 43.61 6.93
CA LEU F 130 20.30 43.77 8.06
C LEU F 130 19.78 43.09 9.32
N LYS F 131 18.46 42.87 9.43
CA LYS F 131 17.90 42.09 10.52
C LYS F 131 17.88 40.60 10.22
N SER F 132 18.45 40.19 9.09
CA SER F 132 18.47 38.80 8.68
C SER F 132 19.78 38.09 9.00
N GLY F 133 20.87 38.82 9.19
CA GLY F 133 22.17 38.25 9.46
C GLY F 133 23.08 38.16 8.25
N THR F 134 22.51 38.19 7.04
CA THR F 134 23.27 38.21 5.80
C THR F 134 23.12 39.56 5.12
N ALA F 135 24.00 39.82 4.16
CA ALA F 135 24.00 41.07 3.41
C ALA F 135 24.38 40.81 1.96
N SER F 136 23.85 41.64 1.06
CA SER F 136 24.15 41.50 -0.36
C SER F 136 24.12 42.86 -1.04
N VAL F 137 25.21 43.19 -1.72
CA VAL F 137 25.34 44.40 -2.54
C VAL F 137 25.36 43.96 -4.00
N VAL F 138 24.81 44.81 -4.88
CA VAL F 138 24.66 44.47 -6.28
C VAL F 138 25.21 45.60 -7.15
N CYS F 139 25.89 45.22 -8.24
CA CYS F 139 26.50 46.15 -9.19
C CYS F 139 25.80 45.98 -10.54
N LEU F 140 25.02 46.99 -10.94
CA LEU F 140 24.20 46.90 -12.14
C LEU F 140 24.98 47.38 -13.37
N LEU F 141 24.59 46.85 -14.53
CA LEU F 141 25.15 47.24 -15.82
C LEU F 141 23.99 47.27 -16.80
N ASN F 142 23.54 48.46 -17.21
CA ASN F 142 22.35 48.60 -18.02
C ASN F 142 22.72 48.87 -19.47
N ASN F 143 22.18 48.06 -20.38
CA ASN F 143 22.15 48.33 -21.82
C ASN F 143 23.52 48.56 -22.45
N PHE F 144 24.15 47.49 -22.96
CA PHE F 144 25.49 47.59 -23.53
C PHE F 144 25.66 46.56 -24.64
N TYR F 145 26.79 46.66 -25.34
CA TYR F 145 27.23 45.71 -26.36
C TYR F 145 28.72 45.90 -26.57
N PRO F 146 29.50 44.83 -26.82
CA PRO F 146 29.12 43.41 -26.92
C PRO F 146 28.89 42.77 -25.57
N ARG F 147 28.59 41.46 -25.56
CA ARG F 147 28.08 40.82 -24.36
C ARG F 147 29.13 40.68 -23.27
N GLU F 148 30.40 40.53 -23.65
CA GLU F 148 31.44 40.23 -22.67
C GLU F 148 31.81 41.47 -21.86
N ALA F 149 31.82 41.32 -20.53
CA ALA F 149 32.17 42.39 -19.61
C ALA F 149 32.81 41.78 -18.38
N LYS F 150 33.69 42.55 -17.72
CA LYS F 150 34.45 42.09 -16.57
C LYS F 150 34.05 42.91 -15.35
N VAL F 151 33.52 42.24 -14.33
CA VAL F 151 33.10 42.88 -13.08
C VAL F 151 33.99 42.32 -11.98
N GLN F 152 34.94 43.13 -11.53
CA GLN F 152 35.81 42.79 -10.41
C GLN F 152 35.28 43.50 -9.17
N TRP F 153 35.23 42.77 -8.06
CA TRP F 153 34.65 43.27 -6.81
C TRP F 153 35.77 43.61 -5.84
N LYS F 154 36.06 44.90 -5.68
CA LYS F 154 37.14 45.35 -4.82
C LYS F 154 36.64 45.56 -3.40
N VAL F 155 37.38 45.05 -2.44
CA VAL F 155 37.06 45.18 -1.01
C VAL F 155 38.23 45.91 -0.37
N ASP F 156 38.13 47.24 -0.30
CA ASP F 156 39.15 48.11 0.29
C ASP F 156 40.50 47.96 -0.44
N ASN F 157 40.46 48.20 -1.74
CA ASN F 157 41.56 48.11 -2.72
C ASN F 157 42.00 46.67 -2.98
N ALA F 158 41.51 45.68 -2.24
CA ALA F 158 41.90 44.28 -2.43
C ALA F 158 40.87 43.56 -3.28
N LEU F 159 41.33 42.54 -4.01
CA LEU F 159 40.44 41.75 -4.85
C LEU F 159 39.73 40.70 -4.02
N GLN F 160 38.41 40.64 -4.15
CA GLN F 160 37.60 39.63 -3.47
C GLN F 160 37.44 38.41 -4.37
N SER F 161 37.50 37.23 -3.77
CA SER F 161 37.45 35.98 -4.52
C SER F 161 36.02 35.61 -4.90
N GLY F 162 35.80 34.33 -5.23
CA GLY F 162 34.51 33.86 -5.67
C GLY F 162 33.40 33.97 -4.63
N ASN F 163 33.16 35.19 -4.14
CA ASN F 163 32.06 35.49 -3.23
C ASN F 163 30.95 36.26 -3.93
N SER F 164 30.81 36.07 -5.24
CA SER F 164 29.85 36.82 -6.03
C SER F 164 29.35 35.98 -7.19
N GLN F 165 28.08 36.18 -7.55
CA GLN F 165 27.45 35.53 -8.69
C GLN F 165 26.67 36.58 -9.47
N GLU F 166 26.78 36.53 -10.80
CA GLU F 166 26.16 37.50 -11.68
C GLU F 166 25.19 36.80 -12.63
N SER F 167 24.20 37.56 -13.11
CA SER F 167 23.21 37.06 -14.06
C SER F 167 23.07 38.06 -15.20
N VAL F 168 23.34 37.61 -16.42
CA VAL F 168 23.29 38.45 -17.61
C VAL F 168 21.89 38.37 -18.21
N THR F 169 21.30 39.53 -18.52
CA THR F 169 20.00 39.53 -19.17
C THR F 169 20.15 39.12 -20.64
N GLU F 170 19.02 38.89 -21.28
CA GLU F 170 19.04 38.56 -22.70
C GLU F 170 18.98 39.84 -23.54
N GLN F 171 19.28 39.69 -24.82
CA GLN F 171 19.21 40.82 -25.73
C GLN F 171 17.79 41.33 -25.85
N ASP F 172 17.61 42.65 -25.72
CA ASP F 172 16.28 43.23 -25.87
C ASP F 172 15.78 43.03 -27.30
N SER F 173 14.46 42.84 -27.42
CA SER F 173 13.80 42.79 -28.72
C SER F 173 13.66 44.16 -29.36
N LYS F 174 14.24 45.21 -28.76
CA LYS F 174 14.11 46.57 -29.27
C LYS F 174 15.47 47.18 -29.59
N ASP F 175 16.30 47.42 -28.57
CA ASP F 175 17.60 48.13 -28.78
C ASP F 175 18.76 47.15 -28.97
N SER F 176 18.56 45.89 -28.60
CA SER F 176 19.60 44.86 -28.74
C SER F 176 20.78 45.09 -27.79
N THR F 177 20.47 45.25 -26.49
CA THR F 177 21.51 45.42 -25.49
C THR F 177 21.22 44.55 -24.27
N TYR F 178 22.28 43.90 -23.76
CA TYR F 178 22.19 43.04 -22.59
C TYR F 178 22.08 43.87 -21.31
N SER F 179 22.11 43.19 -20.16
CA SER F 179 22.07 43.85 -18.86
C SER F 179 22.58 42.87 -17.81
N LEU F 180 23.80 43.12 -17.30
CA LEU F 180 24.42 42.24 -16.32
C LEU F 180 24.16 42.75 -14.91
N SER F 181 24.03 41.81 -13.97
CA SER F 181 23.74 42.13 -12.56
C SER F 181 24.57 41.20 -11.66
N SER F 182 25.60 41.76 -11.03
CA SER F 182 26.45 41.03 -10.12
C SER F 182 25.97 41.20 -8.68
N THR F 183 26.18 40.15 -7.86
CA THR F 183 25.63 40.09 -6.49
C THR F 183 26.69 39.57 -5.52
N LEU F 184 27.46 40.49 -4.93
CA LEU F 184 28.40 40.12 -3.88
C LEU F 184 27.64 39.72 -2.62
N THR F 185 28.08 38.63 -1.98
CA THR F 185 27.44 38.13 -0.77
C THR F 185 28.47 38.11 0.35
N LEU F 186 28.02 38.42 1.57
CA LEU F 186 28.91 38.52 2.72
C LEU F 186 28.10 38.46 4.01
N SER F 187 28.76 38.09 5.10
CA SER F 187 28.14 38.02 6.42
C SER F 187 27.92 39.42 6.99
N LYS F 188 26.98 39.50 7.94
CA LYS F 188 26.67 40.79 8.56
C LYS F 188 27.89 41.39 9.23
N ALA F 189 28.61 40.58 10.02
CA ALA F 189 29.82 41.06 10.68
C ALA F 189 30.90 41.41 9.67
N ASP F 190 30.88 40.76 8.50
CA ASP F 190 31.83 41.10 7.44
C ASP F 190 31.53 42.47 6.86
N TYR F 191 30.25 42.85 6.77
CA TYR F 191 29.90 44.13 6.17
C TYR F 191 30.35 45.29 7.03
N GLU F 192 30.08 45.22 8.34
CA GLU F 192 30.44 46.32 9.23
C GLU F 192 31.94 46.41 9.47
N LYS F 193 32.71 45.37 9.13
CA LYS F 193 34.16 45.42 9.33
C LYS F 193 34.81 46.38 8.35
N HIS F 194 34.42 46.33 7.08
CA HIS F 194 34.95 47.22 6.04
C HIS F 194 33.97 48.35 5.76
N LYS F 195 34.46 49.36 5.04
CA LYS F 195 33.66 50.57 4.80
C LYS F 195 33.71 51.07 3.37
N VAL F 196 34.68 50.69 2.55
CA VAL F 196 34.75 51.06 1.15
C VAL F 196 34.41 49.84 0.30
N TYR F 197 33.44 49.98 -0.60
CA TYR F 197 32.99 48.89 -1.47
C TYR F 197 32.75 49.43 -2.86
N ALA F 198 33.33 48.79 -3.88
CA ALA F 198 33.16 49.24 -5.25
C ALA F 198 33.24 48.05 -6.20
N CYS F 199 32.84 48.30 -7.44
CA CYS F 199 33.00 47.33 -8.53
C CYS F 199 33.69 48.00 -9.70
N GLU F 200 34.70 47.34 -10.25
CA GLU F 200 35.49 47.85 -11.37
C GLU F 200 34.99 47.17 -12.65
N VAL F 201 34.25 47.92 -13.45
CA VAL F 201 33.59 47.39 -14.65
C VAL F 201 34.48 47.68 -15.86
N THR F 202 34.96 46.62 -16.49
CA THR F 202 35.72 46.72 -17.75
C THR F 202 34.81 46.28 -18.89
N HIS F 203 34.53 47.20 -19.81
CA HIS F 203 33.75 46.89 -20.99
C HIS F 203 34.46 47.42 -22.22
N GLN F 204 34.26 46.73 -23.35
CA GLN F 204 34.92 47.12 -24.59
C GLN F 204 34.58 48.54 -24.99
N GLY F 205 33.41 49.03 -24.59
CA GLY F 205 33.09 50.43 -24.81
C GLY F 205 33.81 51.39 -23.88
N LEU F 206 34.61 50.90 -22.96
CA LEU F 206 35.29 51.72 -21.96
C LEU F 206 36.79 51.66 -22.16
N SER F 207 37.38 52.81 -22.52
CA SER F 207 38.83 52.89 -22.68
C SER F 207 39.54 52.79 -21.33
N SER F 208 38.93 53.29 -20.27
CA SER F 208 39.42 53.11 -18.92
C SER F 208 38.29 52.55 -18.06
N PRO F 209 38.59 51.57 -17.20
CA PRO F 209 37.52 50.93 -16.43
C PRO F 209 36.85 51.90 -15.46
N VAL F 210 35.52 51.94 -15.53
CA VAL F 210 34.72 52.83 -14.69
C VAL F 210 34.41 52.13 -13.37
N THR F 211 34.62 52.84 -12.26
CA THR F 211 34.39 52.31 -10.92
C THR F 211 33.28 53.09 -10.23
N LYS F 212 32.38 52.38 -9.57
CA LYS F 212 31.28 52.96 -8.81
C LYS F 212 31.35 52.44 -7.38
N SER F 213 31.35 53.35 -6.41
CA SER F 213 31.64 53.01 -5.02
C SER F 213 30.57 53.57 -4.09
N PHE F 214 30.67 53.17 -2.81
CA PHE F 214 29.85 53.70 -1.74
C PHE F 214 30.56 53.43 -0.41
N ASN F 215 30.33 54.30 0.57
CA ASN F 215 31.03 54.26 1.86
C ASN F 215 30.04 54.17 3.02
N ARG F 216 29.63 52.93 3.35
CA ARG F 216 28.85 52.66 4.55
C ARG F 216 27.65 53.59 4.77
N GLU G 1 -50.88 20.28 -0.55
CA GLU G 1 -49.47 20.45 -0.24
C GLU G 1 -48.96 19.33 0.65
N VAL G 2 -47.88 18.69 0.21
CA VAL G 2 -47.37 17.50 0.89
C VAL G 2 -46.93 17.86 2.30
N GLN G 3 -47.36 17.06 3.28
CA GLN G 3 -46.89 17.21 4.64
C GLN G 3 -46.44 15.86 5.17
N LEU G 4 -45.38 15.87 5.97
CA LEU G 4 -44.88 14.66 6.61
C LEU G 4 -44.52 15.00 8.06
N VAL G 5 -45.46 14.87 8.97
CA VAL G 5 -45.26 15.29 10.36
C VAL G 5 -44.74 14.09 11.16
N GLU G 6 -43.50 14.18 11.62
CA GLU G 6 -42.85 13.07 12.33
C GLU G 6 -43.00 13.23 13.84
N SER G 7 -42.97 12.10 14.54
CA SER G 7 -43.04 12.08 15.99
C SER G 7 -42.38 10.79 16.48
N GLY G 8 -42.14 10.75 17.79
CA GLY G 8 -41.63 9.56 18.45
C GLY G 8 -40.15 9.60 18.78
N GLY G 9 -39.41 10.59 18.35
CA GLY G 9 -37.99 10.63 18.67
C GLY G 9 -37.73 10.98 20.13
N GLY G 10 -36.50 10.72 20.56
CA GLY G 10 -36.06 11.23 21.85
C GLY G 10 -34.90 10.41 22.39
N LEU G 11 -34.77 10.48 23.71
CA LEU G 11 -33.69 9.80 24.43
C LEU G 11 -34.10 8.36 24.70
N VAL G 12 -33.14 7.45 24.55
CA VAL G 12 -33.38 6.01 24.74
C VAL G 12 -32.08 5.35 25.18
N GLN G 13 -32.17 4.52 26.22
CA GLN G 13 -31.00 3.82 26.73
C GLN G 13 -30.45 2.84 25.70
N PRO G 14 -29.14 2.62 25.69
CA PRO G 14 -28.59 1.61 24.77
C PRO G 14 -29.19 0.24 25.03
N GLY G 15 -29.60 -0.43 23.96
CA GLY G 15 -30.35 -1.65 24.05
C GLY G 15 -31.86 -1.47 24.04
N GLY G 16 -32.36 -0.27 24.29
CA GLY G 16 -33.78 -0.03 24.26
C GLY G 16 -34.34 0.00 22.85
N SER G 17 -35.57 0.48 22.74
CA SER G 17 -36.27 0.55 21.47
C SER G 17 -37.08 1.83 21.40
N LEU G 18 -37.25 2.32 20.18
CA LEU G 18 -38.13 3.46 19.91
C LEU G 18 -39.01 3.13 18.71
N ARG G 19 -40.14 3.83 18.65
CA ARG G 19 -41.05 3.68 17.52
C ARG G 19 -41.32 5.07 16.96
N LEU G 20 -40.68 5.37 15.83
CA LEU G 20 -40.90 6.62 15.12
C LEU G 20 -42.19 6.57 14.33
N SER G 21 -42.88 7.69 14.27
CA SER G 21 -44.10 7.78 13.50
C SER G 21 -43.99 8.93 12.50
N CYS G 22 -44.77 8.84 11.44
CA CYS G 22 -44.73 9.85 10.38
C CYS G 22 -46.08 9.87 9.72
N ALA G 23 -46.82 10.96 9.93
CA ALA G 23 -48.21 11.11 9.47
C ALA G 23 -48.22 11.93 8.19
N ALA G 24 -48.64 11.30 7.09
CA ALA G 24 -48.61 11.91 5.77
C ALA G 24 -49.96 12.54 5.43
N SER G 25 -49.88 13.69 4.76
CA SER G 25 -51.05 14.33 4.18
C SER G 25 -50.67 15.07 2.89
N GLY G 26 -51.70 15.36 2.10
CA GLY G 26 -51.53 16.16 0.91
C GLY G 26 -51.19 15.38 -0.34
N PHE G 27 -51.19 14.06 -0.26
CA PHE G 27 -50.96 13.26 -1.46
C PHE G 27 -51.60 11.91 -1.24
N THR G 28 -51.60 11.07 -2.28
CA THR G 28 -52.27 9.77 -2.17
C THR G 28 -51.25 8.77 -1.61
N PHE G 29 -51.27 8.63 -0.27
CA PHE G 29 -50.18 7.99 0.44
C PHE G 29 -49.91 6.58 -0.07
N SER G 30 -50.97 5.80 -0.34
CA SER G 30 -50.77 4.40 -0.68
C SER G 30 -50.15 4.17 -2.05
N ASN G 31 -49.96 5.22 -2.86
CA ASN G 31 -49.43 5.09 -4.21
C ASN G 31 -47.92 5.22 -4.29
N TYR G 32 -47.23 5.56 -3.19
CA TYR G 32 -45.80 5.78 -3.26
C TYR G 32 -45.04 4.89 -2.30
N TRP G 33 -43.83 4.49 -2.72
CA TRP G 33 -42.86 3.95 -1.80
C TRP G 33 -42.55 5.00 -0.72
N MET G 34 -42.14 4.51 0.44
CA MET G 34 -41.90 5.33 1.61
C MET G 34 -40.55 4.91 2.18
N SER G 35 -39.85 5.84 2.80
CA SER G 35 -38.48 5.58 3.20
C SER G 35 -38.14 6.33 4.48
N TRP G 36 -37.14 5.82 5.20
CA TRP G 36 -36.52 6.58 6.28
C TRP G 36 -35.04 6.82 5.98
N VAL G 37 -34.58 8.03 6.27
CA VAL G 37 -33.19 8.45 6.11
C VAL G 37 -32.74 9.08 7.43
N ARG G 38 -31.50 8.83 7.82
CA ARG G 38 -30.99 9.42 9.04
C ARG G 38 -29.74 10.21 8.74
N GLN G 39 -29.40 11.10 9.67
CA GLN G 39 -28.26 11.99 9.52
C GLN G 39 -27.48 12.05 10.82
N SER G 40 -26.18 11.81 10.75
CA SER G 40 -25.29 11.84 11.89
C SER G 40 -24.03 12.58 11.50
N PRO G 41 -23.32 13.16 12.47
CA PRO G 41 -22.04 13.82 12.14
C PRO G 41 -21.03 12.87 11.51
N GLU G 42 -20.87 11.66 12.05
CA GLU G 42 -19.85 10.75 11.51
C GLU G 42 -20.22 10.29 10.10
N LYS G 43 -21.43 9.79 9.90
CA LYS G 43 -21.78 9.09 8.67
C LYS G 43 -22.64 9.91 7.69
N GLY G 44 -22.95 11.17 8.00
CA GLY G 44 -23.66 12.00 7.03
C GLY G 44 -25.10 11.56 6.85
N LEU G 45 -25.58 11.62 5.62
CA LEU G 45 -26.92 11.13 5.29
C LEU G 45 -26.80 9.67 4.94
N GLU G 46 -27.65 8.84 5.55
CA GLU G 46 -27.64 7.42 5.24
C GLU G 46 -29.08 6.92 5.16
N TRP G 47 -29.40 6.32 4.04
CA TRP G 47 -30.69 5.66 3.89
C TRP G 47 -30.82 4.54 4.93
N VAL G 48 -31.99 4.40 5.51
CA VAL G 48 -32.24 3.44 6.58
C VAL G 48 -33.09 2.27 6.10
N SER G 49 -34.25 2.55 5.50
CA SER G 49 -35.15 1.49 5.05
C SER G 49 -36.21 2.06 4.14
N GLU G 50 -36.84 1.13 3.40
CA GLU G 50 -37.83 1.37 2.38
C GLU G 50 -38.97 0.37 2.53
N ILE G 51 -40.19 0.82 2.25
CA ILE G 51 -41.34 -0.06 2.11
C ILE G 51 -42.07 0.32 0.83
N ARG G 52 -42.50 -0.70 0.08
CA ARG G 52 -43.09 -0.51 -1.22
C ARG G 52 -44.60 -0.61 -1.10
N LEU G 53 -45.28 -0.84 -2.23
CA LEU G 53 -46.72 -0.79 -2.29
C LEU G 53 -47.33 -2.13 -1.91
N ARG G 54 -48.63 -2.09 -1.63
CA ARG G 54 -49.43 -3.30 -1.56
C ARG G 54 -49.25 -4.17 -2.80
N SER G 55 -49.27 -3.56 -4.00
CA SER G 55 -49.09 -4.33 -5.23
C SER G 55 -47.66 -4.84 -5.39
N ASP G 56 -46.74 -4.42 -4.52
CA ASP G 56 -45.41 -5.02 -4.43
C ASP G 56 -45.27 -5.91 -3.20
N ASN G 57 -46.37 -6.46 -2.69
CA ASN G 57 -46.33 -7.31 -1.51
C ASN G 57 -45.76 -6.56 -0.32
N TYR G 58 -45.92 -5.23 -0.28
CA TYR G 58 -45.36 -4.42 0.79
C TYR G 58 -43.89 -4.74 1.03
N ALA G 59 -43.13 -4.96 -0.05
CA ALA G 59 -41.70 -5.36 0.08
C ALA G 59 -40.93 -4.39 0.96
N THR G 60 -40.13 -4.92 1.89
CA THR G 60 -39.35 -4.08 2.82
C THR G 60 -37.86 -4.27 2.56
N HIS G 61 -37.10 -3.19 2.52
CA HIS G 61 -35.63 -3.27 2.30
C HIS G 61 -34.94 -2.46 3.40
N TYR G 62 -33.77 -2.90 3.87
CA TYR G 62 -33.11 -2.23 5.03
C TYR G 62 -31.60 -2.12 4.81
N ALA G 63 -30.98 -1.14 5.47
CA ALA G 63 -29.51 -1.02 5.41
C ALA G 63 -28.91 -2.14 6.26
N GLU G 64 -27.70 -2.58 5.95
CA GLU G 64 -27.08 -3.73 6.66
C GLU G 64 -26.89 -3.40 8.15
N SER G 65 -26.56 -2.15 8.47
CA SER G 65 -26.33 -1.74 9.88
C SER G 65 -27.61 -1.92 10.70
N VAL G 66 -28.77 -1.61 10.12
CA VAL G 66 -30.05 -1.66 10.89
C VAL G 66 -30.81 -2.97 10.66
N LYS G 67 -30.30 -3.85 9.80
CA LYS G 67 -31.07 -5.09 9.46
C LYS G 67 -31.23 -6.01 10.67
N GLY G 68 -32.44 -6.49 10.93
CA GLY G 68 -32.69 -7.42 12.04
C GLY G 68 -33.07 -6.73 13.33
N ARG G 69 -32.87 -5.42 13.41
CA ARG G 69 -33.27 -4.65 14.63
C ARG G 69 -34.31 -3.60 14.25
N PHE G 70 -34.43 -3.28 12.96
CA PHE G 70 -35.35 -2.19 12.56
C PHE G 70 -36.49 -2.76 11.73
N THR G 71 -37.72 -2.31 11.98
CA THR G 71 -38.88 -2.75 11.16
C THR G 71 -39.60 -1.52 10.60
N ILE G 72 -39.86 -1.50 9.29
CA ILE G 72 -40.62 -0.37 8.68
C ILE G 72 -42.04 -0.86 8.39
N SER G 73 -43.04 -0.08 8.79
CA SER G 73 -44.45 -0.49 8.61
C SER G 73 -45.22 0.68 8.02
N ARG G 74 -46.26 0.40 7.24
CA ARG G 74 -47.11 1.50 6.71
C ARG G 74 -48.59 1.23 7.03
N ASP G 75 -49.29 2.24 7.53
CA ASP G 75 -50.77 2.09 7.70
C ASP G 75 -51.38 2.97 6.62
N ASN G 76 -51.87 2.36 5.54
CA ASN G 76 -52.43 3.13 4.41
C ASN G 76 -53.70 3.87 4.88
N SER G 77 -54.51 3.22 5.72
CA SER G 77 -55.78 3.83 6.20
C SER G 77 -55.49 5.09 7.01
N LYS G 78 -54.46 5.06 7.85
CA LYS G 78 -54.11 6.24 8.67
C LYS G 78 -53.14 7.15 7.92
N ASN G 79 -52.70 6.74 6.72
CA ASN G 79 -51.68 7.51 5.95
C ASN G 79 -50.45 7.70 6.85
N THR G 80 -50.02 6.65 7.55
CA THR G 80 -48.92 6.80 8.53
C THR G 80 -47.77 5.83 8.24
N LEU G 81 -46.53 6.27 8.42
CA LEU G 81 -45.34 5.42 8.23
C LEU G 81 -44.68 5.22 9.59
N TYR G 82 -44.16 4.03 9.87
CA TYR G 82 -43.59 3.76 11.21
C TYR G 82 -42.18 3.17 11.11
N LEU G 83 -41.32 3.49 12.07
CA LEU G 83 -39.98 2.86 12.13
C LEU G 83 -39.76 2.30 13.53
N GLN G 84 -39.86 0.98 13.68
CA GLN G 84 -39.62 0.34 14.97
C GLN G 84 -38.14 0.05 15.06
N MET G 85 -37.44 0.73 15.98
CA MET G 85 -35.99 0.58 16.11
C MET G 85 -35.64 -0.08 17.42
N ASN G 86 -35.10 -1.29 17.37
CA ASN G 86 -34.74 -2.07 18.55
C ASN G 86 -33.24 -2.08 18.72
N SER G 87 -32.82 -2.42 19.94
CA SER G 87 -31.42 -2.71 20.24
C SER G 87 -30.53 -1.53 19.86
N LEU G 88 -30.94 -0.34 20.27
CA LEU G 88 -30.31 0.88 19.77
C LEU G 88 -28.91 1.08 20.34
N ARG G 89 -27.98 1.37 19.43
CA ARG G 89 -26.59 1.64 19.85
C ARG G 89 -26.26 3.09 19.52
N ALA G 90 -25.16 3.60 20.06
CA ALA G 90 -24.72 4.96 19.81
C ALA G 90 -24.61 5.25 18.32
N GLU G 91 -24.37 4.21 17.50
CA GLU G 91 -24.39 4.30 16.04
C GLU G 91 -25.71 4.81 15.49
N ASP G 92 -26.78 4.73 16.26
CA ASP G 92 -28.10 5.09 15.74
C ASP G 92 -28.50 6.51 16.09
N THR G 93 -27.76 7.17 16.97
CA THR G 93 -28.05 8.56 17.30
C THR G 93 -28.03 9.42 16.03
N GLY G 94 -29.01 10.28 15.91
CA GLY G 94 -29.05 11.21 14.81
C GLY G 94 -30.47 11.65 14.56
N ILE G 95 -30.63 12.38 13.46
CA ILE G 95 -31.92 12.90 13.03
C ILE G 95 -32.50 11.96 11.97
N TYR G 96 -33.76 11.56 12.17
CA TYR G 96 -34.44 10.59 11.29
C TYR G 96 -35.46 11.32 10.44
N TYR G 97 -35.36 11.14 9.14
CA TYR G 97 -36.25 11.78 8.18
C TYR G 97 -37.20 10.77 7.58
N CYS G 98 -38.45 11.14 7.55
CA CYS G 98 -39.50 10.46 6.79
C CYS G 98 -39.52 11.06 5.39
N CYS G 99 -39.50 10.20 4.35
CA CYS G 99 -39.45 10.62 2.94
C CYS G 99 -40.41 9.83 2.08
N THR G 100 -41.14 10.53 1.21
CA THR G 100 -41.75 9.86 0.07
C THR G 100 -40.68 9.52 -0.97
N TYR G 101 -40.91 8.44 -1.72
CA TYR G 101 -39.89 7.96 -2.63
C TYR G 101 -40.46 7.76 -4.03
N PHE G 102 -39.82 8.42 -5.03
CA PHE G 102 -40.20 8.27 -6.44
C PHE G 102 -38.91 8.49 -7.24
N TYR G 103 -38.13 7.41 -7.40
CA TYR G 103 -36.76 7.47 -7.93
C TYR G 103 -35.88 8.47 -7.18
N SER G 104 -36.28 8.85 -5.97
CA SER G 104 -35.62 9.95 -5.25
C SER G 104 -36.41 10.20 -3.97
N PHE G 105 -35.76 10.78 -2.96
CA PHE G 105 -36.47 11.22 -1.76
C PHE G 105 -37.03 12.60 -2.07
N SER G 106 -38.25 12.65 -2.57
CA SER G 106 -38.76 13.90 -3.11
C SER G 106 -39.27 14.85 -2.04
N TYR G 107 -39.79 14.35 -0.92
CA TYR G 107 -40.22 15.20 0.17
C TYR G 107 -39.73 14.63 1.49
N TRP G 108 -39.30 15.51 2.39
CA TRP G 108 -38.72 15.08 3.66
C TRP G 108 -39.52 15.69 4.79
N GLY G 109 -39.81 14.88 5.82
CA GLY G 109 -40.38 15.41 7.04
C GLY G 109 -39.40 16.31 7.78
N GLN G 110 -39.93 16.95 8.84
CA GLN G 110 -39.11 17.91 9.58
C GLN G 110 -37.98 17.24 10.34
N GLY G 111 -38.04 15.94 10.56
CA GLY G 111 -36.95 15.26 11.24
C GLY G 111 -37.17 15.17 12.74
N THR G 112 -36.78 14.04 13.33
CA THR G 112 -36.89 13.83 14.77
C THR G 112 -35.55 13.30 15.27
N LEU G 113 -35.12 13.77 16.44
CA LEU G 113 -33.81 13.43 16.94
C LEU G 113 -33.91 12.21 17.85
N VAL G 114 -33.03 11.24 17.60
CA VAL G 114 -32.91 10.05 18.42
C VAL G 114 -31.56 10.10 19.13
N THR G 115 -31.58 10.01 20.46
CA THR G 115 -30.37 10.10 21.26
C THR G 115 -30.21 8.81 22.08
N VAL G 116 -29.11 8.12 21.87
CA VAL G 116 -28.86 6.81 22.48
C VAL G 116 -27.80 7.03 23.56
N SER G 117 -28.24 7.24 24.79
CA SER G 117 -27.28 7.51 25.85
C SER G 117 -27.76 6.87 27.13
N SER G 118 -26.81 6.43 27.96
CA SER G 118 -27.16 6.00 29.31
C SER G 118 -27.48 7.17 30.20
N ALA G 119 -27.33 8.40 29.72
CA ALA G 119 -27.54 9.55 30.59
C ALA G 119 -29.03 9.82 30.75
N SER G 120 -29.36 10.46 31.86
CA SER G 120 -30.72 10.77 32.25
C SER G 120 -31.12 12.17 31.77
N THR G 121 -32.40 12.33 31.46
CA THR G 121 -32.88 13.64 31.04
C THR G 121 -32.89 14.64 32.20
N LYS G 122 -32.70 15.91 31.86
CA LYS G 122 -32.73 17.02 32.80
C LYS G 122 -33.12 18.28 32.05
N GLY G 123 -34.08 19.02 32.59
CA GLY G 123 -34.53 20.26 31.99
C GLY G 123 -33.60 21.41 32.30
N PRO G 124 -33.65 22.46 31.48
CA PRO G 124 -32.72 23.58 31.67
C PRO G 124 -33.28 24.68 32.54
N SER G 125 -32.41 25.28 33.34
CA SER G 125 -32.74 26.57 33.92
C SER G 125 -32.53 27.63 32.85
N VAL G 126 -33.38 28.65 32.85
CA VAL G 126 -33.41 29.68 31.83
C VAL G 126 -33.15 31.00 32.50
N PHE G 127 -32.01 31.62 32.22
CA PHE G 127 -31.58 32.88 32.79
C PHE G 127 -31.56 33.97 31.72
N PRO G 128 -31.86 35.21 32.09
CA PRO G 128 -31.94 36.27 31.09
C PRO G 128 -30.55 36.77 30.70
N LEU G 129 -30.52 37.57 29.63
CA LEU G 129 -29.36 38.36 29.26
C LEU G 129 -29.92 39.75 28.96
N ALA G 130 -30.06 40.55 30.00
CA ALA G 130 -30.71 41.85 29.90
C ALA G 130 -29.80 42.85 29.19
N PRO G 131 -30.35 43.64 28.28
CA PRO G 131 -29.57 44.69 27.63
C PRO G 131 -29.20 45.77 28.63
N SER G 132 -28.31 46.67 28.20
CA SER G 132 -27.85 47.77 29.03
C SER G 132 -27.13 48.76 28.14
N SER G 133 -26.62 49.83 28.76
CA SER G 133 -25.85 50.84 28.04
C SER G 133 -24.67 50.21 27.30
N LYS G 134 -24.04 49.20 27.91
CA LYS G 134 -22.90 48.55 27.28
C LYS G 134 -23.34 47.54 26.22
N SER G 135 -24.55 46.99 26.38
CA SER G 135 -25.10 46.00 25.41
C SER G 135 -26.00 46.70 24.41
N THR G 136 -25.60 47.89 23.96
CA THR G 136 -26.38 48.67 22.98
C THR G 136 -25.41 49.53 22.19
N SER G 137 -25.36 49.32 20.87
CA SER G 137 -24.38 49.99 20.00
C SER G 137 -25.11 50.82 18.95
N GLY G 138 -25.11 52.14 19.13
CA GLY G 138 -25.74 53.03 18.18
C GLY G 138 -27.24 52.84 18.09
N GLY G 139 -27.91 52.87 19.24
CA GLY G 139 -29.35 52.69 19.25
C GLY G 139 -29.83 51.31 18.90
N THR G 140 -29.03 50.28 19.17
CA THR G 140 -29.40 48.89 18.91
C THR G 140 -28.83 48.02 20.01
N ALA G 141 -29.71 47.40 20.80
CA ALA G 141 -29.34 46.62 21.97
C ALA G 141 -29.53 45.12 21.71
N ALA G 142 -28.95 44.30 22.59
CA ALA G 142 -29.00 42.86 22.51
C ALA G 142 -29.60 42.28 23.78
N LEU G 143 -30.69 41.54 23.64
CA LEU G 143 -31.36 40.86 24.75
C LEU G 143 -31.33 39.37 24.49
N GLY G 144 -30.80 38.60 25.43
CA GLY G 144 -30.59 37.18 25.23
C GLY G 144 -31.23 36.35 26.33
N CYS G 145 -31.22 35.03 26.10
CA CYS G 145 -31.63 34.04 27.07
C CYS G 145 -30.54 32.97 27.14
N LEU G 146 -30.11 32.62 28.35
CA LEU G 146 -29.07 31.61 28.55
C LEU G 146 -29.74 30.32 29.03
N VAL G 147 -29.85 29.37 28.09
CA VAL G 147 -30.42 28.05 28.37
C VAL G 147 -29.27 27.13 28.74
N LYS G 148 -29.18 26.73 30.01
CA LYS G 148 -28.00 26.06 30.54
C LYS G 148 -28.38 24.82 31.34
N ASP G 149 -27.56 23.78 31.18
CA ASP G 149 -27.64 22.52 31.92
C ASP G 149 -28.86 21.68 31.57
N TYR G 150 -28.91 21.15 30.35
CA TYR G 150 -29.96 20.23 29.96
C TYR G 150 -29.36 19.06 29.19
N PHE G 151 -30.14 17.99 29.07
CA PHE G 151 -29.78 16.84 28.27
C PHE G 151 -31.03 16.02 28.06
N PRO G 152 -31.28 15.52 26.85
CA PRO G 152 -30.48 15.71 25.62
C PRO G 152 -30.90 16.94 24.84
N GLU G 153 -30.25 17.19 23.71
CA GLU G 153 -30.81 18.09 22.71
C GLU G 153 -32.14 17.51 22.22
N PRO G 154 -33.00 18.35 21.62
CA PRO G 154 -32.86 19.79 21.42
C PRO G 154 -33.82 20.61 22.28
N VAL G 155 -33.57 21.90 22.33
CA VAL G 155 -34.54 22.87 22.82
C VAL G 155 -34.94 23.74 21.63
N THR G 156 -36.16 24.26 21.67
CA THR G 156 -36.66 25.22 20.69
C THR G 156 -36.78 26.58 21.36
N VAL G 157 -36.20 27.61 20.73
CA VAL G 157 -36.18 28.96 21.30
C VAL G 157 -36.75 29.92 20.27
N SER G 158 -37.88 30.53 20.60
CA SER G 158 -38.50 31.57 19.79
C SER G 158 -38.66 32.83 20.64
N TRP G 159 -39.12 33.91 19.99
CA TRP G 159 -39.21 35.21 20.64
C TRP G 159 -40.56 35.84 20.30
N ASN G 160 -41.26 36.32 21.34
CA ASN G 160 -42.61 36.85 21.18
C ASN G 160 -43.52 35.85 20.46
N SER G 161 -43.36 34.58 20.81
CA SER G 161 -44.22 33.50 20.31
C SER G 161 -44.34 33.52 18.78
N GLY G 162 -43.20 33.75 18.11
CA GLY G 162 -43.13 33.74 16.66
C GLY G 162 -43.25 35.10 16.01
N ALA G 163 -43.82 36.09 16.69
CA ALA G 163 -43.99 37.41 16.10
C ALA G 163 -42.70 38.20 16.04
N LEU G 164 -41.58 37.67 16.57
CA LEU G 164 -40.30 38.37 16.58
C LEU G 164 -39.20 37.42 16.11
N THR G 165 -38.93 37.44 14.81
CA THR G 165 -37.87 36.64 14.23
C THR G 165 -36.72 37.48 13.69
N SER G 166 -36.94 38.78 13.51
CA SER G 166 -35.89 39.67 12.99
C SER G 166 -34.72 39.82 13.98
N GLY G 167 -33.51 39.46 13.57
CA GLY G 167 -32.31 39.67 14.42
C GLY G 167 -32.00 38.54 15.38
N VAL G 168 -32.79 37.46 15.40
CA VAL G 168 -32.55 36.39 16.41
C VAL G 168 -31.28 35.60 16.04
N HIS G 169 -30.51 35.19 17.06
CA HIS G 169 -29.27 34.41 16.83
C HIS G 169 -29.22 33.20 17.75
N THR G 170 -30.01 32.16 17.47
CA THR G 170 -29.91 30.92 18.29
C THR G 170 -28.53 30.30 18.02
N PHE G 171 -27.85 29.83 19.05
CA PHE G 171 -26.47 29.32 18.88
C PHE G 171 -26.44 27.80 19.06
N PRO G 172 -25.56 27.09 18.35
CA PRO G 172 -25.43 25.64 18.54
C PRO G 172 -25.06 25.30 19.99
N ALA G 173 -25.71 24.27 20.53
CA ALA G 173 -25.45 23.87 21.93
C ALA G 173 -24.01 23.36 22.07
N VAL G 174 -23.39 23.63 23.22
CA VAL G 174 -22.02 23.12 23.46
C VAL G 174 -22.08 22.15 24.64
N LEU G 175 -21.54 20.94 24.48
CA LEU G 175 -21.48 19.97 25.60
C LEU G 175 -20.32 20.39 26.51
N GLN G 176 -20.57 20.50 27.82
CA GLN G 176 -19.52 20.96 28.77
C GLN G 176 -18.71 19.75 29.25
N SER G 177 -17.90 19.93 30.29
CA SER G 177 -17.18 18.76 30.86
C SER G 177 -18.23 17.77 31.34
N SER G 178 -19.31 18.26 31.93
CA SER G 178 -20.44 17.39 32.33
C SER G 178 -21.26 17.01 31.09
N GLY G 179 -22.09 15.98 31.18
CA GLY G 179 -22.91 15.53 30.03
C GLY G 179 -23.92 16.57 29.60
N LEU G 180 -24.18 17.57 30.43
CA LEU G 180 -25.22 18.60 30.13
C LEU G 180 -24.78 19.52 28.99
N TYR G 181 -25.74 20.23 28.39
CA TYR G 181 -25.45 21.11 27.23
C TYR G 181 -25.82 22.55 27.57
N SER G 182 -25.16 23.52 26.92
CA SER G 182 -25.52 24.94 27.13
C SER G 182 -25.85 25.60 25.79
N LEU G 183 -26.93 26.37 25.72
CA LEU G 183 -27.36 27.03 24.46
C LEU G 183 -27.63 28.52 24.75
N SER G 184 -27.34 29.40 23.79
CA SER G 184 -27.65 30.84 23.98
C SER G 184 -28.40 31.39 22.76
N SER G 185 -29.43 32.21 22.96
CA SER G 185 -30.10 32.87 21.82
C SER G 185 -30.18 34.38 22.09
N VAL G 186 -29.70 35.21 21.14
CA VAL G 186 -29.67 36.69 21.36
C VAL G 186 -30.41 37.39 20.22
N VAL G 187 -31.37 38.26 20.56
CA VAL G 187 -32.12 39.01 19.51
C VAL G 187 -31.66 40.46 19.55
N THR G 188 -31.33 41.04 18.39
CA THR G 188 -30.93 42.47 18.35
C THR G 188 -32.19 43.33 18.23
N VAL G 189 -32.47 44.16 19.23
CA VAL G 189 -33.71 44.99 19.23
C VAL G 189 -33.33 46.45 19.49
N PRO G 190 -34.04 47.44 18.90
CA PRO G 190 -33.66 48.85 19.08
C PRO G 190 -33.73 49.31 20.53
N SER G 191 -32.82 50.19 20.94
CA SER G 191 -32.79 50.72 22.33
C SER G 191 -34.10 51.47 22.63
N SER G 192 -34.65 52.18 21.63
CA SER G 192 -35.87 52.98 21.83
C SER G 192 -37.04 52.08 22.26
N SER G 193 -37.18 50.91 21.66
CA SER G 193 -38.33 50.02 21.94
C SER G 193 -38.22 49.32 23.30
N LEU G 194 -37.05 49.32 23.94
CA LEU G 194 -36.90 48.53 25.20
C LEU G 194 -37.90 48.99 26.25
N GLY G 195 -38.11 50.30 26.39
CA GLY G 195 -38.99 50.81 27.46
C GLY G 195 -40.43 50.35 27.31
N THR G 196 -40.97 50.37 26.09
CA THR G 196 -42.41 50.03 25.91
C THR G 196 -42.60 48.56 25.52
N GLN G 197 -41.83 48.05 24.56
CA GLN G 197 -42.05 46.67 24.06
C GLN G 197 -41.62 45.63 25.10
N THR G 198 -42.39 44.55 25.22
CA THR G 198 -42.01 43.45 26.15
C THR G 198 -41.47 42.29 25.32
N TYR G 199 -40.37 41.67 25.78
CA TYR G 199 -39.76 40.56 25.02
C TYR G 199 -39.78 39.28 25.86
N ILE G 200 -40.35 38.20 25.31
CA ILE G 200 -40.40 36.91 26.03
C ILE G 200 -39.70 35.84 25.20
N CYS G 201 -38.77 35.09 25.79
CA CYS G 201 -38.19 33.96 25.00
C CYS G 201 -38.98 32.70 25.36
N ASN G 202 -39.58 32.09 24.34
CA ASN G 202 -40.37 30.86 24.57
C ASN G 202 -39.42 29.69 24.38
N VAL G 203 -39.03 29.05 25.50
CA VAL G 203 -38.05 27.92 25.42
C VAL G 203 -38.84 26.63 25.69
N ASN G 204 -38.81 25.69 24.75
CA ASN G 204 -39.49 24.40 24.99
C ASN G 204 -38.46 23.27 24.97
N HIS G 205 -38.41 22.48 26.03
CA HIS G 205 -37.54 21.28 26.04
C HIS G 205 -38.49 20.09 26.14
N LYS G 206 -38.89 19.54 24.99
CA LYS G 206 -39.87 18.42 24.98
C LYS G 206 -39.35 17.17 25.69
N PRO G 207 -38.06 16.75 25.60
CA PRO G 207 -37.61 15.57 26.35
C PRO G 207 -37.84 15.69 27.87
N SER G 208 -37.63 16.86 28.44
CA SER G 208 -37.84 17.05 29.90
C SER G 208 -39.19 17.72 30.17
N ASN G 209 -39.99 17.93 29.12
CA ASN G 209 -41.34 18.57 29.25
C ASN G 209 -41.22 19.88 30.02
N THR G 210 -40.12 20.63 29.82
CA THR G 210 -39.96 21.95 30.48
C THR G 210 -40.28 23.04 29.45
N LYS G 211 -41.49 23.60 29.51
CA LYS G 211 -41.81 24.72 28.58
C LYS G 211 -41.81 26.01 29.42
N VAL G 212 -40.89 26.93 29.14
CA VAL G 212 -40.76 28.15 29.99
C VAL G 212 -40.79 29.40 29.11
N ASP G 213 -41.63 30.37 29.47
CA ASP G 213 -41.60 31.67 28.75
C ASP G 213 -40.91 32.66 29.68
N LYS G 214 -39.76 33.19 29.30
CA LYS G 214 -39.00 34.07 30.22
C LYS G 214 -38.97 35.49 29.69
N ARG G 215 -39.46 36.45 30.48
CA ARG G 215 -39.41 37.87 30.05
C ARG G 215 -38.04 38.45 30.39
N VAL G 216 -37.36 39.02 29.39
CA VAL G 216 -36.07 39.70 29.68
C VAL G 216 -36.40 41.16 30.02
N GLU G 217 -36.29 41.53 31.29
CA GLU G 217 -36.67 42.88 31.71
C GLU G 217 -35.54 43.84 31.42
N PRO G 218 -35.80 44.96 30.74
CA PRO G 218 -34.75 45.93 30.43
C PRO G 218 -34.07 46.43 31.71
N LYS G 219 -32.74 46.31 31.74
CA LYS G 219 -31.95 46.67 32.91
C LYS G 219 -30.88 47.69 32.56
N GLU H 1 -21.62 -2.17 -2.97
CA GLU H 1 -22.56 -1.04 -3.08
C GLU H 1 -21.99 0.12 -3.90
N LEU H 2 -22.89 0.97 -4.37
CA LEU H 2 -22.55 2.16 -5.15
C LEU H 2 -21.99 3.23 -4.22
N GLN H 3 -20.68 3.44 -4.25
CA GLN H 3 -20.07 4.53 -3.49
C GLN H 3 -20.20 5.84 -4.29
N MET H 4 -20.62 6.90 -3.59
CA MET H 4 -20.84 8.24 -4.13
C MET H 4 -19.78 9.16 -3.54
N THR H 5 -18.96 9.78 -4.39
CA THR H 5 -17.89 10.68 -3.95
C THR H 5 -18.10 12.09 -4.52
N GLN H 6 -18.12 13.10 -3.65
CA GLN H 6 -18.32 14.47 -4.09
C GLN H 6 -17.05 15.29 -3.96
N SER H 7 -17.04 16.42 -4.66
CA SER H 7 -15.85 17.24 -4.85
C SER H 7 -16.24 18.64 -5.29
N PRO H 8 -15.72 19.70 -4.65
CA PRO H 8 -14.82 19.69 -3.48
C PRO H 8 -15.60 19.50 -2.18
N SER H 9 -14.92 19.33 -1.03
CA SER H 9 -15.66 19.13 0.21
C SER H 9 -16.35 20.42 0.64
N SER H 10 -15.75 21.56 0.38
CA SER H 10 -16.39 22.84 0.58
C SER H 10 -15.76 23.84 -0.37
N LEU H 11 -16.54 24.84 -0.77
CA LEU H 11 -16.03 25.93 -1.58
C LEU H 11 -16.68 27.23 -1.11
N SER H 12 -15.97 28.33 -1.35
CA SER H 12 -16.52 29.67 -1.11
C SER H 12 -16.46 30.44 -2.42
N ALA H 13 -17.62 30.92 -2.88
CA ALA H 13 -17.70 31.71 -4.10
C ALA H 13 -18.38 33.04 -3.79
N SER H 14 -18.09 34.04 -4.61
CA SER H 14 -18.76 35.33 -4.46
C SER H 14 -20.12 35.32 -5.15
N VAL H 15 -20.94 36.32 -4.82
CA VAL H 15 -22.27 36.42 -5.43
C VAL H 15 -22.12 36.67 -6.91
N GLY H 16 -22.93 35.96 -7.71
CA GLY H 16 -22.87 36.07 -9.15
C GLY H 16 -21.87 35.15 -9.81
N ASP H 17 -21.01 34.50 -9.03
CA ASP H 17 -20.07 33.55 -9.58
C ASP H 17 -20.80 32.30 -10.08
N ARG H 18 -20.16 31.60 -11.00
CA ARG H 18 -20.59 30.26 -11.37
C ARG H 18 -19.95 29.25 -10.42
N VAL H 19 -20.75 28.25 -10.04
CA VAL H 19 -20.33 27.16 -9.16
C VAL H 19 -20.60 25.86 -9.90
N THR H 20 -19.66 24.92 -9.80
CA THR H 20 -19.87 23.55 -10.29
C THR H 20 -19.40 22.58 -9.22
N ILE H 21 -20.32 21.74 -8.74
CA ILE H 21 -19.99 20.62 -7.86
C ILE H 21 -19.99 19.35 -8.69
N THR H 22 -19.03 18.46 -8.44
CA THR H 22 -18.99 17.22 -9.19
C THR H 22 -19.20 16.04 -8.26
N CYS H 23 -19.74 14.96 -8.82
CA CYS H 23 -20.10 13.78 -8.08
C CYS H 23 -19.69 12.57 -8.88
N ARG H 24 -19.08 11.59 -8.23
CA ARG H 24 -18.62 10.42 -8.95
C ARG H 24 -19.18 9.16 -8.30
N SER H 25 -19.75 8.28 -9.12
CA SER H 25 -20.21 7.00 -8.64
C SER H 25 -19.14 5.96 -8.95
N SER H 26 -18.99 5.00 -8.05
CA SER H 26 -17.99 3.94 -8.21
C SER H 26 -18.32 3.02 -9.36
N GLN H 27 -19.57 3.04 -9.82
CA GLN H 27 -20.01 2.25 -10.96
C GLN H 27 -20.97 3.07 -11.80
N SER H 28 -21.06 2.70 -13.07
CA SER H 28 -21.88 3.44 -14.02
C SER H 28 -23.37 3.25 -13.71
N LEU H 29 -24.11 4.37 -13.65
CA LEU H 29 -25.53 4.30 -13.35
C LEU H 29 -26.41 4.01 -14.57
N LEU H 30 -26.02 4.48 -15.75
CA LEU H 30 -26.92 4.41 -16.92
C LEU H 30 -27.38 2.97 -17.16
N HIS H 31 -28.70 2.76 -17.22
CA HIS H 31 -29.27 1.44 -17.45
C HIS H 31 -30.15 1.45 -18.71
N THR H 32 -29.48 1.41 -19.87
CA THR H 32 -30.06 1.18 -21.19
C THR H 32 -31.02 2.27 -21.66
N TYR H 33 -32.01 2.65 -20.85
CA TYR H 33 -33.06 3.55 -21.33
C TYR H 33 -33.34 4.64 -20.31
N GLY H 34 -33.23 5.90 -20.77
CA GLY H 34 -33.50 7.06 -19.94
C GLY H 34 -32.27 7.56 -19.19
N SER H 35 -32.45 8.69 -18.52
CA SER H 35 -31.37 9.19 -17.68
C SER H 35 -31.28 8.40 -16.39
N PRO H 36 -30.07 8.20 -15.87
CA PRO H 36 -29.89 7.51 -14.60
C PRO H 36 -30.63 8.18 -13.44
N TYR H 37 -30.86 7.40 -12.40
CA TYR H 37 -31.50 7.90 -11.17
C TYR H 37 -30.45 8.56 -10.28
N LEU H 38 -29.91 9.66 -10.83
CA LEU H 38 -28.91 10.51 -10.18
C LEU H 38 -29.60 11.78 -9.71
N ASN H 39 -29.55 12.05 -8.41
CA ASN H 39 -30.29 13.13 -7.80
C ASN H 39 -29.36 14.03 -7.00
N TRP H 40 -29.76 15.29 -6.86
CA TRP H 40 -29.08 16.26 -6.02
C TRP H 40 -30.04 16.84 -5.01
N TYR H 41 -29.56 17.01 -3.78
CA TYR H 41 -30.34 17.61 -2.71
C TYR H 41 -29.58 18.81 -2.14
N LEU H 42 -30.34 19.69 -1.50
CA LEU H 42 -29.82 20.86 -0.81
C LEU H 42 -30.30 20.80 0.63
N GLN H 43 -29.40 21.07 1.60
CA GLN H 43 -29.79 21.17 3.00
C GLN H 43 -29.32 22.49 3.61
N LYS H 44 -30.21 23.19 4.14
CA LYS H 44 -29.90 24.43 4.79
C LYS H 44 -29.84 24.24 6.31
N PRO H 45 -29.05 25.05 7.01
CA PRO H 45 -28.89 24.85 8.46
C PRO H 45 -30.23 24.79 9.19
N GLY H 46 -30.40 23.77 10.02
CA GLY H 46 -31.61 23.62 10.80
C GLY H 46 -32.81 23.14 10.01
N GLN H 47 -32.61 22.62 8.80
CA GLN H 47 -33.65 22.35 7.82
C GLN H 47 -33.49 20.94 7.28
N SER H 48 -34.62 20.30 6.94
CA SER H 48 -34.56 19.02 6.27
C SER H 48 -34.01 19.22 4.86
N PRO H 49 -33.34 18.21 4.30
CA PRO H 49 -32.86 18.32 2.91
C PRO H 49 -34.03 18.42 1.95
N LYS H 50 -33.73 18.87 0.74
CA LYS H 50 -34.74 19.10 -0.27
C LYS H 50 -34.26 18.58 -1.62
N LEU H 51 -35.16 17.95 -2.36
CA LEU H 51 -34.81 17.49 -3.69
C LEU H 51 -34.62 18.69 -4.59
N LEU H 52 -33.47 18.76 -5.22
CA LEU H 52 -33.13 19.88 -6.08
C LEU H 52 -33.16 19.50 -7.55
N ILE H 53 -32.46 18.44 -7.92
CA ILE H 53 -32.38 17.91 -9.28
C ILE H 53 -32.65 16.41 -9.22
N TYR H 54 -33.45 15.92 -10.15
CA TYR H 54 -33.69 14.49 -10.27
C TYR H 54 -33.45 14.03 -11.70
N LYS H 55 -33.01 12.78 -11.82
CA LYS H 55 -32.70 12.14 -13.11
C LYS H 55 -31.71 13.01 -13.88
N VAL H 56 -30.60 13.31 -13.20
CA VAL H 56 -29.45 14.03 -13.73
C VAL H 56 -29.71 15.52 -14.00
N SER H 57 -30.78 15.87 -14.75
CA SER H 57 -30.91 17.26 -15.21
C SER H 57 -32.25 17.94 -15.01
N ASN H 58 -33.25 17.31 -14.40
CA ASN H 58 -34.55 17.95 -14.23
C ASN H 58 -34.63 18.67 -12.89
N ARG H 59 -34.99 19.95 -12.93
CA ARG H 59 -35.19 20.71 -11.71
C ARG H 59 -36.50 20.29 -11.06
N PHE H 60 -36.45 19.95 -9.78
CA PHE H 60 -37.67 19.72 -9.02
C PHE H 60 -38.46 21.02 -8.91
N SER H 61 -39.71 20.92 -8.46
CA SER H 61 -40.58 22.10 -8.47
C SER H 61 -40.03 23.20 -7.57
N GLY H 62 -40.23 24.45 -8.00
CA GLY H 62 -39.81 25.61 -7.25
C GLY H 62 -38.31 25.86 -7.22
N VAL H 63 -37.53 25.16 -8.03
CA VAL H 63 -36.07 25.29 -8.04
C VAL H 63 -35.68 26.27 -9.14
N PRO H 64 -34.90 27.31 -8.84
CA PRO H 64 -34.65 28.36 -9.82
C PRO H 64 -33.78 27.88 -10.98
N SER H 65 -33.85 28.62 -12.08
CA SER H 65 -33.25 28.19 -13.33
C SER H 65 -31.72 28.21 -13.30
N ARG H 66 -31.11 28.95 -12.38
CA ARG H 66 -29.64 28.95 -12.30
C ARG H 66 -29.10 27.62 -11.80
N PHE H 67 -29.96 26.70 -11.38
CA PHE H 67 -29.55 25.35 -10.99
C PHE H 67 -29.68 24.43 -12.20
N SER H 68 -28.62 23.69 -12.50
CA SER H 68 -28.66 22.71 -13.57
C SER H 68 -27.74 21.55 -13.24
N GLY H 69 -28.17 20.35 -13.62
CA GLY H 69 -27.38 19.14 -13.49
C GLY H 69 -27.02 18.59 -14.86
N SER H 70 -25.82 18.03 -14.96
CA SER H 70 -25.41 17.37 -16.18
C SER H 70 -24.54 16.17 -15.82
N GLY H 71 -24.17 15.43 -16.85
CA GLY H 71 -23.25 14.33 -16.75
C GLY H 71 -23.87 13.06 -17.27
N SER H 72 -23.10 11.99 -17.17
CA SER H 72 -23.54 10.67 -17.59
C SER H 72 -22.53 9.66 -17.07
N GLY H 73 -22.89 8.39 -17.16
CA GLY H 73 -22.05 7.30 -16.69
C GLY H 73 -21.77 7.32 -15.21
N THR H 74 -20.55 7.71 -14.84
CA THR H 74 -20.18 7.84 -13.43
C THR H 74 -20.03 9.28 -13.00
N ASP H 75 -20.01 10.23 -13.93
CA ASP H 75 -19.54 11.57 -13.64
C ASP H 75 -20.66 12.57 -13.80
N PHE H 76 -20.98 13.28 -12.72
CA PHE H 76 -22.10 14.19 -12.71
C PHE H 76 -21.69 15.54 -12.14
N THR H 77 -22.44 16.55 -12.56
CA THR H 77 -22.14 17.94 -12.27
C THR H 77 -23.41 18.66 -11.84
N LEU H 78 -23.28 19.49 -10.81
CA LEU H 78 -24.30 20.44 -10.42
C LEU H 78 -23.71 21.82 -10.62
N THR H 79 -24.39 22.65 -11.39
CA THR H 79 -23.93 23.98 -11.68
C THR H 79 -24.94 24.97 -11.13
N ILE H 80 -24.43 25.97 -10.40
CA ILE H 80 -25.18 27.15 -10.00
C ILE H 80 -24.64 28.29 -10.86
N SER H 81 -25.40 28.67 -11.89
CA SER H 81 -24.84 29.60 -12.89
C SER H 81 -24.58 30.99 -12.32
N SER H 82 -25.13 31.34 -11.15
CA SER H 82 -24.97 32.68 -10.59
C SER H 82 -25.32 32.62 -9.09
N LEU H 83 -24.30 32.55 -8.24
CA LEU H 83 -24.51 32.28 -6.82
C LEU H 83 -25.25 33.43 -6.16
N GLN H 84 -26.31 33.10 -5.42
CA GLN H 84 -27.06 34.04 -4.59
C GLN H 84 -26.77 33.80 -3.10
N PRO H 85 -26.95 34.81 -2.24
CA PRO H 85 -26.61 34.62 -0.82
C PRO H 85 -27.48 33.58 -0.12
N GLU H 86 -28.73 33.40 -0.52
CA GLU H 86 -29.58 32.36 0.07
C GLU H 86 -29.13 30.95 -0.30
N ASP H 87 -28.24 30.80 -1.28
CA ASP H 87 -27.82 29.48 -1.75
C ASP H 87 -26.84 28.80 -0.83
N PHE H 88 -26.39 29.46 0.24
CA PHE H 88 -25.58 28.83 1.26
C PHE H 88 -26.20 27.53 1.77
N ALA H 89 -25.57 26.40 1.51
CA ALA H 89 -26.13 25.11 1.91
C ALA H 89 -25.06 24.05 1.74
N VAL H 90 -25.41 22.83 2.10
CA VAL H 90 -24.70 21.63 1.70
C VAL H 90 -25.49 20.96 0.60
N TYR H 91 -24.78 20.56 -0.47
CA TYR H 91 -25.35 19.99 -1.66
C TYR H 91 -24.92 18.53 -1.74
N PHE H 92 -25.88 17.64 -1.80
CA PHE H 92 -25.63 16.21 -1.78
C PHE H 92 -25.98 15.59 -3.12
N CYS H 93 -25.12 14.70 -3.60
CA CYS H 93 -25.52 13.83 -4.70
C CYS H 93 -25.93 12.46 -4.16
N SER H 94 -26.64 11.71 -5.00
CA SER H 94 -27.30 10.51 -4.53
C SER H 94 -27.81 9.71 -5.73
N GLN H 95 -27.76 8.38 -5.60
CA GLN H 95 -28.23 7.45 -6.62
C GLN H 95 -29.48 6.73 -6.13
N GLY H 96 -30.45 6.57 -7.01
CA GLY H 96 -31.54 5.67 -6.77
C GLY H 96 -31.47 4.49 -7.71
N THR H 97 -30.25 4.20 -8.21
CA THR H 97 -30.08 3.13 -9.19
C THR H 97 -30.16 1.75 -8.54
N HIS H 98 -29.72 1.63 -7.28
CA HIS H 98 -29.63 0.31 -6.70
C HIS H 98 -29.55 0.42 -5.18
N LEU H 99 -30.23 -0.50 -4.48
CA LEU H 99 -30.11 -0.63 -3.03
C LEU H 99 -28.72 -1.15 -2.68
N PRO H 100 -28.10 -0.64 -1.60
CA PRO H 100 -28.60 0.45 -0.74
C PRO H 100 -28.51 1.79 -1.44
N TYR H 101 -29.48 2.69 -1.25
CA TYR H 101 -29.32 4.02 -1.80
C TYR H 101 -28.21 4.72 -1.03
N THR H 102 -27.42 5.50 -1.75
CA THR H 102 -26.26 6.12 -1.18
C THR H 102 -26.26 7.60 -1.52
N PHE H 103 -25.65 8.37 -0.63
CA PHE H 103 -25.43 9.79 -0.78
C PHE H 103 -23.93 10.06 -0.83
N GLY H 104 -23.56 11.19 -1.43
CA GLY H 104 -22.20 11.65 -1.28
C GLY H 104 -21.99 12.28 0.08
N GLY H 105 -20.73 12.58 0.37
CA GLY H 105 -20.41 13.28 1.61
C GLY H 105 -20.93 14.71 1.68
N GLY H 106 -21.40 15.28 0.57
CA GLY H 106 -21.86 16.65 0.62
C GLY H 106 -20.74 17.63 0.28
N THR H 107 -21.14 18.77 -0.27
CA THR H 107 -20.25 19.90 -0.55
C THR H 107 -20.86 21.14 0.08
N LYS H 108 -20.11 21.79 0.95
CA LYS H 108 -20.57 23.03 1.58
C LYS H 108 -20.25 24.20 0.67
N VAL H 109 -21.28 24.96 0.30
CA VAL H 109 -21.14 26.12 -0.55
C VAL H 109 -21.24 27.35 0.37
N GLU H 110 -20.11 27.99 0.64
CA GLU H 110 -20.06 29.19 1.44
C GLU H 110 -19.91 30.43 0.56
N ILE H 111 -20.36 31.57 1.07
CA ILE H 111 -20.33 32.84 0.32
C ILE H 111 -19.13 33.65 0.79
N LYS H 112 -18.51 34.37 -0.14
CA LYS H 112 -17.46 35.33 0.15
C LYS H 112 -18.06 36.73 0.12
N ARG H 113 -17.73 37.53 1.13
CA ARG H 113 -18.23 38.90 1.24
C ARG H 113 -17.12 39.77 1.80
N THR H 114 -17.34 41.09 1.80
CA THR H 114 -16.33 42.00 2.30
C THR H 114 -16.06 41.75 3.79
N VAL H 115 -14.88 42.17 4.24
CA VAL H 115 -14.48 41.96 5.63
C VAL H 115 -15.41 42.74 6.53
N ALA H 116 -16.09 42.05 7.46
CA ALA H 116 -17.10 42.64 8.33
C ALA H 116 -16.62 42.57 9.77
N ALA H 117 -16.43 43.73 10.39
CA ALA H 117 -15.91 43.76 11.74
C ALA H 117 -16.97 43.35 12.76
N PRO H 118 -16.58 42.69 13.84
CA PRO H 118 -17.56 42.19 14.81
C PRO H 118 -17.90 43.19 15.90
N SER H 119 -19.17 43.54 16.04
CA SER H 119 -19.61 44.35 17.18
C SER H 119 -19.69 43.44 18.40
N VAL H 120 -18.92 43.79 19.44
CA VAL H 120 -18.68 42.92 20.59
C VAL H 120 -19.52 43.40 21.76
N PHE H 121 -20.20 42.46 22.42
CA PHE H 121 -21.06 42.77 23.55
C PHE H 121 -20.72 41.84 24.71
N ILE H 122 -21.11 42.26 25.91
CA ILE H 122 -20.80 41.53 27.13
C ILE H 122 -22.00 41.60 28.09
N PHE H 123 -22.23 40.49 28.79
CA PHE H 123 -23.34 40.36 29.74
C PHE H 123 -22.78 39.68 30.99
N PRO H 124 -22.91 40.28 32.16
CA PRO H 124 -22.59 39.55 33.41
C PRO H 124 -23.71 38.61 33.81
N PRO H 125 -23.44 37.64 34.69
CA PRO H 125 -24.50 36.70 35.09
C PRO H 125 -25.67 37.40 35.75
N SER H 126 -26.84 36.78 35.63
CA SER H 126 -28.07 37.35 36.14
C SER H 126 -28.14 37.23 37.67
N ASP H 127 -29.08 37.95 38.26
CA ASP H 127 -29.33 37.81 39.69
C ASP H 127 -29.89 36.42 40.00
N GLU H 128 -30.76 35.90 39.12
CA GLU H 128 -31.21 34.52 39.26
C GLU H 128 -30.02 33.57 39.25
N GLN H 129 -29.07 33.82 38.35
CA GLN H 129 -27.98 32.88 38.13
C GLN H 129 -27.18 32.62 39.39
N LEU H 130 -26.86 33.66 40.13
CA LEU H 130 -25.93 33.50 41.24
C LEU H 130 -26.56 32.85 42.47
N LYS H 131 -27.87 32.65 42.49
CA LYS H 131 -28.48 31.89 43.58
C LYS H 131 -28.24 30.39 43.47
N SER H 132 -27.86 29.90 42.28
CA SER H 132 -27.63 28.47 42.06
C SER H 132 -26.19 28.06 42.30
N GLY H 133 -25.31 28.99 42.68
CA GLY H 133 -23.93 28.67 43.01
C GLY H 133 -22.94 28.78 41.87
N THR H 134 -23.41 28.88 40.63
CA THR H 134 -22.55 28.97 39.47
C THR H 134 -22.64 30.34 38.82
N ALA H 135 -21.72 30.60 37.89
CA ALA H 135 -21.68 31.87 37.17
C ALA H 135 -21.10 31.65 35.79
N SER H 136 -21.74 32.25 34.79
CA SER H 136 -21.21 32.27 33.43
C SER H 136 -21.38 33.65 32.85
N VAL H 137 -20.29 34.22 32.36
CA VAL H 137 -20.30 35.48 31.65
C VAL H 137 -20.19 35.18 30.16
N VAL H 138 -21.00 35.87 29.36
CA VAL H 138 -21.09 35.60 27.93
C VAL H 138 -20.54 36.79 27.16
N CYS H 139 -19.75 36.49 26.13
CA CYS H 139 -19.13 37.49 25.26
C CYS H 139 -19.64 37.25 23.84
N LEU H 140 -20.31 38.26 23.28
CA LEU H 140 -21.05 38.11 22.04
C LEU H 140 -20.37 38.90 20.93
N LEU H 141 -19.84 38.19 19.95
CA LEU H 141 -19.38 38.76 18.69
C LEU H 141 -20.51 38.65 17.69
N ASN H 142 -20.87 39.76 17.06
CA ASN H 142 -22.10 39.82 16.28
C ASN H 142 -21.84 40.28 14.85
N ASN H 143 -22.22 39.45 13.88
CA ASN H 143 -22.31 39.82 12.47
C ASN H 143 -20.95 40.21 11.89
N PHE H 144 -20.03 39.26 11.91
CA PHE H 144 -18.69 39.48 11.38
C PHE H 144 -18.43 38.54 10.21
N TYR H 145 -17.30 38.79 9.54
CA TYR H 145 -16.76 37.96 8.47
C TYR H 145 -15.28 38.25 8.30
N PRO H 146 -14.43 37.23 8.16
CA PRO H 146 -14.72 35.78 8.09
C PRO H 146 -14.93 35.12 9.45
N ARG H 147 -14.93 33.78 9.48
CA ARG H 147 -15.18 33.04 10.72
C ARG H 147 -14.01 33.11 11.69
N GLU H 148 -12.78 33.21 11.18
CA GLU H 148 -11.61 33.25 12.03
C GLU H 148 -11.67 34.43 13.00
N ALA H 149 -11.63 34.12 14.29
CA ALA H 149 -11.67 35.13 15.34
C ALA H 149 -11.19 34.50 16.64
N LYS H 150 -10.44 35.26 17.44
CA LYS H 150 -9.90 34.79 18.70
C LYS H 150 -10.53 35.58 19.84
N VAL H 151 -11.09 34.86 20.81
CA VAL H 151 -11.74 35.49 21.95
C VAL H 151 -11.01 34.98 23.19
N GLN H 152 -10.01 35.75 23.64
CA GLN H 152 -9.25 35.43 24.83
C GLN H 152 -9.87 36.12 26.04
N TRP H 153 -10.04 35.36 27.12
CA TRP H 153 -10.66 35.85 28.35
C TRP H 153 -9.59 36.34 29.31
N LYS H 154 -9.97 37.26 30.20
CA LYS H 154 -8.98 37.96 31.01
C LYS H 154 -9.70 38.51 32.26
N VAL H 155 -9.35 37.99 33.44
CA VAL H 155 -9.94 38.42 34.71
C VAL H 155 -8.81 38.95 35.59
N ASP H 156 -8.92 40.23 35.97
CA ASP H 156 -7.84 40.92 36.69
C ASP H 156 -6.53 40.87 35.91
N ASN H 157 -6.64 40.96 34.58
CA ASN H 157 -5.53 40.95 33.63
C ASN H 157 -4.88 39.58 33.48
N ALA H 158 -5.49 38.53 34.01
CA ALA H 158 -4.96 37.17 33.93
C ALA H 158 -5.67 36.40 32.82
N LEU H 159 -4.88 35.76 31.94
CA LEU H 159 -5.43 35.11 30.78
C LEU H 159 -6.12 33.79 31.14
N GLN H 160 -6.96 33.31 30.23
CA GLN H 160 -7.70 32.07 30.41
C GLN H 160 -7.06 30.94 29.63
N SER H 161 -7.26 29.71 30.14
CA SER H 161 -6.64 28.51 29.57
C SER H 161 -7.68 27.54 29.02
N GLY H 162 -8.53 26.98 29.87
CA GLY H 162 -9.56 26.07 29.40
C GLY H 162 -10.90 26.27 30.08
N ASN H 163 -11.10 27.48 30.64
CA ASN H 163 -12.28 27.80 31.44
C ASN H 163 -13.49 28.26 30.62
N SER H 164 -13.34 28.42 29.30
CA SER H 164 -14.43 28.90 28.45
C SER H 164 -14.75 27.88 27.37
N GLN H 165 -15.79 28.20 26.59
CA GLN H 165 -16.27 27.36 25.49
C GLN H 165 -16.96 28.25 24.47
N GLU H 166 -16.71 27.98 23.19
CA GLU H 166 -17.16 28.84 22.09
C GLU H 166 -18.26 28.16 21.29
N SER H 167 -18.91 28.98 20.44
CA SER H 167 -19.99 28.51 19.59
C SER H 167 -20.32 29.56 18.51
N VAL H 168 -20.35 29.13 17.25
CA VAL H 168 -20.55 30.04 16.11
C VAL H 168 -21.81 29.64 15.36
N THR H 169 -22.42 30.63 14.70
CA THR H 169 -23.60 30.40 13.88
C THR H 169 -23.19 29.96 12.47
N GLU H 170 -24.14 29.39 11.76
CA GLU H 170 -23.91 29.17 10.34
C GLU H 170 -24.05 30.48 9.57
N GLN H 171 -23.42 30.51 8.39
CA GLN H 171 -23.42 31.71 7.56
C GLN H 171 -24.85 32.18 7.30
N ASP H 172 -25.07 33.49 7.44
CA ASP H 172 -26.41 34.03 7.29
C ASP H 172 -26.83 34.02 5.82
N SER H 173 -28.13 33.86 5.60
CA SER H 173 -28.70 33.66 4.28
C SER H 173 -29.05 34.96 3.57
N LYS H 174 -28.83 36.11 4.22
CA LYS H 174 -28.97 37.41 3.56
C LYS H 174 -27.63 38.13 3.54
N ASP H 175 -27.09 38.54 4.70
CA ASP H 175 -25.87 39.33 4.73
C ASP H 175 -24.60 38.47 4.77
N SER H 176 -24.71 37.18 5.04
CA SER H 176 -23.59 36.23 4.97
C SER H 176 -22.58 36.42 6.10
N THR H 177 -23.02 36.89 7.28
CA THR H 177 -22.12 37.05 8.41
C THR H 177 -22.22 35.86 9.37
N TYR H 178 -21.24 35.77 10.26
CA TYR H 178 -21.22 34.82 11.36
C TYR H 178 -21.45 35.57 12.66
N SER H 179 -21.81 34.81 13.69
CA SER H 179 -21.89 35.32 15.06
C SER H 179 -21.33 34.27 15.99
N LEU H 180 -20.68 34.73 17.07
CA LEU H 180 -20.00 33.85 18.00
C LEU H 180 -20.43 34.16 19.43
N SER H 181 -20.45 33.11 20.25
CA SER H 181 -20.86 33.20 21.66
C SER H 181 -19.83 32.42 22.48
N SER H 182 -18.95 33.15 23.17
CA SER H 182 -17.97 32.57 24.08
C SER H 182 -18.44 32.76 25.52
N THR H 183 -18.27 31.72 26.32
CA THR H 183 -18.80 31.72 27.69
C THR H 183 -17.74 31.18 28.64
N LEU H 184 -17.29 32.03 29.56
CA LEU H 184 -16.47 31.59 30.68
C LEU H 184 -17.32 30.86 31.70
N THR H 185 -16.83 29.73 32.19
CA THR H 185 -17.46 28.99 33.28
C THR H 185 -16.65 29.20 34.56
N LEU H 186 -17.32 29.68 35.61
CA LEU H 186 -16.67 29.93 36.89
C LEU H 186 -17.67 29.77 38.02
N SER H 187 -17.19 29.28 39.16
CA SER H 187 -18.05 29.17 40.32
C SER H 187 -18.37 30.55 40.89
N LYS H 188 -19.25 30.57 41.89
CA LYS H 188 -19.58 31.84 42.54
C LYS H 188 -18.42 32.36 43.37
N ALA H 189 -17.63 31.45 43.98
CA ALA H 189 -16.51 31.87 44.80
C ALA H 189 -15.46 32.60 43.97
N ASP H 190 -15.15 32.08 42.79
CA ASP H 190 -14.21 32.76 41.90
C ASP H 190 -14.77 34.07 41.37
N TYR H 191 -16.09 34.14 41.17
CA TYR H 191 -16.67 35.30 40.51
C TYR H 191 -16.78 36.49 41.46
N GLU H 192 -17.10 36.23 42.73
CA GLU H 192 -17.21 37.29 43.72
C GLU H 192 -15.88 37.59 44.41
N LYS H 193 -14.84 36.80 44.15
CA LYS H 193 -13.51 37.18 44.62
C LYS H 193 -12.89 38.24 43.72
N HIS H 194 -13.15 38.18 42.41
CA HIS H 194 -12.58 39.10 41.44
C HIS H 194 -13.59 40.18 41.04
N LYS H 195 -13.08 41.21 40.36
CA LYS H 195 -13.84 42.43 40.11
C LYS H 195 -14.01 42.73 38.62
N VAL H 196 -12.92 42.87 37.86
CA VAL H 196 -12.98 43.29 36.46
C VAL H 196 -12.66 42.09 35.57
N TYR H 197 -13.52 41.84 34.59
CA TYR H 197 -13.39 40.71 33.68
C TYR H 197 -13.67 41.18 32.27
N ALA H 198 -12.79 40.83 31.34
CA ALA H 198 -12.90 41.31 29.97
C ALA H 198 -12.62 40.18 28.99
N CYS H 199 -13.22 40.29 27.80
CA CYS H 199 -12.88 39.44 26.67
C CYS H 199 -12.24 40.30 25.59
N GLU H 200 -10.98 40.00 25.25
CA GLU H 200 -10.28 40.66 24.15
C GLU H 200 -10.47 39.81 22.90
N VAL H 201 -11.23 40.33 21.93
CA VAL H 201 -11.46 39.67 20.65
C VAL H 201 -10.56 40.32 19.61
N THR H 202 -9.99 39.50 18.73
CA THR H 202 -9.12 40.02 17.65
C THR H 202 -9.63 39.46 16.31
N HIS H 203 -9.84 40.34 15.33
CA HIS H 203 -10.38 39.90 14.01
C HIS H 203 -9.71 40.71 12.90
N GLN H 204 -9.85 40.27 11.65
CA GLN H 204 -9.27 41.01 10.50
C GLN H 204 -9.90 42.39 10.43
N GLY H 205 -11.22 42.49 10.69
CA GLY H 205 -11.92 43.78 10.62
C GLY H 205 -11.37 44.79 11.60
N LEU H 206 -11.07 44.36 12.82
CA LEU H 206 -10.56 45.28 13.86
C LEU H 206 -9.08 45.60 13.58
N SER H 207 -8.73 46.89 13.55
CA SER H 207 -7.31 47.28 13.36
C SER H 207 -6.48 46.79 14.56
N SER H 208 -7.03 46.93 15.76
CA SER H 208 -6.32 46.52 17.01
C SER H 208 -7.30 45.71 17.86
N PRO H 209 -6.84 44.81 18.76
CA PRO H 209 -7.78 43.97 19.52
C PRO H 209 -8.78 44.81 20.31
N VAL H 210 -10.05 44.42 20.28
CA VAL H 210 -11.12 45.20 20.97
C VAL H 210 -11.49 44.46 22.26
N THR H 211 -11.50 45.18 23.39
CA THR H 211 -11.78 44.54 24.70
C THR H 211 -13.11 45.05 25.25
N LYS H 212 -14.02 44.14 25.63
CA LYS H 212 -15.28 44.56 26.27
C LYS H 212 -15.17 44.15 27.74
N SER H 213 -15.35 45.10 28.66
CA SER H 213 -15.11 44.78 30.10
C SER H 213 -16.30 45.11 30.97
N PHE H 214 -16.40 44.44 32.14
CA PHE H 214 -17.47 44.74 33.11
C PHE H 214 -16.86 44.70 34.51
N ASN H 215 -17.45 45.42 35.47
CA ASN H 215 -16.98 45.34 36.88
C ASN H 215 -18.10 44.72 37.71
N ARG H 216 -17.80 43.75 38.56
CA ARG H 216 -18.87 43.03 39.30
C ARG H 216 -19.65 44.03 40.17
N GLY H 217 -20.98 43.93 40.16
CA GLY H 217 -21.81 44.87 40.94
C GLY H 217 -21.88 46.23 40.26
C1 PEG I . 28.23 -58.35 -5.16
O1 PEG I . 27.18 -58.76 -6.06
C2 PEG I . 28.23 -56.86 -4.91
O2 PEG I . 29.57 -56.39 -4.68
C3 PEG I . 30.27 -56.01 -5.87
C4 PEG I . 31.38 -55.05 -5.56
O4 PEG I . 31.33 -53.85 -6.35
S SO4 J . 38.78 -44.56 -19.24
O1 SO4 J . 38.94 -46.03 -19.21
O2 SO4 J . 37.36 -44.25 -19.57
O3 SO4 J . 39.69 -44.02 -20.29
O4 SO4 J . 39.18 -44.03 -17.91
S SO4 K . 35.64 -49.27 -23.04
O1 SO4 K . 36.19 -50.63 -23.11
O2 SO4 K . 35.26 -48.84 -24.38
O3 SO4 K . 34.50 -49.26 -22.10
O4 SO4 K . 36.67 -48.35 -22.53
S SO4 L . 15.23 -40.99 -15.53
O1 SO4 L . 15.27 -42.47 -15.63
O2 SO4 L . 13.91 -40.53 -16.02
O3 SO4 L . 16.28 -40.42 -16.38
O4 SO4 L . 15.42 -40.50 -14.16
MG MG M . 17.91 -52.25 24.77
C1 PEG N . -11.15 -27.38 -34.53
O1 PEG N . -9.80 -27.86 -34.65
C2 PEG N . -11.49 -27.02 -33.12
O2 PEG N . -12.81 -26.46 -33.06
C3 PEG N . -13.62 -26.95 -31.98
C4 PEG N . -14.90 -27.53 -32.53
O4 PEG N . -16.02 -26.66 -32.34
S SO4 O . -20.58 -13.01 -35.69
O1 SO4 O . -20.94 -14.41 -36.02
O2 SO4 O . -19.60 -12.45 -36.65
O3 SO4 O . -21.79 -12.18 -35.73
O4 SO4 O . -19.98 -12.93 -34.37
C1 PEG P . -6.95 -29.76 -26.61
O1 PEG P . -6.50 -28.39 -26.69
C2 PEG P . -7.52 -30.14 -25.27
O2 PEG P . -8.95 -30.25 -25.32
C3 PEG P . -9.47 -31.58 -25.20
C4 PEG P . -10.75 -31.72 -25.98
O4 PEG P . -10.74 -32.82 -26.90
C1 PEG Q . -2.14 22.45 -38.04
O1 PEG Q . -2.46 22.34 -36.66
C2 PEG Q . -1.24 23.62 -38.35
O2 PEG Q . -0.01 23.17 -38.94
C3 PEG Q . -0.04 23.16 -40.35
C4 PEG Q . 1.16 22.44 -40.90
O4 PEG Q . 0.90 21.90 -42.18
S SO4 R . 5.69 3.01 -28.43
O1 SO4 R . 4.70 2.16 -29.09
O2 SO4 R . 6.85 2.19 -28.01
O3 SO4 R . 5.08 3.64 -27.27
O4 SO4 R . 6.13 4.07 -29.34
C1 PEG S . -43.61 11.69 -5.72
O1 PEG S . -43.96 11.58 -4.34
C2 PEG S . -42.80 12.92 -6.01
O2 PEG S . -42.23 12.83 -7.31
C3 PEG S . -41.26 13.83 -7.58
C4 PEG S . -39.90 13.22 -7.83
O4 PEG S . -39.56 13.13 -9.21
C1 PEG T . -42.84 3.22 -7.42
O1 PEG T . -43.90 3.65 -8.27
C2 PEG T . -41.52 3.65 -7.97
O2 PEG T . -40.64 4.06 -6.91
C3 PEG T . -39.29 4.28 -7.36
C4 PEG T . -38.87 3.23 -8.36
O4 PEG T . -37.49 2.84 -8.22
S SO4 U . -32.96 -6.29 2.50
O1 SO4 U . -31.81 -7.08 2.92
O2 SO4 U . -33.94 -7.12 1.75
O3 SO4 U . -32.47 -5.26 1.57
O4 SO4 U . -33.56 -5.65 3.65
#